data_3BR8
# 
_entry.id   3BR8 
# 
_audit_conform.dict_name       mmcif_pdbx.dic 
_audit_conform.dict_version    5.388 
_audit_conform.dict_location   http://mmcif.pdb.org/dictionaries/ascii/mmcif_pdbx.dic 
# 
loop_
_database_2.database_id 
_database_2.database_code 
_database_2.pdbx_database_accession 
_database_2.pdbx_DOI 
PDB   3BR8         pdb_00003br8 10.2210/pdb3br8/pdb 
RCSB  RCSB045867   ?            ?                   
WWPDB D_1000045867 ?            ?                   
# 
loop_
_pdbx_audit_revision_history.ordinal 
_pdbx_audit_revision_history.data_content_type 
_pdbx_audit_revision_history.major_revision 
_pdbx_audit_revision_history.minor_revision 
_pdbx_audit_revision_history.revision_date 
1 'Structure model' 1 0 2008-06-24 
2 'Structure model' 1 1 2011-07-13 
3 'Structure model' 1 2 2017-10-25 
4 'Structure model' 1 3 2024-03-13 
# 
_pdbx_audit_revision_details.ordinal             1 
_pdbx_audit_revision_details.revision_ordinal    1 
_pdbx_audit_revision_details.data_content_type   'Structure model' 
_pdbx_audit_revision_details.provider            repository 
_pdbx_audit_revision_details.type                'Initial release' 
_pdbx_audit_revision_details.description         ? 
_pdbx_audit_revision_details.details             ? 
# 
loop_
_pdbx_audit_revision_group.ordinal 
_pdbx_audit_revision_group.revision_ordinal 
_pdbx_audit_revision_group.data_content_type 
_pdbx_audit_revision_group.group 
1 2 'Structure model' 'Non-polymer description'   
2 2 'Structure model' 'Version format compliance' 
3 3 'Structure model' 'Refinement description'    
4 4 'Structure model' 'Data collection'           
5 4 'Structure model' 'Database references'       
6 4 'Structure model' 'Derived calculations'      
# 
loop_
_pdbx_audit_revision_category.ordinal 
_pdbx_audit_revision_category.revision_ordinal 
_pdbx_audit_revision_category.data_content_type 
_pdbx_audit_revision_category.category 
1 3 'Structure model' software       
2 4 'Structure model' chem_comp_atom 
3 4 'Structure model' chem_comp_bond 
4 4 'Structure model' database_2     
5 4 'Structure model' struct_site    
# 
loop_
_pdbx_audit_revision_item.ordinal 
_pdbx_audit_revision_item.revision_ordinal 
_pdbx_audit_revision_item.data_content_type 
_pdbx_audit_revision_item.item 
1 4 'Structure model' '_database_2.pdbx_DOI'                
2 4 'Structure model' '_database_2.pdbx_database_accession' 
3 4 'Structure model' '_struct_site.pdbx_auth_asym_id'      
4 4 'Structure model' '_struct_site.pdbx_auth_comp_id'      
5 4 'Structure model' '_struct_site.pdbx_auth_seq_id'       
# 
_pdbx_database_status.entry_id                        3BR8 
_pdbx_database_status.deposit_site                    RCSB 
_pdbx_database_status.process_site                    PDBJ 
_pdbx_database_status.recvd_initial_deposition_date   2007-12-21 
_pdbx_database_status.status_code                     REL 
_pdbx_database_status.status_code_sf                  REL 
_pdbx_database_status.status_code_mr                  ? 
_pdbx_database_status.SG_entry                        ? 
_pdbx_database_status.pdb_format_compatible           Y 
_pdbx_database_status.status_code_cs                  ? 
_pdbx_database_status.methods_development_category    ? 
_pdbx_database_status.status_code_nmr_data            ? 
# 
loop_
_audit_author.name 
_audit_author.pdbx_ordinal 
'Li, D.'   1 
'Hu, J.C.' 2 
'Xia, B.'  3 
'Su, X.D.' 4 
# 
_citation.id                        primary 
_citation.title                     
'Conformational Transitions Revealed by Structures of Acylphosphatase from Bacillus subtilis in Different States' 
_citation.journal_abbrev            'to be published' 
_citation.journal_volume            ? 
_citation.page_first                ? 
_citation.page_last                 ? 
_citation.year                      ? 
_citation.journal_id_ASTM           ? 
_citation.country                   ? 
_citation.journal_id_ISSN           ? 
_citation.journal_id_CSD            0353 
_citation.book_publisher            ? 
_citation.pdbx_database_id_PubMed   ? 
_citation.pdbx_database_id_DOI      ? 
# 
loop_
_citation_author.citation_id 
_citation_author.name 
_citation_author.ordinal 
_citation_author.identifier_ORCID 
primary 'Hu, J.C.'  1 ? 
primary 'Li, D.'    2 ? 
primary 'Su, X.D.'  3 ? 
primary 'Jin, C.W.' 4 ? 
primary 'Xia, B.'   5 ? 
# 
loop_
_entity.id 
_entity.type 
_entity.src_method 
_entity.pdbx_description 
_entity.formula_weight 
_entity.pdbx_number_of_molecules 
_entity.pdbx_ec 
_entity.pdbx_mutation 
_entity.pdbx_fragment 
_entity.details 
1 polymer     man 'Probable acylphosphatase' 10332.688 1   3.6.1.7 ? ? ? 
2 non-polymer syn 'PHOSPHATE ION'            94.971    1   ?       ? ? ? 
3 non-polymer syn GLYCEROL                   92.094    1   ?       ? ? ? 
4 water       nat water                      18.015    105 ?       ? ? ? 
# 
_entity_name_com.entity_id   1 
_entity_name_com.name        'Acylphosphate phosphohydrolase, YflL' 
# 
_entity_poly.entity_id                      1 
_entity_poly.type                           'polypeptide(L)' 
_entity_poly.nstd_linkage                   no 
_entity_poly.nstd_monomer                   no 
_entity_poly.pdbx_seq_one_letter_code       
;MLQYRIIVDGRVQGVGFRYFVQMEADKRKLAGWVKNRDDGRVEILAEGPENALQSFVEAVKNGSPFSKVTDISVTESRSL
EGHHRFSIVYS
;
_entity_poly.pdbx_seq_one_letter_code_can   
;MLQYRIIVDGRVQGVGFRYFVQMEADKRKLAGWVKNRDDGRVEILAEGPENALQSFVEAVKNGSPFSKVTDISVTESRSL
EGHHRFSIVYS
;
_entity_poly.pdbx_strand_id                 A 
_entity_poly.pdbx_target_identifier         ? 
# 
loop_
_pdbx_entity_nonpoly.entity_id 
_pdbx_entity_nonpoly.name 
_pdbx_entity_nonpoly.comp_id 
2 'PHOSPHATE ION' PO4 
3 GLYCEROL        GOL 
4 water           HOH 
# 
loop_
_entity_poly_seq.entity_id 
_entity_poly_seq.num 
_entity_poly_seq.mon_id 
_entity_poly_seq.hetero 
1 1  MET n 
1 2  LEU n 
1 3  GLN n 
1 4  TYR n 
1 5  ARG n 
1 6  ILE n 
1 7  ILE n 
1 8  VAL n 
1 9  ASP n 
1 10 GLY n 
1 11 ARG n 
1 12 VAL n 
1 13 GLN n 
1 14 GLY n 
1 15 VAL n 
1 16 GLY n 
1 17 PHE n 
1 18 ARG n 
1 19 TYR n 
1 20 PHE n 
1 21 VAL n 
1 22 GLN n 
1 23 MET n 
1 24 GLU n 
1 25 ALA n 
1 26 ASP n 
1 27 LYS n 
1 28 ARG n 
1 29 LYS n 
1 30 LEU n 
1 31 ALA n 
1 32 GLY n 
1 33 TRP n 
1 34 VAL n 
1 35 LYS n 
1 36 ASN n 
1 37 ARG n 
1 38 ASP n 
1 39 ASP n 
1 40 GLY n 
1 41 ARG n 
1 42 VAL n 
1 43 GLU n 
1 44 ILE n 
1 45 LEU n 
1 46 ALA n 
1 47 GLU n 
1 48 GLY n 
1 49 PRO n 
1 50 GLU n 
1 51 ASN n 
1 52 ALA n 
1 53 LEU n 
1 54 GLN n 
1 55 SER n 
1 56 PHE n 
1 57 VAL n 
1 58 GLU n 
1 59 ALA n 
1 60 VAL n 
1 61 LYS n 
1 62 ASN n 
1 63 GLY n 
1 64 SER n 
1 65 PRO n 
1 66 PHE n 
1 67 SER n 
1 68 LYS n 
1 69 VAL n 
1 70 THR n 
1 71 ASP n 
1 72 ILE n 
1 73 SER n 
1 74 VAL n 
1 75 THR n 
1 76 GLU n 
1 77 SER n 
1 78 ARG n 
1 79 SER n 
1 80 LEU n 
1 81 GLU n 
1 82 GLY n 
1 83 HIS n 
1 84 HIS n 
1 85 ARG n 
1 86 PHE n 
1 87 SER n 
1 88 ILE n 
1 89 VAL n 
1 90 TYR n 
1 91 SER n 
# 
_entity_src_gen.entity_id                          1 
_entity_src_gen.pdbx_src_id                        1 
_entity_src_gen.pdbx_alt_source_flag               sample 
_entity_src_gen.pdbx_seq_type                      ? 
_entity_src_gen.pdbx_beg_seq_num                   ? 
_entity_src_gen.pdbx_end_seq_num                   ? 
_entity_src_gen.gene_src_common_name               ? 
_entity_src_gen.gene_src_genus                     ? 
_entity_src_gen.pdbx_gene_src_gene                 yflL 
_entity_src_gen.gene_src_species                   ? 
_entity_src_gen.gene_src_strain                    168 
_entity_src_gen.gene_src_tissue                    ? 
_entity_src_gen.gene_src_tissue_fraction           ? 
_entity_src_gen.gene_src_details                   ? 
_entity_src_gen.pdbx_gene_src_fragment             ? 
_entity_src_gen.pdbx_gene_src_scientific_name      'Bacillus subtilis' 
_entity_src_gen.pdbx_gene_src_ncbi_taxonomy_id     ? 
_entity_src_gen.pdbx_gene_src_variant              ? 
_entity_src_gen.pdbx_gene_src_cell_line            ? 
_entity_src_gen.pdbx_gene_src_atcc                 ? 
_entity_src_gen.pdbx_gene_src_organ                ? 
_entity_src_gen.pdbx_gene_src_organelle            ? 
_entity_src_gen.pdbx_gene_src_cell                 ? 
_entity_src_gen.pdbx_gene_src_cellular_location    ? 
_entity_src_gen.host_org_common_name               ? 
_entity_src_gen.pdbx_host_org_scientific_name      'Escherichia coli' 
_entity_src_gen.pdbx_host_org_ncbi_taxonomy_id     ? 
_entity_src_gen.host_org_genus                     ? 
_entity_src_gen.pdbx_host_org_gene                 ? 
_entity_src_gen.pdbx_host_org_organ                ? 
_entity_src_gen.host_org_species                   ? 
_entity_src_gen.pdbx_host_org_tissue               ? 
_entity_src_gen.pdbx_host_org_tissue_fraction      ? 
_entity_src_gen.pdbx_host_org_strain               'BL21(DE3)' 
_entity_src_gen.pdbx_host_org_variant              ? 
_entity_src_gen.pdbx_host_org_cell_line            ? 
_entity_src_gen.pdbx_host_org_atcc                 ? 
_entity_src_gen.pdbx_host_org_culture_collection   ? 
_entity_src_gen.pdbx_host_org_cell                 ? 
_entity_src_gen.pdbx_host_org_organelle            ? 
_entity_src_gen.pdbx_host_org_cellular_location    ? 
_entity_src_gen.pdbx_host_org_vector_type          plasmid 
_entity_src_gen.pdbx_host_org_vector               ? 
_entity_src_gen.host_org_details                   ? 
_entity_src_gen.expression_system_id               ? 
_entity_src_gen.plasmid_name                       pET-21a 
_entity_src_gen.plasmid_details                    ? 
_entity_src_gen.pdbx_description                   ? 
# 
loop_
_chem_comp.id 
_chem_comp.type 
_chem_comp.mon_nstd_flag 
_chem_comp.name 
_chem_comp.pdbx_synonyms 
_chem_comp.formula 
_chem_comp.formula_weight 
ALA 'L-peptide linking' y ALANINE         ?                               'C3 H7 N O2'     89.093  
ARG 'L-peptide linking' y ARGININE        ?                               'C6 H15 N4 O2 1' 175.209 
ASN 'L-peptide linking' y ASPARAGINE      ?                               'C4 H8 N2 O3'    132.118 
ASP 'L-peptide linking' y 'ASPARTIC ACID' ?                               'C4 H7 N O4'     133.103 
GLN 'L-peptide linking' y GLUTAMINE       ?                               'C5 H10 N2 O3'   146.144 
GLU 'L-peptide linking' y 'GLUTAMIC ACID' ?                               'C5 H9 N O4'     147.129 
GLY 'peptide linking'   y GLYCINE         ?                               'C2 H5 N O2'     75.067  
GOL non-polymer         . GLYCEROL        'GLYCERIN; PROPANE-1,2,3-TRIOL' 'C3 H8 O3'       92.094  
HIS 'L-peptide linking' y HISTIDINE       ?                               'C6 H10 N3 O2 1' 156.162 
HOH non-polymer         . WATER           ?                               'H2 O'           18.015  
ILE 'L-peptide linking' y ISOLEUCINE      ?                               'C6 H13 N O2'    131.173 
LEU 'L-peptide linking' y LEUCINE         ?                               'C6 H13 N O2'    131.173 
LYS 'L-peptide linking' y LYSINE          ?                               'C6 H15 N2 O2 1' 147.195 
MET 'L-peptide linking' y METHIONINE      ?                               'C5 H11 N O2 S'  149.211 
PHE 'L-peptide linking' y PHENYLALANINE   ?                               'C9 H11 N O2'    165.189 
PO4 non-polymer         . 'PHOSPHATE ION' ?                               'O4 P -3'        94.971  
PRO 'L-peptide linking' y PROLINE         ?                               'C5 H9 N O2'     115.130 
SER 'L-peptide linking' y SERINE          ?                               'C3 H7 N O3'     105.093 
THR 'L-peptide linking' y THREONINE       ?                               'C4 H9 N O3'     119.119 
TRP 'L-peptide linking' y TRYPTOPHAN      ?                               'C11 H12 N2 O2'  204.225 
TYR 'L-peptide linking' y TYROSINE        ?                               'C9 H11 N O3'    181.189 
VAL 'L-peptide linking' y VALINE          ?                               'C5 H11 N O2'    117.146 
# 
loop_
_pdbx_poly_seq_scheme.asym_id 
_pdbx_poly_seq_scheme.entity_id 
_pdbx_poly_seq_scheme.seq_id 
_pdbx_poly_seq_scheme.mon_id 
_pdbx_poly_seq_scheme.ndb_seq_num 
_pdbx_poly_seq_scheme.pdb_seq_num 
_pdbx_poly_seq_scheme.auth_seq_num 
_pdbx_poly_seq_scheme.pdb_mon_id 
_pdbx_poly_seq_scheme.auth_mon_id 
_pdbx_poly_seq_scheme.pdb_strand_id 
_pdbx_poly_seq_scheme.pdb_ins_code 
_pdbx_poly_seq_scheme.hetero 
A 1 1  MET 1  1  1  MET MET A . n 
A 1 2  LEU 2  2  2  LEU LEU A . n 
A 1 3  GLN 3  3  3  GLN GLN A . n 
A 1 4  TYR 4  4  4  TYR TYR A . n 
A 1 5  ARG 5  5  5  ARG ARG A . n 
A 1 6  ILE 6  6  6  ILE ILE A . n 
A 1 7  ILE 7  7  7  ILE ILE A . n 
A 1 8  VAL 8  8  8  VAL VAL A . n 
A 1 9  ASP 9  9  9  ASP ASP A . n 
A 1 10 GLY 10 10 10 GLY GLY A . n 
A 1 11 ARG 11 11 11 ARG ARG A . n 
A 1 12 VAL 12 12 12 VAL VAL A . n 
A 1 13 GLN 13 13 13 GLN GLN A . n 
A 1 14 GLY 14 14 14 GLY GLY A . n 
A 1 15 VAL 15 15 15 VAL VAL A . n 
A 1 16 GLY 16 16 16 GLY GLY A . n 
A 1 17 PHE 17 17 17 PHE PHE A . n 
A 1 18 ARG 18 18 18 ARG ARG A . n 
A 1 19 TYR 19 19 19 TYR TYR A . n 
A 1 20 PHE 20 20 20 PHE PHE A . n 
A 1 21 VAL 21 21 21 VAL VAL A . n 
A 1 22 GLN 22 22 22 GLN GLN A . n 
A 1 23 MET 23 23 23 MET MET A . n 
A 1 24 GLU 24 24 24 GLU GLU A . n 
A 1 25 ALA 25 25 25 ALA ALA A . n 
A 1 26 ASP 26 26 26 ASP ASP A . n 
A 1 27 LYS 27 27 27 LYS LYS A . n 
A 1 28 ARG 28 28 28 ARG ARG A . n 
A 1 29 LYS 29 29 29 LYS LYS A . n 
A 1 30 LEU 30 30 30 LEU LEU A . n 
A 1 31 ALA 31 31 31 ALA ALA A . n 
A 1 32 GLY 32 32 32 GLY GLY A . n 
A 1 33 TRP 33 33 33 TRP TRP A . n 
A 1 34 VAL 34 34 34 VAL VAL A . n 
A 1 35 LYS 35 35 35 LYS LYS A . n 
A 1 36 ASN 36 36 36 ASN ASN A . n 
A 1 37 ARG 37 37 37 ARG ARG A . n 
A 1 38 ASP 38 38 38 ASP ASP A . n 
A 1 39 ASP 39 39 39 ASP ASP A . n 
A 1 40 GLY 40 40 40 GLY GLY A . n 
A 1 41 ARG 41 41 41 ARG ARG A . n 
A 1 42 VAL 42 42 42 VAL VAL A . n 
A 1 43 GLU 43 43 43 GLU GLU A . n 
A 1 44 ILE 44 44 44 ILE ILE A . n 
A 1 45 LEU 45 45 45 LEU LEU A . n 
A 1 46 ALA 46 46 46 ALA ALA A . n 
A 1 47 GLU 47 47 47 GLU GLU A . n 
A 1 48 GLY 48 48 48 GLY GLY A . n 
A 1 49 PRO 49 49 49 PRO PRO A . n 
A 1 50 GLU 50 50 50 GLU GLU A . n 
A 1 51 ASN 51 51 51 ASN ASN A . n 
A 1 52 ALA 52 52 52 ALA ALA A . n 
A 1 53 LEU 53 53 53 LEU LEU A . n 
A 1 54 GLN 54 54 54 GLN GLN A . n 
A 1 55 SER 55 55 55 SER SER A . n 
A 1 56 PHE 56 56 56 PHE PHE A . n 
A 1 57 VAL 57 57 57 VAL VAL A . n 
A 1 58 GLU 58 58 58 GLU GLU A . n 
A 1 59 ALA 59 59 59 ALA ALA A . n 
A 1 60 VAL 60 60 60 VAL VAL A . n 
A 1 61 LYS 61 61 61 LYS LYS A . n 
A 1 62 ASN 62 62 62 ASN ASN A . n 
A 1 63 GLY 63 63 63 GLY GLY A . n 
A 1 64 SER 64 64 64 SER SER A . n 
A 1 65 PRO 65 65 65 PRO PRO A . n 
A 1 66 PHE 66 66 66 PHE PHE A . n 
A 1 67 SER 67 67 67 SER SER A . n 
A 1 68 LYS 68 68 68 LYS LYS A . n 
A 1 69 VAL 69 69 69 VAL VAL A . n 
A 1 70 THR 70 70 70 THR THR A . n 
A 1 71 ASP 71 71 71 ASP ASP A . n 
A 1 72 ILE 72 72 72 ILE ILE A . n 
A 1 73 SER 73 73 73 SER SER A . n 
A 1 74 VAL 74 74 74 VAL VAL A . n 
A 1 75 THR 75 75 75 THR THR A . n 
A 1 76 GLU 76 76 76 GLU GLU A . n 
A 1 77 SER 77 77 77 SER SER A . n 
A 1 78 ARG 78 78 78 ARG ARG A . n 
A 1 79 SER 79 79 79 SER SER A . n 
A 1 80 LEU 80 80 80 LEU LEU A . n 
A 1 81 GLU 81 81 81 GLU GLU A . n 
A 1 82 GLY 82 82 82 GLY GLY A . n 
A 1 83 HIS 83 83 83 HIS HIS A . n 
A 1 84 HIS 84 84 84 HIS HIS A . n 
A 1 85 ARG 85 85 85 ARG ARG A . n 
A 1 86 PHE 86 86 86 PHE PHE A . n 
A 1 87 SER 87 87 87 SER SER A . n 
A 1 88 ILE 88 88 88 ILE ILE A . n 
A 1 89 VAL 89 89 89 VAL VAL A . n 
A 1 90 TYR 90 90 90 TYR TYR A . n 
A 1 91 SER 91 91 ?  ?   ?   A . n 
# 
loop_
_pdbx_nonpoly_scheme.asym_id 
_pdbx_nonpoly_scheme.entity_id 
_pdbx_nonpoly_scheme.mon_id 
_pdbx_nonpoly_scheme.ndb_seq_num 
_pdbx_nonpoly_scheme.pdb_seq_num 
_pdbx_nonpoly_scheme.auth_seq_num 
_pdbx_nonpoly_scheme.pdb_mon_id 
_pdbx_nonpoly_scheme.auth_mon_id 
_pdbx_nonpoly_scheme.pdb_strand_id 
_pdbx_nonpoly_scheme.pdb_ins_code 
B 2 PO4 1   92  1   PO4 PO4 A . 
C 3 GOL 1   93  1   GOL GOL A . 
D 4 HOH 1   94  2   HOH HOH A . 
D 4 HOH 2   95  3   HOH HOH A . 
D 4 HOH 3   96  4   HOH HOH A . 
D 4 HOH 4   97  5   HOH HOH A . 
D 4 HOH 5   98  6   HOH HOH A . 
D 4 HOH 6   99  7   HOH HOH A . 
D 4 HOH 7   100 8   HOH HOH A . 
D 4 HOH 8   101 9   HOH HOH A . 
D 4 HOH 9   102 10  HOH HOH A . 
D 4 HOH 10  103 11  HOH HOH A . 
D 4 HOH 11  104 12  HOH HOH A . 
D 4 HOH 12  105 13  HOH HOH A . 
D 4 HOH 13  106 14  HOH HOH A . 
D 4 HOH 14  107 15  HOH HOH A . 
D 4 HOH 15  108 16  HOH HOH A . 
D 4 HOH 16  109 17  HOH HOH A . 
D 4 HOH 17  110 18  HOH HOH A . 
D 4 HOH 18  111 19  HOH HOH A . 
D 4 HOH 19  112 20  HOH HOH A . 
D 4 HOH 20  113 21  HOH HOH A . 
D 4 HOH 21  114 22  HOH HOH A . 
D 4 HOH 22  115 23  HOH HOH A . 
D 4 HOH 23  116 24  HOH HOH A . 
D 4 HOH 24  117 25  HOH HOH A . 
D 4 HOH 25  118 26  HOH HOH A . 
D 4 HOH 26  119 27  HOH HOH A . 
D 4 HOH 27  120 28  HOH HOH A . 
D 4 HOH 28  121 29  HOH HOH A . 
D 4 HOH 29  122 30  HOH HOH A . 
D 4 HOH 30  123 31  HOH HOH A . 
D 4 HOH 31  124 32  HOH HOH A . 
D 4 HOH 32  125 33  HOH HOH A . 
D 4 HOH 33  126 34  HOH HOH A . 
D 4 HOH 34  127 35  HOH HOH A . 
D 4 HOH 35  128 36  HOH HOH A . 
D 4 HOH 36  129 37  HOH HOH A . 
D 4 HOH 37  130 38  HOH HOH A . 
D 4 HOH 38  131 39  HOH HOH A . 
D 4 HOH 39  132 40  HOH HOH A . 
D 4 HOH 40  133 41  HOH HOH A . 
D 4 HOH 41  134 42  HOH HOH A . 
D 4 HOH 42  135 43  HOH HOH A . 
D 4 HOH 43  136 44  HOH HOH A . 
D 4 HOH 44  137 45  HOH HOH A . 
D 4 HOH 45  138 46  HOH HOH A . 
D 4 HOH 46  139 47  HOH HOH A . 
D 4 HOH 47  140 48  HOH HOH A . 
D 4 HOH 48  141 49  HOH HOH A . 
D 4 HOH 49  142 50  HOH HOH A . 
D 4 HOH 50  143 51  HOH HOH A . 
D 4 HOH 51  144 53  HOH HOH A . 
D 4 HOH 52  145 54  HOH HOH A . 
D 4 HOH 53  146 55  HOH HOH A . 
D 4 HOH 54  147 56  HOH HOH A . 
D 4 HOH 55  148 57  HOH HOH A . 
D 4 HOH 56  149 60  HOH HOH A . 
D 4 HOH 57  150 61  HOH HOH A . 
D 4 HOH 58  151 62  HOH HOH A . 
D 4 HOH 59  152 64  HOH HOH A . 
D 4 HOH 60  153 66  HOH HOH A . 
D 4 HOH 61  154 67  HOH HOH A . 
D 4 HOH 62  155 68  HOH HOH A . 
D 4 HOH 63  156 69  HOH HOH A . 
D 4 HOH 64  157 70  HOH HOH A . 
D 4 HOH 65  158 72  HOH HOH A . 
D 4 HOH 66  159 74  HOH HOH A . 
D 4 HOH 67  160 75  HOH HOH A . 
D 4 HOH 68  161 77  HOH HOH A . 
D 4 HOH 69  162 78  HOH HOH A . 
D 4 HOH 70  163 81  HOH HOH A . 
D 4 HOH 71  164 84  HOH HOH A . 
D 4 HOH 72  165 85  HOH HOH A . 
D 4 HOH 73  166 86  HOH HOH A . 
D 4 HOH 74  167 87  HOH HOH A . 
D 4 HOH 75  168 90  HOH HOH A . 
D 4 HOH 76  169 91  HOH HOH A . 
D 4 HOH 77  170 94  HOH HOH A . 
D 4 HOH 78  171 98  HOH HOH A . 
D 4 HOH 79  172 99  HOH HOH A . 
D 4 HOH 80  173 101 HOH HOH A . 
D 4 HOH 81  174 102 HOH HOH A . 
D 4 HOH 82  175 103 HOH HOH A . 
D 4 HOH 83  176 105 HOH HOH A . 
D 4 HOH 84  177 110 HOH HOH A . 
D 4 HOH 85  178 113 HOH HOH A . 
D 4 HOH 86  179 114 HOH HOH A . 
D 4 HOH 87  180 115 HOH HOH A . 
D 4 HOH 88  181 116 HOH HOH A . 
D 4 HOH 89  182 117 HOH HOH A . 
D 4 HOH 90  183 118 HOH HOH A . 
D 4 HOH 91  184 120 HOH HOH A . 
D 4 HOH 92  185 121 HOH HOH A . 
D 4 HOH 93  186 122 HOH HOH A . 
D 4 HOH 94  187 123 HOH HOH A . 
D 4 HOH 95  188 125 HOH HOH A . 
D 4 HOH 96  189 129 HOH HOH A . 
D 4 HOH 97  190 130 HOH HOH A . 
D 4 HOH 98  191 131 HOH HOH A . 
D 4 HOH 99  192 132 HOH HOH A . 
D 4 HOH 100 193 133 HOH HOH A . 
D 4 HOH 101 194 134 HOH HOH A . 
D 4 HOH 102 195 135 HOH HOH A . 
D 4 HOH 103 196 136 HOH HOH A . 
D 4 HOH 104 197 137 HOH HOH A . 
D 4 HOH 105 198 138 HOH HOH A . 
# 
loop_
_pdbx_unobs_or_zero_occ_atoms.id 
_pdbx_unobs_or_zero_occ_atoms.PDB_model_num 
_pdbx_unobs_or_zero_occ_atoms.polymer_flag 
_pdbx_unobs_or_zero_occ_atoms.occupancy_flag 
_pdbx_unobs_or_zero_occ_atoms.auth_asym_id 
_pdbx_unobs_or_zero_occ_atoms.auth_comp_id 
_pdbx_unobs_or_zero_occ_atoms.auth_seq_id 
_pdbx_unobs_or_zero_occ_atoms.PDB_ins_code 
_pdbx_unobs_or_zero_occ_atoms.auth_atom_id 
_pdbx_unobs_or_zero_occ_atoms.label_alt_id 
_pdbx_unobs_or_zero_occ_atoms.label_asym_id 
_pdbx_unobs_or_zero_occ_atoms.label_comp_id 
_pdbx_unobs_or_zero_occ_atoms.label_seq_id 
_pdbx_unobs_or_zero_occ_atoms.label_atom_id 
1  1 Y 1 A LYS 68 ? CE  ? A LYS 68 CE  
2  1 Y 1 A LYS 68 ? NZ  ? A LYS 68 NZ  
3  1 Y 1 A ARG 78 ? CB  ? A ARG 78 CB  
4  1 Y 1 A ARG 78 ? CG  ? A ARG 78 CG  
5  1 Y 1 A ARG 78 ? CD  ? A ARG 78 CD  
6  1 Y 1 A ARG 78 ? NE  ? A ARG 78 NE  
7  1 Y 1 A ARG 78 ? CZ  ? A ARG 78 CZ  
8  1 Y 1 A ARG 78 ? NH1 ? A ARG 78 NH1 
9  1 Y 1 A ARG 78 ? NH2 ? A ARG 78 NH2 
10 1 Y 1 A SER 79 ? OG  ? A SER 79 OG  
11 1 Y 1 A GLU 81 ? CG  ? A GLU 81 CG  
12 1 Y 1 A GLU 81 ? CD  ? A GLU 81 CD  
13 1 Y 1 A GLU 81 ? OE1 ? A GLU 81 OE1 
14 1 Y 1 A GLU 81 ? OE2 ? A GLU 81 OE2 
15 1 Y 1 A ARG 85 ? CD  ? A ARG 85 CD  
16 1 Y 1 A ARG 85 ? NE  ? A ARG 85 NE  
17 1 Y 1 A ARG 85 ? CZ  ? A ARG 85 CZ  
18 1 Y 1 A ARG 85 ? NH1 ? A ARG 85 NH1 
19 1 Y 1 A ARG 85 ? NH2 ? A ARG 85 NH2 
# 
loop_
_software.name 
_software.version 
_software.date 
_software.type 
_software.contact_author 
_software.contact_author_email 
_software.classification 
_software.location 
_software.language 
_software.citation_id 
_software.pdbx_ordinal 
DENZO       .        ?                    package 'Zbyszek Otwinowski' zbyszek@mix.swmed.edu    'data reduction'  
http://www.lnls.br/infra/linhasluz/denzo-hkl.htm ?          ? 1 
SCALEPACK   .        ?                    package 'Zbyszek Otwinowski' zbyszek@mix.swmed.edu    'data scaling'    
http://www.lnls.br/infra/linhasluz/denzo-hkl.htm ?          ? 2 
CNS         .        ?                    package 'Axel T. Brunger'    axel.brunger@yale.edu    refinement        
http://cns.csb.yale.edu/v1.1/                    Fortran_77 ? 3 
REFMAC      5.2.0005 ?                    program 'Murshudov, G.N.'    ccp4@dl.ac.uk            refinement        
http://www.ccp4.ac.uk/main.html                  Fortran_77 ? 4 
PDB_EXTRACT 3.004    'September 10, 2007' package PDB                  sw-help@rcsb.rutgers.edu 'data extraction' 
http://pdb.rutgers.edu/software/                 C++        ? 5 
HKL-2000    .        ?                    ?       ?                    ?                        'data collection' ? ?          ? 6 
CNS         .        ?                    ?       ?                    ?                        phasing           ? ?          ? 7 
# 
_cell.length_a           26.857 
_cell.length_b           48.270 
_cell.length_c           59.567 
_cell.angle_alpha        90.000 
_cell.angle_beta         90.000 
_cell.angle_gamma        90.000 
_cell.entry_id           3BR8 
_cell.pdbx_unique_axis   ? 
_cell.Z_PDB              4 
_cell.length_a_esd       ? 
_cell.length_b_esd       ? 
_cell.length_c_esd       ? 
_cell.angle_alpha_esd    ? 
_cell.angle_beta_esd     ? 
_cell.angle_gamma_esd    ? 
# 
_symmetry.space_group_name_H-M             'P 21 21 21' 
_symmetry.entry_id                         3BR8 
_symmetry.pdbx_full_space_group_name_H-M   ? 
_symmetry.Int_Tables_number                19 
_symmetry.cell_setting                     ? 
_symmetry.space_group_name_Hall            ? 
# 
_exptl.crystals_number   1 
_exptl.entry_id          3BR8 
_exptl.method            'X-RAY DIFFRACTION' 
# 
_exptl_crystal.id                    1 
_exptl_crystal.density_Matthews      1.87 
_exptl_crystal.density_meas          ? 
_exptl_crystal.density_percent_sol   34.17 
_exptl_crystal.description           ? 
_exptl_crystal.F_000                 ? 
_exptl_crystal.preparation           ? 
# 
_exptl_crystal_grow.crystal_id      1 
_exptl_crystal_grow.method          'LIQUID DIFFUSION' 
_exptl_crystal_grow.pH              5.5 
_exptl_crystal_grow.temp            277 
_exptl_crystal_grow.pdbx_details    '50mM phosphate buffer, pH 5.5, LIQUID DIFFUSION, temperature 277K' 
_exptl_crystal_grow.temp_details    ? 
_exptl_crystal_grow.pdbx_pH_range   . 
# 
_diffrn.id                     1 
_diffrn.ambient_temp           100 
_diffrn.ambient_temp_details   ? 
_diffrn.crystal_id             1 
# 
_diffrn_detector.diffrn_id              1 
_diffrn_detector.detector               CCD 
_diffrn_detector.type                   'MAR CCD 165 mm' 
_diffrn_detector.pdbx_collection_date   ? 
_diffrn_detector.details                ? 
# 
_diffrn_radiation.diffrn_id                        1 
_diffrn_radiation.pdbx_diffrn_protocol             'SINGLE WAVELENGTH' 
_diffrn_radiation.monochromator                    ? 
_diffrn_radiation.wavelength_id                    1 
_diffrn_radiation.pdbx_monochromatic_or_laue_m_l   M 
_diffrn_radiation.pdbx_scattering_type             x-ray 
# 
_diffrn_radiation_wavelength.id           1 
_diffrn_radiation_wavelength.wavelength   1.1 
_diffrn_radiation_wavelength.wt           1.0 
# 
_diffrn_source.diffrn_id                   1 
_diffrn_source.source                      SYNCHROTRON 
_diffrn_source.type                        'BSRF BEAMLINE 3W1A' 
_diffrn_source.pdbx_wavelength_list        1.1 
_diffrn_source.pdbx_wavelength             ? 
_diffrn_source.pdbx_synchrotron_site       BSRF 
_diffrn_source.pdbx_synchrotron_beamline   3W1A 
# 
_reflns.entry_id                     3BR8 
_reflns.observed_criterion_sigma_F   ? 
_reflns.observed_criterion_sigma_I   ? 
_reflns.d_resolution_high            1.3 
_reflns.d_resolution_low             ? 
_reflns.number_all                   ? 
_reflns.number_obs                   66430 
_reflns.percent_possible_obs         ? 
_reflns.pdbx_Rmerge_I_obs            ? 
_reflns.pdbx_Rsym_value              ? 
_reflns.pdbx_netI_over_sigmaI        ? 
_reflns.B_iso_Wilson_estimate        ? 
_reflns.pdbx_redundancy              ? 
_reflns.R_free_details               ? 
_reflns.limit_h_max                  ? 
_reflns.limit_h_min                  ? 
_reflns.limit_k_max                  ? 
_reflns.limit_k_min                  ? 
_reflns.limit_l_max                  ? 
_reflns.limit_l_min                  ? 
_reflns.observed_criterion_F_max     ? 
_reflns.observed_criterion_F_min     ? 
_reflns.pdbx_chi_squared             ? 
_reflns.pdbx_scaling_rejects         ? 
_reflns.pdbx_ordinal                 1 
_reflns.pdbx_diffrn_id               1 
# 
_refine.entry_id                                 3BR8 
_refine.ls_d_res_high                            1.330 
_refine.ls_d_res_low                             29.790 
_refine.pdbx_ls_sigma_F                          0.00 
_refine.ls_percent_reflns_obs                    99.590 
_refine.ls_number_reflns_obs                     18408 
_refine.pdbx_ls_cross_valid_method               THROUGHOUT 
_refine.pdbx_R_Free_selection_details            RANDOM 
_refine.details                                  'HYDROGENS HAVE BEEN ADDED IN THE RIDING POSITIONS' 
_refine.ls_R_factor_obs                          0.192 
_refine.ls_R_factor_R_work                       0.190 
_refine.ls_R_factor_R_free                       0.225 
_refine.ls_percent_reflns_R_free                 5.100 
_refine.ls_number_reflns_R_free                  945 
_refine.B_iso_mean                               15.823 
_refine.aniso_B[1][1]                            0.190 
_refine.aniso_B[2][2]                            -0.070 
_refine.aniso_B[3][3]                            -0.120 
_refine.aniso_B[1][2]                            0.000 
_refine.aniso_B[1][3]                            0.000 
_refine.aniso_B[2][3]                            0.000 
_refine.correlation_coeff_Fo_to_Fc               0.963 
_refine.correlation_coeff_Fo_to_Fc_free          0.947 
_refine.pdbx_overall_ESU_R                       0.064 
_refine.pdbx_overall_ESU_R_Free                  0.067 
_refine.overall_SU_ML                            0.041 
_refine.overall_SU_B                             2.080 
_refine.solvent_model_details                    MASK 
_refine.pdbx_solvent_vdw_probe_radii             1.200 
_refine.pdbx_solvent_ion_probe_radii             0.800 
_refine.pdbx_solvent_shrinkage_radii             0.800 
_refine.pdbx_method_to_determine_struct          'MOLECULAR REPLACEMENT' 
_refine.pdbx_stereochemistry_target_values       'MAXIMUM LIKELIHOOD' 
_refine.pdbx_ls_sigma_I                          ? 
_refine.ls_number_reflns_all                     ? 
_refine.ls_R_factor_all                          ? 
_refine.ls_redundancy_reflns_obs                 ? 
_refine.pdbx_data_cutoff_high_absF               ? 
_refine.pdbx_data_cutoff_low_absF                ? 
_refine.ls_number_parameters                     ? 
_refine.ls_number_restraints                     ? 
_refine.ls_R_factor_R_free_error                 ? 
_refine.ls_R_factor_R_free_error_details         ? 
_refine.pdbx_starting_model                      ? 
_refine.pdbx_stereochem_target_val_spec_case     ? 
_refine.solvent_model_param_bsol                 ? 
_refine.solvent_model_param_ksol                 ? 
_refine.occupancy_max                            ? 
_refine.occupancy_min                            ? 
_refine.pdbx_isotropic_thermal_model             ? 
_refine.B_iso_min                                ? 
_refine.B_iso_max                                ? 
_refine.overall_SU_R_Cruickshank_DPI             ? 
_refine.overall_SU_R_free                        ? 
_refine.pdbx_data_cutoff_high_rms_absF           ? 
_refine.ls_wR_factor_R_free                      ? 
_refine.ls_wR_factor_R_work                      ? 
_refine.overall_FOM_free_R_set                   ? 
_refine.overall_FOM_work_R_set                   ? 
_refine.pdbx_overall_phase_error                 ? 
_refine.pdbx_refine_id                           'X-RAY DIFFRACTION' 
_refine.pdbx_diffrn_id                           1 
_refine.pdbx_TLS_residual_ADP_flag               ? 
_refine.pdbx_overall_SU_R_free_Cruickshank_DPI   ? 
_refine.pdbx_overall_SU_R_Blow_DPI               ? 
_refine.pdbx_overall_SU_R_free_Blow_DPI          ? 
# 
_refine_hist.pdbx_refine_id                   'X-RAY DIFFRACTION' 
_refine_hist.cycle_id                         LAST 
_refine_hist.pdbx_number_atoms_protein        702 
_refine_hist.pdbx_number_atoms_nucleic_acid   0 
_refine_hist.pdbx_number_atoms_ligand         11 
_refine_hist.number_atoms_solvent             105 
_refine_hist.number_atoms_total               818 
_refine_hist.d_res_high                       1.330 
_refine_hist.d_res_low                        29.790 
# 
loop_
_refine_ls_restr.type 
_refine_ls_restr.number 
_refine_ls_restr.dev_ideal 
_refine_ls_restr.dev_ideal_target 
_refine_ls_restr.weight 
_refine_ls_restr.pdbx_refine_id 
_refine_ls_restr.pdbx_restraint_function 
r_bond_refined_d         736 0.008  0.022  ? 'X-RAY DIFFRACTION' ? 
r_angle_refined_deg      994 1.271  1.950  ? 'X-RAY DIFFRACTION' ? 
r_dihedral_angle_1_deg   93  6.139  5.000  ? 'X-RAY DIFFRACTION' ? 
r_dihedral_angle_2_deg   36  34.587 23.611 ? 'X-RAY DIFFRACTION' ? 
r_dihedral_angle_3_deg   124 11.651 15.000 ? 'X-RAY DIFFRACTION' ? 
r_dihedral_angle_4_deg   6   13.042 15.000 ? 'X-RAY DIFFRACTION' ? 
r_chiral_restr           107 0.089  0.200  ? 'X-RAY DIFFRACTION' ? 
r_gen_planes_refined     559 0.006  0.020  ? 'X-RAY DIFFRACTION' ? 
r_nbd_refined            348 0.290  0.200  ? 'X-RAY DIFFRACTION' ? 
r_nbtor_refined          491 0.314  0.200  ? 'X-RAY DIFFRACTION' ? 
r_xyhbond_nbd_refined    70  0.090  0.200  ? 'X-RAY DIFFRACTION' ? 
r_symmetry_vdw_refined   42  0.151  0.200  ? 'X-RAY DIFFRACTION' ? 
r_symmetry_hbond_refined 27  0.123  0.200  ? 'X-RAY DIFFRACTION' ? 
r_mcbond_it              448 0.673  1.500  ? 'X-RAY DIFFRACTION' ? 
r_mcangle_it             720 1.043  2.000  ? 'X-RAY DIFFRACTION' ? 
r_scbond_it              288 1.222  3.000  ? 'X-RAY DIFFRACTION' ? 
r_scangle_it             272 1.684  4.500  ? 'X-RAY DIFFRACTION' ? 
# 
_refine_ls_shell.d_res_high                       1.329 
_refine_ls_shell.d_res_low                        1.364 
_refine_ls_shell.pdbx_total_number_of_bins_used   20 
_refine_ls_shell.percent_reflns_obs               95.330 
_refine_ls_shell.number_reflns_R_work             1211 
_refine_ls_shell.R_factor_all                     ? 
_refine_ls_shell.R_factor_R_work                  0.330 
_refine_ls_shell.R_factor_R_free                  0.346 
_refine_ls_shell.percent_reflns_R_free            ? 
_refine_ls_shell.number_reflns_R_free             74 
_refine_ls_shell.R_factor_R_free_error            ? 
_refine_ls_shell.number_reflns_all                1285 
_refine_ls_shell.number_reflns_obs                ? 
_refine_ls_shell.redundancy_reflns_obs            ? 
_refine_ls_shell.pdbx_refine_id                   'X-RAY DIFFRACTION' 
# 
_struct.entry_id                  3BR8 
_struct.title                     'Crystal structure of acylphosphatase from Bacillus subtilis' 
_struct.pdbx_model_details        ? 
_struct.pdbx_CASP_flag            ? 
_struct.pdbx_model_type_details   ? 
# 
_struct_keywords.entry_id        3BR8 
_struct_keywords.text            'acylphosphatase, AcP, YflL, Hydrolase' 
_struct_keywords.pdbx_keywords   HYDROLASE 
# 
loop_
_struct_asym.id 
_struct_asym.pdbx_blank_PDB_chainid_flag 
_struct_asym.pdbx_modified 
_struct_asym.entity_id 
_struct_asym.details 
A N N 1 ? 
B N N 2 ? 
C N N 3 ? 
D N N 4 ? 
# 
_struct_ref.id                         1 
_struct_ref.db_name                    UNP 
_struct_ref.db_code                    ACYP_BACSU 
_struct_ref.pdbx_db_accession          O35031 
_struct_ref.entity_id                  1 
_struct_ref.pdbx_seq_one_letter_code   
;MLQYRIIVDGRVQGVGFRYFVQMEADKRKLAGWVKNRDDGRVEILAEGPENALQSFVEAVKNGSPFSKVTDISVTESRSL
EGHHRFSIVYS
;
_struct_ref.pdbx_align_begin           1 
_struct_ref.pdbx_db_isoform            ? 
# 
_struct_ref_seq.align_id                      1 
_struct_ref_seq.ref_id                        1 
_struct_ref_seq.pdbx_PDB_id_code              3BR8 
_struct_ref_seq.pdbx_strand_id                A 
_struct_ref_seq.seq_align_beg                 1 
_struct_ref_seq.pdbx_seq_align_beg_ins_code   ? 
_struct_ref_seq.seq_align_end                 91 
_struct_ref_seq.pdbx_seq_align_end_ins_code   ? 
_struct_ref_seq.pdbx_db_accession             O35031 
_struct_ref_seq.db_align_beg                  1 
_struct_ref_seq.pdbx_db_align_beg_ins_code    ? 
_struct_ref_seq.db_align_end                  91 
_struct_ref_seq.pdbx_db_align_end_ins_code    ? 
_struct_ref_seq.pdbx_auth_seq_align_beg       1 
_struct_ref_seq.pdbx_auth_seq_align_end       91 
# 
_pdbx_struct_assembly.id                   1 
_pdbx_struct_assembly.details              author_and_software_defined_assembly 
_pdbx_struct_assembly.method_details       PISA 
_pdbx_struct_assembly.oligomeric_details   monomeric 
_pdbx_struct_assembly.oligomeric_count     1 
# 
_pdbx_struct_assembly_gen.assembly_id       1 
_pdbx_struct_assembly_gen.oper_expression   1 
_pdbx_struct_assembly_gen.asym_id_list      A,B,C,D 
# 
_pdbx_struct_oper_list.id                   1 
_pdbx_struct_oper_list.type                 'identity operation' 
_pdbx_struct_oper_list.name                 1_555 
_pdbx_struct_oper_list.symmetry_operation   x,y,z 
_pdbx_struct_oper_list.matrix[1][1]         1.0000000000 
_pdbx_struct_oper_list.matrix[1][2]         0.0000000000 
_pdbx_struct_oper_list.matrix[1][3]         0.0000000000 
_pdbx_struct_oper_list.vector[1]            0.0000000000 
_pdbx_struct_oper_list.matrix[2][1]         0.0000000000 
_pdbx_struct_oper_list.matrix[2][2]         1.0000000000 
_pdbx_struct_oper_list.matrix[2][3]         0.0000000000 
_pdbx_struct_oper_list.vector[2]            0.0000000000 
_pdbx_struct_oper_list.matrix[3][1]         0.0000000000 
_pdbx_struct_oper_list.matrix[3][2]         0.0000000000 
_pdbx_struct_oper_list.matrix[3][3]         1.0000000000 
_pdbx_struct_oper_list.vector[3]            0.0000000000 
# 
_struct_biol.id        1 
_struct_biol.details   ? 
# 
loop_
_struct_conf.conf_type_id 
_struct_conf.id 
_struct_conf.pdbx_PDB_helix_id 
_struct_conf.beg_label_comp_id 
_struct_conf.beg_label_asym_id 
_struct_conf.beg_label_seq_id 
_struct_conf.pdbx_beg_PDB_ins_code 
_struct_conf.end_label_comp_id 
_struct_conf.end_label_asym_id 
_struct_conf.end_label_seq_id 
_struct_conf.pdbx_end_PDB_ins_code 
_struct_conf.beg_auth_comp_id 
_struct_conf.beg_auth_asym_id 
_struct_conf.beg_auth_seq_id 
_struct_conf.end_auth_comp_id 
_struct_conf.end_auth_asym_id 
_struct_conf.end_auth_seq_id 
_struct_conf.pdbx_PDB_helix_class 
_struct_conf.details 
_struct_conf.pdbx_PDB_helix_length 
HELX_P HELX_P1 1 GLY A 16 ? ARG A 28 ? GLY A 16 ARG A 28 1 ? 13 
HELX_P HELX_P2 2 PRO A 49 ? GLY A 63 ? PRO A 49 GLY A 63 1 ? 15 
# 
_struct_conf_type.id          HELX_P 
_struct_conf_type.criteria    ? 
_struct_conf_type.reference   ? 
# 
_struct_sheet.id               A 
_struct_sheet.type             ? 
_struct_sheet.number_strands   5 
_struct_sheet.details          ? 
# 
loop_
_struct_sheet_order.sheet_id 
_struct_sheet_order.range_id_1 
_struct_sheet_order.range_id_2 
_struct_sheet_order.offset 
_struct_sheet_order.sense 
A 1 2 ? anti-parallel 
A 2 3 ? anti-parallel 
A 3 4 ? anti-parallel 
A 4 5 ? parallel      
# 
loop_
_struct_sheet_range.sheet_id 
_struct_sheet_range.id 
_struct_sheet_range.beg_label_comp_id 
_struct_sheet_range.beg_label_asym_id 
_struct_sheet_range.beg_label_seq_id 
_struct_sheet_range.pdbx_beg_PDB_ins_code 
_struct_sheet_range.end_label_comp_id 
_struct_sheet_range.end_label_asym_id 
_struct_sheet_range.end_label_seq_id 
_struct_sheet_range.pdbx_end_PDB_ins_code 
_struct_sheet_range.beg_auth_comp_id 
_struct_sheet_range.beg_auth_asym_id 
_struct_sheet_range.beg_auth_seq_id 
_struct_sheet_range.end_auth_comp_id 
_struct_sheet_range.end_auth_asym_id 
_struct_sheet_range.end_auth_seq_id 
A 1 LYS A 68 ? SER A 77 ? LYS A 68 SER A 77 
A 2 LEU A 2  ? ARG A 11 ? LEU A 2  ARG A 11 
A 3 VAL A 42 ? GLY A 48 ? VAL A 42 GLY A 48 
A 4 ALA A 31 ? ASN A 36 ? ALA A 31 ASN A 36 
A 5 PHE A 86 ? ILE A 88 ? PHE A 86 ILE A 88 
# 
loop_
_pdbx_struct_sheet_hbond.sheet_id 
_pdbx_struct_sheet_hbond.range_id_1 
_pdbx_struct_sheet_hbond.range_id_2 
_pdbx_struct_sheet_hbond.range_1_label_atom_id 
_pdbx_struct_sheet_hbond.range_1_label_comp_id 
_pdbx_struct_sheet_hbond.range_1_label_asym_id 
_pdbx_struct_sheet_hbond.range_1_label_seq_id 
_pdbx_struct_sheet_hbond.range_1_PDB_ins_code 
_pdbx_struct_sheet_hbond.range_1_auth_atom_id 
_pdbx_struct_sheet_hbond.range_1_auth_comp_id 
_pdbx_struct_sheet_hbond.range_1_auth_asym_id 
_pdbx_struct_sheet_hbond.range_1_auth_seq_id 
_pdbx_struct_sheet_hbond.range_2_label_atom_id 
_pdbx_struct_sheet_hbond.range_2_label_comp_id 
_pdbx_struct_sheet_hbond.range_2_label_asym_id 
_pdbx_struct_sheet_hbond.range_2_label_seq_id 
_pdbx_struct_sheet_hbond.range_2_PDB_ins_code 
_pdbx_struct_sheet_hbond.range_2_auth_atom_id 
_pdbx_struct_sheet_hbond.range_2_auth_comp_id 
_pdbx_struct_sheet_hbond.range_2_auth_asym_id 
_pdbx_struct_sheet_hbond.range_2_auth_seq_id 
A 1 2 O THR A 75 ? O THR A 75 N ARG A 5  ? N ARG A 5  
A 2 3 N TYR A 4  ? N TYR A 4  O ALA A 46 ? O ALA A 46 
A 3 4 O GLU A 43 ? O GLU A 43 N LYS A 35 ? N LYS A 35 
A 4 5 N GLY A 32 ? N GLY A 32 O SER A 87 ? O SER A 87 
# 
loop_
_struct_site.id 
_struct_site.pdbx_evidence_code 
_struct_site.pdbx_auth_asym_id 
_struct_site.pdbx_auth_comp_id 
_struct_site.pdbx_auth_seq_id 
_struct_site.pdbx_auth_ins_code 
_struct_site.pdbx_num_residues 
_struct_site.details 
AC1 Software A PO4 92 ? 9 'BINDING SITE FOR RESIDUE PO4 A 92' 
AC2 Software A GOL 93 ? 7 'BINDING SITE FOR RESIDUE GOL A 93' 
# 
loop_
_struct_site_gen.id 
_struct_site_gen.site_id 
_struct_site_gen.pdbx_num_res 
_struct_site_gen.label_comp_id 
_struct_site_gen.label_asym_id 
_struct_site_gen.label_seq_id 
_struct_site_gen.pdbx_auth_ins_code 
_struct_site_gen.auth_comp_id 
_struct_site_gen.auth_asym_id 
_struct_site_gen.auth_seq_id 
_struct_site_gen.label_atom_id 
_struct_site_gen.label_alt_id 
_struct_site_gen.symmetry 
_struct_site_gen.details 
1  AC1 9 GLN A 13 ? GLN A 13  . ? 1_555 ? 
2  AC1 9 GLY A 14 ? GLY A 14  . ? 1_555 ? 
3  AC1 9 GLY A 16 ? GLY A 16  . ? 1_555 ? 
4  AC1 9 PHE A 17 ? PHE A 17  . ? 1_555 ? 
5  AC1 9 ARG A 18 ? ARG A 18  . ? 1_555 ? 
6  AC1 9 ASN A 36 ? ASN A 36  . ? 1_555 ? 
7  AC1 9 HOH D .  ? HOH A 95  . ? 1_555 ? 
8  AC1 9 HOH D .  ? HOH A 103 . ? 1_555 ? 
9  AC1 9 HOH D .  ? HOH A 173 . ? 1_555 ? 
10 AC2 7 GLY A 16 ? GLY A 16  . ? 1_555 ? 
11 AC2 7 ARG A 18 ? ARG A 18  . ? 1_555 ? 
12 AC2 7 TYR A 19 ? TYR A 19  . ? 1_555 ? 
13 AC2 7 LYS A 29 ? LYS A 29  . ? 4_456 ? 
14 AC2 7 GLU A 58 ? GLU A 58  . ? 1_455 ? 
15 AC2 7 LYS A 61 ? LYS A 61  . ? 1_455 ? 
16 AC2 7 HOH D .  ? HOH A 189 . ? 1_555 ? 
# 
loop_
_pdbx_validate_close_contact.id 
_pdbx_validate_close_contact.PDB_model_num 
_pdbx_validate_close_contact.auth_atom_id_1 
_pdbx_validate_close_contact.auth_asym_id_1 
_pdbx_validate_close_contact.auth_comp_id_1 
_pdbx_validate_close_contact.auth_seq_id_1 
_pdbx_validate_close_contact.PDB_ins_code_1 
_pdbx_validate_close_contact.label_alt_id_1 
_pdbx_validate_close_contact.auth_atom_id_2 
_pdbx_validate_close_contact.auth_asym_id_2 
_pdbx_validate_close_contact.auth_comp_id_2 
_pdbx_validate_close_contact.auth_seq_id_2 
_pdbx_validate_close_contact.PDB_ins_code_2 
_pdbx_validate_close_contact.label_alt_id_2 
_pdbx_validate_close_contact.dist 
1 1 OE2 A GLU 47 ? B CD2 A LEU 80 ? ? 1.48 
2 1 CD  A GLU 47 ? B CD2 A LEU 80 ? ? 2.06 
3 1 OE2 A GLU 47 ? B CG  A LEU 80 ? ? 2.11 
4 1 OE2 A GLU 47 ? B CB  A LEU 80 ? ? 2.18 
5 1 CG  A GLU 47 ? B CD2 A LEU 80 ? ? 2.18 
# 
loop_
_pdbx_validate_torsion.id 
_pdbx_validate_torsion.PDB_model_num 
_pdbx_validate_torsion.auth_comp_id 
_pdbx_validate_torsion.auth_asym_id 
_pdbx_validate_torsion.auth_seq_id 
_pdbx_validate_torsion.PDB_ins_code 
_pdbx_validate_torsion.label_alt_id 
_pdbx_validate_torsion.phi 
_pdbx_validate_torsion.psi 
1 1 PHE A 66 ? ? 73.59 -4.88  
2 1 ARG A 85 ? ? 70.33 158.26 
# 
loop_
_pdbx_refine_tls.id 
_pdbx_refine_tls.details 
_pdbx_refine_tls.method 
_pdbx_refine_tls.origin_x 
_pdbx_refine_tls.origin_y 
_pdbx_refine_tls.origin_z 
_pdbx_refine_tls.T[1][1] 
_pdbx_refine_tls.T[2][2] 
_pdbx_refine_tls.T[3][3] 
_pdbx_refine_tls.T[1][2] 
_pdbx_refine_tls.T[1][3] 
_pdbx_refine_tls.T[2][3] 
_pdbx_refine_tls.L[1][1] 
_pdbx_refine_tls.L[2][2] 
_pdbx_refine_tls.L[3][3] 
_pdbx_refine_tls.L[1][2] 
_pdbx_refine_tls.L[1][3] 
_pdbx_refine_tls.L[2][3] 
_pdbx_refine_tls.S[1][1] 
_pdbx_refine_tls.S[2][2] 
_pdbx_refine_tls.S[3][3] 
_pdbx_refine_tls.S[1][2] 
_pdbx_refine_tls.S[1][3] 
_pdbx_refine_tls.S[2][3] 
_pdbx_refine_tls.S[2][1] 
_pdbx_refine_tls.S[3][1] 
_pdbx_refine_tls.S[3][2] 
_pdbx_refine_tls.pdbx_refine_id 
1  ? refined -5.5923  -7.7862 4.3917  0.0714 -0.0248 0.0452  -0.0089 0.0195  0.0119  10.4385 3.2862  5.5264  -0.0976  3.1116  0.6630  0.0193  -0.1417 0.1223  -0.2259 -0.2503 0.3389  0.4372  0.1952  -0.2530 'X-RAY DIFFRACTION' 
2  ? refined 9.4153   0.8335  2.3368  0.0304 0.0155  0.0426  0.0327  -0.0107 0.0142  9.3274  5.9461  6.5551  5.7626   -5.2969 -3.7066 0.1467  -0.2285 0.0817  -0.2487 0.0717  -0.1320 -0.0641 0.0311  0.6035  'X-RAY DIFFRACTION' 
3  ? refined 5.2744   7.7459  -3.1917 0.0673 -0.0085 0.0631  -0.0008 0.0003  0.0035  2.1096  1.2950  1.5158  0.5199   -0.4473 -0.6861 0.0305  -0.0643 0.0339  -0.0353 -0.0729 -0.0266 0.0622  -0.0940 0.1330  'X-RAY DIFFRACTION' 
4  ? refined -4.1558  2.2994  -3.0081 0.0756 0.0056  0.0603  0.0115  0.0002  -0.0040 1.2947  1.2590  1.6011  -0.0115  0.3724  0.0133  -0.0066 -0.0057 0.0124  -0.0420 0.0160  0.0544  0.0294  -0.0387 -0.0336 'X-RAY DIFFRACTION' 
5  ? refined 8.0683   5.8741  9.6195  0.0785 0.1042  -0.0105 -0.1102 -0.0475 0.0340  5.4403  3.5292  11.2457 -0.0215  -5.9934 -4.0243 0.4729  -0.6440 0.1711  -0.9767 -0.3681 -0.2111 0.4277  -1.0276 1.0907  'X-RAY DIFFRACTION' 
6  ? refined -2.1553  -0.1951 3.9425  0.0721 -0.0002 0.0345  0.0089  0.0066  0.0048  7.2953  3.5246  2.6008  2.2818   4.2445  1.6051  0.1203  -0.0935 -0.0268 -0.2539 -0.1316 0.0346  0.2124  0.1277  -0.1675 'X-RAY DIFFRACTION' 
7  ? refined -2.6703  -8.2838 -4.8784 0.0865 -0.0018 0.0721  0.0187  -0.0105 -0.0135 2.8786  2.2474  1.8637  -0.8484  0.1884  -0.4228 0.0703  -0.0242 -0.0461 0.0357  -0.1834 0.0758  -0.0411 0.1511  0.0514  'X-RAY DIFFRACTION' 
8  ? refined 7.5663   0.4952  -7.0896 0.0460 -0.0160 0.0559  0.0084  0.0274  -0.0059 5.5050  13.5922 0.9297  7.7680   -1.2992 -3.1137 -0.0037 0.0367  -0.0330 0.2650  -0.2420 -0.2128 -0.2460 0.1337  -0.0690 'X-RAY DIFFRACTION' 
9  ? refined 13.1110  1.8203  -3.2204 0.0149 0.0233  0.0639  0.0536  0.0393  0.0631  2.2573  8.0424  14.4883 2.3714   -4.9311 -6.6948 -0.3342 -0.2795 0.6138  -0.4191 -0.3703 -0.5147 -0.2189 0.6645  0.8450  'X-RAY DIFFRACTION' 
10 ? refined 1.3847   -8.6833 5.4930  0.0987 -0.0547 0.0466  0.0284  -0.0268 0.0117  40.7260 14.8146 5.6053  16.8982  -8.9985 -6.2922 -0.1658 0.0477  0.1182  0.1090  -0.2514 -0.5294 0.1175  0.2631  -0.0598 'X-RAY DIFFRACTION' 
11 ? refined -12.5642 -3.3686 5.8224  0.1728 -0.0287 0.1710  0.0256  0.1139  -0.0352 19.8578 35.0307 2.4736  -13.5992 -0.1244 -7.8896 -0.5908 0.6409  -0.0502 -0.9073 0.0233  0.9448  1.6242  -0.0990 -0.2204 'X-RAY DIFFRACTION' 
12 ? refined -5.1799  8.3099  2.0629  0.0777 -0.0090 0.0425  0.0364  0.0123  -0.0302 8.2803  14.9031 3.9384  4.8786   2.6828  1.5471  -0.0253 -0.1245 0.1497  -0.2604 0.5882  0.3458  0.4324  -0.1767 0.0177  'X-RAY DIFFRACTION' 
# 
loop_
_pdbx_refine_tls_group.id 
_pdbx_refine_tls_group.refine_tls_id 
_pdbx_refine_tls_group.beg_auth_asym_id 
_pdbx_refine_tls_group.end_auth_asym_id 
_pdbx_refine_tls_group.end_auth_seq_id 
_pdbx_refine_tls_group.selection 
_pdbx_refine_tls_group.beg_auth_seq_id 
_pdbx_refine_tls_group.beg_label_asym_id 
_pdbx_refine_tls_group.beg_label_seq_id 
_pdbx_refine_tls_group.end_label_asym_id 
_pdbx_refine_tls_group.end_label_seq_id 
_pdbx_refine_tls_group.pdbx_refine_id 
_pdbx_refine_tls_group.selection_details 
1  1  A A 5  ? 1  A 1  A 5  'X-RAY DIFFRACTION' ? 
2  2  A A 11 ? 6  A 6  A 11 'X-RAY DIFFRACTION' ? 
3  3  A A 20 ? 12 A 12 A 20 'X-RAY DIFFRACTION' ? 
4  4  A A 36 ? 21 A 21 A 36 'X-RAY DIFFRACTION' ? 
5  5  A A 41 ? 37 A 37 A 41 'X-RAY DIFFRACTION' ? 
6  6  A A 47 ? 42 A 42 A 47 'X-RAY DIFFRACTION' ? 
7  7  A A 59 ? 48 A 48 A 59 'X-RAY DIFFRACTION' ? 
8  8  A A 65 ? 60 A 60 A 65 'X-RAY DIFFRACTION' ? 
9  9  A A 71 ? 66 A 66 A 71 'X-RAY DIFFRACTION' ? 
10 10 A A 77 ? 72 A 72 A 77 'X-RAY DIFFRACTION' ? 
11 11 A A 84 ? 78 A 78 A 84 'X-RAY DIFFRACTION' ? 
12 12 A A 90 ? 85 A 85 A 90 'X-RAY DIFFRACTION' ? 
# 
_phasing.method   MR 
# 
_pdbx_unobs_or_zero_occ_residues.id               1 
_pdbx_unobs_or_zero_occ_residues.PDB_model_num    1 
_pdbx_unobs_or_zero_occ_residues.polymer_flag     Y 
_pdbx_unobs_or_zero_occ_residues.occupancy_flag   1 
_pdbx_unobs_or_zero_occ_residues.auth_asym_id     A 
_pdbx_unobs_or_zero_occ_residues.auth_comp_id     SER 
_pdbx_unobs_or_zero_occ_residues.auth_seq_id      91 
_pdbx_unobs_or_zero_occ_residues.PDB_ins_code     ? 
_pdbx_unobs_or_zero_occ_residues.label_asym_id    A 
_pdbx_unobs_or_zero_occ_residues.label_comp_id    SER 
_pdbx_unobs_or_zero_occ_residues.label_seq_id     91 
# 
loop_
_chem_comp_atom.comp_id 
_chem_comp_atom.atom_id 
_chem_comp_atom.type_symbol 
_chem_comp_atom.pdbx_aromatic_flag 
_chem_comp_atom.pdbx_stereo_config 
_chem_comp_atom.pdbx_ordinal 
ALA N    N N N 1   
ALA CA   C N S 2   
ALA C    C N N 3   
ALA O    O N N 4   
ALA CB   C N N 5   
ALA OXT  O N N 6   
ALA H    H N N 7   
ALA H2   H N N 8   
ALA HA   H N N 9   
ALA HB1  H N N 10  
ALA HB2  H N N 11  
ALA HB3  H N N 12  
ALA HXT  H N N 13  
ARG N    N N N 14  
ARG CA   C N S 15  
ARG C    C N N 16  
ARG O    O N N 17  
ARG CB   C N N 18  
ARG CG   C N N 19  
ARG CD   C N N 20  
ARG NE   N N N 21  
ARG CZ   C N N 22  
ARG NH1  N N N 23  
ARG NH2  N N N 24  
ARG OXT  O N N 25  
ARG H    H N N 26  
ARG H2   H N N 27  
ARG HA   H N N 28  
ARG HB2  H N N 29  
ARG HB3  H N N 30  
ARG HG2  H N N 31  
ARG HG3  H N N 32  
ARG HD2  H N N 33  
ARG HD3  H N N 34  
ARG HE   H N N 35  
ARG HH11 H N N 36  
ARG HH12 H N N 37  
ARG HH21 H N N 38  
ARG HH22 H N N 39  
ARG HXT  H N N 40  
ASN N    N N N 41  
ASN CA   C N S 42  
ASN C    C N N 43  
ASN O    O N N 44  
ASN CB   C N N 45  
ASN CG   C N N 46  
ASN OD1  O N N 47  
ASN ND2  N N N 48  
ASN OXT  O N N 49  
ASN H    H N N 50  
ASN H2   H N N 51  
ASN HA   H N N 52  
ASN HB2  H N N 53  
ASN HB3  H N N 54  
ASN HD21 H N N 55  
ASN HD22 H N N 56  
ASN HXT  H N N 57  
ASP N    N N N 58  
ASP CA   C N S 59  
ASP C    C N N 60  
ASP O    O N N 61  
ASP CB   C N N 62  
ASP CG   C N N 63  
ASP OD1  O N N 64  
ASP OD2  O N N 65  
ASP OXT  O N N 66  
ASP H    H N N 67  
ASP H2   H N N 68  
ASP HA   H N N 69  
ASP HB2  H N N 70  
ASP HB3  H N N 71  
ASP HD2  H N N 72  
ASP HXT  H N N 73  
GLN N    N N N 74  
GLN CA   C N S 75  
GLN C    C N N 76  
GLN O    O N N 77  
GLN CB   C N N 78  
GLN CG   C N N 79  
GLN CD   C N N 80  
GLN OE1  O N N 81  
GLN NE2  N N N 82  
GLN OXT  O N N 83  
GLN H    H N N 84  
GLN H2   H N N 85  
GLN HA   H N N 86  
GLN HB2  H N N 87  
GLN HB3  H N N 88  
GLN HG2  H N N 89  
GLN HG3  H N N 90  
GLN HE21 H N N 91  
GLN HE22 H N N 92  
GLN HXT  H N N 93  
GLU N    N N N 94  
GLU CA   C N S 95  
GLU C    C N N 96  
GLU O    O N N 97  
GLU CB   C N N 98  
GLU CG   C N N 99  
GLU CD   C N N 100 
GLU OE1  O N N 101 
GLU OE2  O N N 102 
GLU OXT  O N N 103 
GLU H    H N N 104 
GLU H2   H N N 105 
GLU HA   H N N 106 
GLU HB2  H N N 107 
GLU HB3  H N N 108 
GLU HG2  H N N 109 
GLU HG3  H N N 110 
GLU HE2  H N N 111 
GLU HXT  H N N 112 
GLY N    N N N 113 
GLY CA   C N N 114 
GLY C    C N N 115 
GLY O    O N N 116 
GLY OXT  O N N 117 
GLY H    H N N 118 
GLY H2   H N N 119 
GLY HA2  H N N 120 
GLY HA3  H N N 121 
GLY HXT  H N N 122 
GOL C1   C N N 123 
GOL O1   O N N 124 
GOL C2   C N N 125 
GOL O2   O N N 126 
GOL C3   C N N 127 
GOL O3   O N N 128 
GOL H11  H N N 129 
GOL H12  H N N 130 
GOL HO1  H N N 131 
GOL H2   H N N 132 
GOL HO2  H N N 133 
GOL H31  H N N 134 
GOL H32  H N N 135 
GOL HO3  H N N 136 
HIS N    N N N 137 
HIS CA   C N S 138 
HIS C    C N N 139 
HIS O    O N N 140 
HIS CB   C N N 141 
HIS CG   C Y N 142 
HIS ND1  N Y N 143 
HIS CD2  C Y N 144 
HIS CE1  C Y N 145 
HIS NE2  N Y N 146 
HIS OXT  O N N 147 
HIS H    H N N 148 
HIS H2   H N N 149 
HIS HA   H N N 150 
HIS HB2  H N N 151 
HIS HB3  H N N 152 
HIS HD1  H N N 153 
HIS HD2  H N N 154 
HIS HE1  H N N 155 
HIS HE2  H N N 156 
HIS HXT  H N N 157 
HOH O    O N N 158 
HOH H1   H N N 159 
HOH H2   H N N 160 
ILE N    N N N 161 
ILE CA   C N S 162 
ILE C    C N N 163 
ILE O    O N N 164 
ILE CB   C N S 165 
ILE CG1  C N N 166 
ILE CG2  C N N 167 
ILE CD1  C N N 168 
ILE OXT  O N N 169 
ILE H    H N N 170 
ILE H2   H N N 171 
ILE HA   H N N 172 
ILE HB   H N N 173 
ILE HG12 H N N 174 
ILE HG13 H N N 175 
ILE HG21 H N N 176 
ILE HG22 H N N 177 
ILE HG23 H N N 178 
ILE HD11 H N N 179 
ILE HD12 H N N 180 
ILE HD13 H N N 181 
ILE HXT  H N N 182 
LEU N    N N N 183 
LEU CA   C N S 184 
LEU C    C N N 185 
LEU O    O N N 186 
LEU CB   C N N 187 
LEU CG   C N N 188 
LEU CD1  C N N 189 
LEU CD2  C N N 190 
LEU OXT  O N N 191 
LEU H    H N N 192 
LEU H2   H N N 193 
LEU HA   H N N 194 
LEU HB2  H N N 195 
LEU HB3  H N N 196 
LEU HG   H N N 197 
LEU HD11 H N N 198 
LEU HD12 H N N 199 
LEU HD13 H N N 200 
LEU HD21 H N N 201 
LEU HD22 H N N 202 
LEU HD23 H N N 203 
LEU HXT  H N N 204 
LYS N    N N N 205 
LYS CA   C N S 206 
LYS C    C N N 207 
LYS O    O N N 208 
LYS CB   C N N 209 
LYS CG   C N N 210 
LYS CD   C N N 211 
LYS CE   C N N 212 
LYS NZ   N N N 213 
LYS OXT  O N N 214 
LYS H    H N N 215 
LYS H2   H N N 216 
LYS HA   H N N 217 
LYS HB2  H N N 218 
LYS HB3  H N N 219 
LYS HG2  H N N 220 
LYS HG3  H N N 221 
LYS HD2  H N N 222 
LYS HD3  H N N 223 
LYS HE2  H N N 224 
LYS HE3  H N N 225 
LYS HZ1  H N N 226 
LYS HZ2  H N N 227 
LYS HZ3  H N N 228 
LYS HXT  H N N 229 
MET N    N N N 230 
MET CA   C N S 231 
MET C    C N N 232 
MET O    O N N 233 
MET CB   C N N 234 
MET CG   C N N 235 
MET SD   S N N 236 
MET CE   C N N 237 
MET OXT  O N N 238 
MET H    H N N 239 
MET H2   H N N 240 
MET HA   H N N 241 
MET HB2  H N N 242 
MET HB3  H N N 243 
MET HG2  H N N 244 
MET HG3  H N N 245 
MET HE1  H N N 246 
MET HE2  H N N 247 
MET HE3  H N N 248 
MET HXT  H N N 249 
PHE N    N N N 250 
PHE CA   C N S 251 
PHE C    C N N 252 
PHE O    O N N 253 
PHE CB   C N N 254 
PHE CG   C Y N 255 
PHE CD1  C Y N 256 
PHE CD2  C Y N 257 
PHE CE1  C Y N 258 
PHE CE2  C Y N 259 
PHE CZ   C Y N 260 
PHE OXT  O N N 261 
PHE H    H N N 262 
PHE H2   H N N 263 
PHE HA   H N N 264 
PHE HB2  H N N 265 
PHE HB3  H N N 266 
PHE HD1  H N N 267 
PHE HD2  H N N 268 
PHE HE1  H N N 269 
PHE HE2  H N N 270 
PHE HZ   H N N 271 
PHE HXT  H N N 272 
PO4 P    P N N 273 
PO4 O1   O N N 274 
PO4 O2   O N N 275 
PO4 O3   O N N 276 
PO4 O4   O N N 277 
PRO N    N N N 278 
PRO CA   C N S 279 
PRO C    C N N 280 
PRO O    O N N 281 
PRO CB   C N N 282 
PRO CG   C N N 283 
PRO CD   C N N 284 
PRO OXT  O N N 285 
PRO H    H N N 286 
PRO HA   H N N 287 
PRO HB2  H N N 288 
PRO HB3  H N N 289 
PRO HG2  H N N 290 
PRO HG3  H N N 291 
PRO HD2  H N N 292 
PRO HD3  H N N 293 
PRO HXT  H N N 294 
SER N    N N N 295 
SER CA   C N S 296 
SER C    C N N 297 
SER O    O N N 298 
SER CB   C N N 299 
SER OG   O N N 300 
SER OXT  O N N 301 
SER H    H N N 302 
SER H2   H N N 303 
SER HA   H N N 304 
SER HB2  H N N 305 
SER HB3  H N N 306 
SER HG   H N N 307 
SER HXT  H N N 308 
THR N    N N N 309 
THR CA   C N S 310 
THR C    C N N 311 
THR O    O N N 312 
THR CB   C N R 313 
THR OG1  O N N 314 
THR CG2  C N N 315 
THR OXT  O N N 316 
THR H    H N N 317 
THR H2   H N N 318 
THR HA   H N N 319 
THR HB   H N N 320 
THR HG1  H N N 321 
THR HG21 H N N 322 
THR HG22 H N N 323 
THR HG23 H N N 324 
THR HXT  H N N 325 
TRP N    N N N 326 
TRP CA   C N S 327 
TRP C    C N N 328 
TRP O    O N N 329 
TRP CB   C N N 330 
TRP CG   C Y N 331 
TRP CD1  C Y N 332 
TRP CD2  C Y N 333 
TRP NE1  N Y N 334 
TRP CE2  C Y N 335 
TRP CE3  C Y N 336 
TRP CZ2  C Y N 337 
TRP CZ3  C Y N 338 
TRP CH2  C Y N 339 
TRP OXT  O N N 340 
TRP H    H N N 341 
TRP H2   H N N 342 
TRP HA   H N N 343 
TRP HB2  H N N 344 
TRP HB3  H N N 345 
TRP HD1  H N N 346 
TRP HE1  H N N 347 
TRP HE3  H N N 348 
TRP HZ2  H N N 349 
TRP HZ3  H N N 350 
TRP HH2  H N N 351 
TRP HXT  H N N 352 
TYR N    N N N 353 
TYR CA   C N S 354 
TYR C    C N N 355 
TYR O    O N N 356 
TYR CB   C N N 357 
TYR CG   C Y N 358 
TYR CD1  C Y N 359 
TYR CD2  C Y N 360 
TYR CE1  C Y N 361 
TYR CE2  C Y N 362 
TYR CZ   C Y N 363 
TYR OH   O N N 364 
TYR OXT  O N N 365 
TYR H    H N N 366 
TYR H2   H N N 367 
TYR HA   H N N 368 
TYR HB2  H N N 369 
TYR HB3  H N N 370 
TYR HD1  H N N 371 
TYR HD2  H N N 372 
TYR HE1  H N N 373 
TYR HE2  H N N 374 
TYR HH   H N N 375 
TYR HXT  H N N 376 
VAL N    N N N 377 
VAL CA   C N S 378 
VAL C    C N N 379 
VAL O    O N N 380 
VAL CB   C N N 381 
VAL CG1  C N N 382 
VAL CG2  C N N 383 
VAL OXT  O N N 384 
VAL H    H N N 385 
VAL H2   H N N 386 
VAL HA   H N N 387 
VAL HB   H N N 388 
VAL HG11 H N N 389 
VAL HG12 H N N 390 
VAL HG13 H N N 391 
VAL HG21 H N N 392 
VAL HG22 H N N 393 
VAL HG23 H N N 394 
VAL HXT  H N N 395 
# 
loop_
_chem_comp_bond.comp_id 
_chem_comp_bond.atom_id_1 
_chem_comp_bond.atom_id_2 
_chem_comp_bond.value_order 
_chem_comp_bond.pdbx_aromatic_flag 
_chem_comp_bond.pdbx_stereo_config 
_chem_comp_bond.pdbx_ordinal 
ALA N   CA   sing N N 1   
ALA N   H    sing N N 2   
ALA N   H2   sing N N 3   
ALA CA  C    sing N N 4   
ALA CA  CB   sing N N 5   
ALA CA  HA   sing N N 6   
ALA C   O    doub N N 7   
ALA C   OXT  sing N N 8   
ALA CB  HB1  sing N N 9   
ALA CB  HB2  sing N N 10  
ALA CB  HB3  sing N N 11  
ALA OXT HXT  sing N N 12  
ARG N   CA   sing N N 13  
ARG N   H    sing N N 14  
ARG N   H2   sing N N 15  
ARG CA  C    sing N N 16  
ARG CA  CB   sing N N 17  
ARG CA  HA   sing N N 18  
ARG C   O    doub N N 19  
ARG C   OXT  sing N N 20  
ARG CB  CG   sing N N 21  
ARG CB  HB2  sing N N 22  
ARG CB  HB3  sing N N 23  
ARG CG  CD   sing N N 24  
ARG CG  HG2  sing N N 25  
ARG CG  HG3  sing N N 26  
ARG CD  NE   sing N N 27  
ARG CD  HD2  sing N N 28  
ARG CD  HD3  sing N N 29  
ARG NE  CZ   sing N N 30  
ARG NE  HE   sing N N 31  
ARG CZ  NH1  sing N N 32  
ARG CZ  NH2  doub N N 33  
ARG NH1 HH11 sing N N 34  
ARG NH1 HH12 sing N N 35  
ARG NH2 HH21 sing N N 36  
ARG NH2 HH22 sing N N 37  
ARG OXT HXT  sing N N 38  
ASN N   CA   sing N N 39  
ASN N   H    sing N N 40  
ASN N   H2   sing N N 41  
ASN CA  C    sing N N 42  
ASN CA  CB   sing N N 43  
ASN CA  HA   sing N N 44  
ASN C   O    doub N N 45  
ASN C   OXT  sing N N 46  
ASN CB  CG   sing N N 47  
ASN CB  HB2  sing N N 48  
ASN CB  HB3  sing N N 49  
ASN CG  OD1  doub N N 50  
ASN CG  ND2  sing N N 51  
ASN ND2 HD21 sing N N 52  
ASN ND2 HD22 sing N N 53  
ASN OXT HXT  sing N N 54  
ASP N   CA   sing N N 55  
ASP N   H    sing N N 56  
ASP N   H2   sing N N 57  
ASP CA  C    sing N N 58  
ASP CA  CB   sing N N 59  
ASP CA  HA   sing N N 60  
ASP C   O    doub N N 61  
ASP C   OXT  sing N N 62  
ASP CB  CG   sing N N 63  
ASP CB  HB2  sing N N 64  
ASP CB  HB3  sing N N 65  
ASP CG  OD1  doub N N 66  
ASP CG  OD2  sing N N 67  
ASP OD2 HD2  sing N N 68  
ASP OXT HXT  sing N N 69  
GLN N   CA   sing N N 70  
GLN N   H    sing N N 71  
GLN N   H2   sing N N 72  
GLN CA  C    sing N N 73  
GLN CA  CB   sing N N 74  
GLN CA  HA   sing N N 75  
GLN C   O    doub N N 76  
GLN C   OXT  sing N N 77  
GLN CB  CG   sing N N 78  
GLN CB  HB2  sing N N 79  
GLN CB  HB3  sing N N 80  
GLN CG  CD   sing N N 81  
GLN CG  HG2  sing N N 82  
GLN CG  HG3  sing N N 83  
GLN CD  OE1  doub N N 84  
GLN CD  NE2  sing N N 85  
GLN NE2 HE21 sing N N 86  
GLN NE2 HE22 sing N N 87  
GLN OXT HXT  sing N N 88  
GLU N   CA   sing N N 89  
GLU N   H    sing N N 90  
GLU N   H2   sing N N 91  
GLU CA  C    sing N N 92  
GLU CA  CB   sing N N 93  
GLU CA  HA   sing N N 94  
GLU C   O    doub N N 95  
GLU C   OXT  sing N N 96  
GLU CB  CG   sing N N 97  
GLU CB  HB2  sing N N 98  
GLU CB  HB3  sing N N 99  
GLU CG  CD   sing N N 100 
GLU CG  HG2  sing N N 101 
GLU CG  HG3  sing N N 102 
GLU CD  OE1  doub N N 103 
GLU CD  OE2  sing N N 104 
GLU OE2 HE2  sing N N 105 
GLU OXT HXT  sing N N 106 
GLY N   CA   sing N N 107 
GLY N   H    sing N N 108 
GLY N   H2   sing N N 109 
GLY CA  C    sing N N 110 
GLY CA  HA2  sing N N 111 
GLY CA  HA3  sing N N 112 
GLY C   O    doub N N 113 
GLY C   OXT  sing N N 114 
GLY OXT HXT  sing N N 115 
GOL C1  O1   sing N N 116 
GOL C1  C2   sing N N 117 
GOL C1  H11  sing N N 118 
GOL C1  H12  sing N N 119 
GOL O1  HO1  sing N N 120 
GOL C2  O2   sing N N 121 
GOL C2  C3   sing N N 122 
GOL C2  H2   sing N N 123 
GOL O2  HO2  sing N N 124 
GOL C3  O3   sing N N 125 
GOL C3  H31  sing N N 126 
GOL C3  H32  sing N N 127 
GOL O3  HO3  sing N N 128 
HIS N   CA   sing N N 129 
HIS N   H    sing N N 130 
HIS N   H2   sing N N 131 
HIS CA  C    sing N N 132 
HIS CA  CB   sing N N 133 
HIS CA  HA   sing N N 134 
HIS C   O    doub N N 135 
HIS C   OXT  sing N N 136 
HIS CB  CG   sing N N 137 
HIS CB  HB2  sing N N 138 
HIS CB  HB3  sing N N 139 
HIS CG  ND1  sing Y N 140 
HIS CG  CD2  doub Y N 141 
HIS ND1 CE1  doub Y N 142 
HIS ND1 HD1  sing N N 143 
HIS CD2 NE2  sing Y N 144 
HIS CD2 HD2  sing N N 145 
HIS CE1 NE2  sing Y N 146 
HIS CE1 HE1  sing N N 147 
HIS NE2 HE2  sing N N 148 
HIS OXT HXT  sing N N 149 
HOH O   H1   sing N N 150 
HOH O   H2   sing N N 151 
ILE N   CA   sing N N 152 
ILE N   H    sing N N 153 
ILE N   H2   sing N N 154 
ILE CA  C    sing N N 155 
ILE CA  CB   sing N N 156 
ILE CA  HA   sing N N 157 
ILE C   O    doub N N 158 
ILE C   OXT  sing N N 159 
ILE CB  CG1  sing N N 160 
ILE CB  CG2  sing N N 161 
ILE CB  HB   sing N N 162 
ILE CG1 CD1  sing N N 163 
ILE CG1 HG12 sing N N 164 
ILE CG1 HG13 sing N N 165 
ILE CG2 HG21 sing N N 166 
ILE CG2 HG22 sing N N 167 
ILE CG2 HG23 sing N N 168 
ILE CD1 HD11 sing N N 169 
ILE CD1 HD12 sing N N 170 
ILE CD1 HD13 sing N N 171 
ILE OXT HXT  sing N N 172 
LEU N   CA   sing N N 173 
LEU N   H    sing N N 174 
LEU N   H2   sing N N 175 
LEU CA  C    sing N N 176 
LEU CA  CB   sing N N 177 
LEU CA  HA   sing N N 178 
LEU C   O    doub N N 179 
LEU C   OXT  sing N N 180 
LEU CB  CG   sing N N 181 
LEU CB  HB2  sing N N 182 
LEU CB  HB3  sing N N 183 
LEU CG  CD1  sing N N 184 
LEU CG  CD2  sing N N 185 
LEU CG  HG   sing N N 186 
LEU CD1 HD11 sing N N 187 
LEU CD1 HD12 sing N N 188 
LEU CD1 HD13 sing N N 189 
LEU CD2 HD21 sing N N 190 
LEU CD2 HD22 sing N N 191 
LEU CD2 HD23 sing N N 192 
LEU OXT HXT  sing N N 193 
LYS N   CA   sing N N 194 
LYS N   H    sing N N 195 
LYS N   H2   sing N N 196 
LYS CA  C    sing N N 197 
LYS CA  CB   sing N N 198 
LYS CA  HA   sing N N 199 
LYS C   O    doub N N 200 
LYS C   OXT  sing N N 201 
LYS CB  CG   sing N N 202 
LYS CB  HB2  sing N N 203 
LYS CB  HB3  sing N N 204 
LYS CG  CD   sing N N 205 
LYS CG  HG2  sing N N 206 
LYS CG  HG3  sing N N 207 
LYS CD  CE   sing N N 208 
LYS CD  HD2  sing N N 209 
LYS CD  HD3  sing N N 210 
LYS CE  NZ   sing N N 211 
LYS CE  HE2  sing N N 212 
LYS CE  HE3  sing N N 213 
LYS NZ  HZ1  sing N N 214 
LYS NZ  HZ2  sing N N 215 
LYS NZ  HZ3  sing N N 216 
LYS OXT HXT  sing N N 217 
MET N   CA   sing N N 218 
MET N   H    sing N N 219 
MET N   H2   sing N N 220 
MET CA  C    sing N N 221 
MET CA  CB   sing N N 222 
MET CA  HA   sing N N 223 
MET C   O    doub N N 224 
MET C   OXT  sing N N 225 
MET CB  CG   sing N N 226 
MET CB  HB2  sing N N 227 
MET CB  HB3  sing N N 228 
MET CG  SD   sing N N 229 
MET CG  HG2  sing N N 230 
MET CG  HG3  sing N N 231 
MET SD  CE   sing N N 232 
MET CE  HE1  sing N N 233 
MET CE  HE2  sing N N 234 
MET CE  HE3  sing N N 235 
MET OXT HXT  sing N N 236 
PHE N   CA   sing N N 237 
PHE N   H    sing N N 238 
PHE N   H2   sing N N 239 
PHE CA  C    sing N N 240 
PHE CA  CB   sing N N 241 
PHE CA  HA   sing N N 242 
PHE C   O    doub N N 243 
PHE C   OXT  sing N N 244 
PHE CB  CG   sing N N 245 
PHE CB  HB2  sing N N 246 
PHE CB  HB3  sing N N 247 
PHE CG  CD1  doub Y N 248 
PHE CG  CD2  sing Y N 249 
PHE CD1 CE1  sing Y N 250 
PHE CD1 HD1  sing N N 251 
PHE CD2 CE2  doub Y N 252 
PHE CD2 HD2  sing N N 253 
PHE CE1 CZ   doub Y N 254 
PHE CE1 HE1  sing N N 255 
PHE CE2 CZ   sing Y N 256 
PHE CE2 HE2  sing N N 257 
PHE CZ  HZ   sing N N 258 
PHE OXT HXT  sing N N 259 
PO4 P   O1   doub N N 260 
PO4 P   O2   sing N N 261 
PO4 P   O3   sing N N 262 
PO4 P   O4   sing N N 263 
PRO N   CA   sing N N 264 
PRO N   CD   sing N N 265 
PRO N   H    sing N N 266 
PRO CA  C    sing N N 267 
PRO CA  CB   sing N N 268 
PRO CA  HA   sing N N 269 
PRO C   O    doub N N 270 
PRO C   OXT  sing N N 271 
PRO CB  CG   sing N N 272 
PRO CB  HB2  sing N N 273 
PRO CB  HB3  sing N N 274 
PRO CG  CD   sing N N 275 
PRO CG  HG2  sing N N 276 
PRO CG  HG3  sing N N 277 
PRO CD  HD2  sing N N 278 
PRO CD  HD3  sing N N 279 
PRO OXT HXT  sing N N 280 
SER N   CA   sing N N 281 
SER N   H    sing N N 282 
SER N   H2   sing N N 283 
SER CA  C    sing N N 284 
SER CA  CB   sing N N 285 
SER CA  HA   sing N N 286 
SER C   O    doub N N 287 
SER C   OXT  sing N N 288 
SER CB  OG   sing N N 289 
SER CB  HB2  sing N N 290 
SER CB  HB3  sing N N 291 
SER OG  HG   sing N N 292 
SER OXT HXT  sing N N 293 
THR N   CA   sing N N 294 
THR N   H    sing N N 295 
THR N   H2   sing N N 296 
THR CA  C    sing N N 297 
THR CA  CB   sing N N 298 
THR CA  HA   sing N N 299 
THR C   O    doub N N 300 
THR C   OXT  sing N N 301 
THR CB  OG1  sing N N 302 
THR CB  CG2  sing N N 303 
THR CB  HB   sing N N 304 
THR OG1 HG1  sing N N 305 
THR CG2 HG21 sing N N 306 
THR CG2 HG22 sing N N 307 
THR CG2 HG23 sing N N 308 
THR OXT HXT  sing N N 309 
TRP N   CA   sing N N 310 
TRP N   H    sing N N 311 
TRP N   H2   sing N N 312 
TRP CA  C    sing N N 313 
TRP CA  CB   sing N N 314 
TRP CA  HA   sing N N 315 
TRP C   O    doub N N 316 
TRP C   OXT  sing N N 317 
TRP CB  CG   sing N N 318 
TRP CB  HB2  sing N N 319 
TRP CB  HB3  sing N N 320 
TRP CG  CD1  doub Y N 321 
TRP CG  CD2  sing Y N 322 
TRP CD1 NE1  sing Y N 323 
TRP CD1 HD1  sing N N 324 
TRP CD2 CE2  doub Y N 325 
TRP CD2 CE3  sing Y N 326 
TRP NE1 CE2  sing Y N 327 
TRP NE1 HE1  sing N N 328 
TRP CE2 CZ2  sing Y N 329 
TRP CE3 CZ3  doub Y N 330 
TRP CE3 HE3  sing N N 331 
TRP CZ2 CH2  doub Y N 332 
TRP CZ2 HZ2  sing N N 333 
TRP CZ3 CH2  sing Y N 334 
TRP CZ3 HZ3  sing N N 335 
TRP CH2 HH2  sing N N 336 
TRP OXT HXT  sing N N 337 
TYR N   CA   sing N N 338 
TYR N   H    sing N N 339 
TYR N   H2   sing N N 340 
TYR CA  C    sing N N 341 
TYR CA  CB   sing N N 342 
TYR CA  HA   sing N N 343 
TYR C   O    doub N N 344 
TYR C   OXT  sing N N 345 
TYR CB  CG   sing N N 346 
TYR CB  HB2  sing N N 347 
TYR CB  HB3  sing N N 348 
TYR CG  CD1  doub Y N 349 
TYR CG  CD2  sing Y N 350 
TYR CD1 CE1  sing Y N 351 
TYR CD1 HD1  sing N N 352 
TYR CD2 CE2  doub Y N 353 
TYR CD2 HD2  sing N N 354 
TYR CE1 CZ   doub Y N 355 
TYR CE1 HE1  sing N N 356 
TYR CE2 CZ   sing Y N 357 
TYR CE2 HE2  sing N N 358 
TYR CZ  OH   sing N N 359 
TYR OH  HH   sing N N 360 
TYR OXT HXT  sing N N 361 
VAL N   CA   sing N N 362 
VAL N   H    sing N N 363 
VAL N   H2   sing N N 364 
VAL CA  C    sing N N 365 
VAL CA  CB   sing N N 366 
VAL CA  HA   sing N N 367 
VAL C   O    doub N N 368 
VAL C   OXT  sing N N 369 
VAL CB  CG1  sing N N 370 
VAL CB  CG2  sing N N 371 
VAL CB  HB   sing N N 372 
VAL CG1 HG11 sing N N 373 
VAL CG1 HG12 sing N N 374 
VAL CG1 HG13 sing N N 375 
VAL CG2 HG21 sing N N 376 
VAL CG2 HG22 sing N N 377 
VAL CG2 HG23 sing N N 378 
VAL OXT HXT  sing N N 379 
# 
_atom_sites.entry_id                    3BR8 
_atom_sites.fract_transf_matrix[1][1]   0.00624680 
_atom_sites.fract_transf_matrix[1][2]   -0.03659569 
_atom_sites.fract_transf_matrix[1][3]   -0.00284674 
_atom_sites.fract_transf_matrix[2][1]   0.00715646 
_atom_sites.fract_transf_matrix[2][2]   0.00271908 
_atom_sites.fract_transf_matrix[2][3]   -0.01925060 
_atom_sites.fract_transf_matrix[3][1]   0.01550074 
_atom_sites.fract_transf_matrix[3][2]   0.00217380 
_atom_sites.fract_transf_matrix[3][3]   0.00606948 
_atom_sites.fract_transf_vector[1]      0.129471 
_atom_sites.fract_transf_vector[2]      0.095186 
_atom_sites.fract_transf_vector[3]      0.637540 
# 
loop_
_atom_type.symbol 
C 
N 
O 
P 
S 
# 
loop_
_atom_site.group_PDB 
_atom_site.id 
_atom_site.type_symbol 
_atom_site.label_atom_id 
_atom_site.label_alt_id 
_atom_site.label_comp_id 
_atom_site.label_asym_id 
_atom_site.label_entity_id 
_atom_site.label_seq_id 
_atom_site.pdbx_PDB_ins_code 
_atom_site.Cartn_x 
_atom_site.Cartn_y 
_atom_site.Cartn_z 
_atom_site.occupancy 
_atom_site.B_iso_or_equiv 
_atom_site.pdbx_formal_charge 
_atom_site.auth_seq_id 
_atom_site.auth_comp_id 
_atom_site.auth_asym_id 
_atom_site.auth_atom_id 
_atom_site.pdbx_PDB_model_num 
ATOM   1   N N   . MET A 1 1  ? -12.944 -9.783  2.689   1.00 26.38 ? 1   MET A N   1 
ATOM   2   C CA  . MET A 1 1  ? -12.091 -10.408 1.644   1.00 24.17 ? 1   MET A CA  1 
ATOM   3   C C   . MET A 1 1  ? -10.782 -10.904 2.290   1.00 23.10 ? 1   MET A C   1 
ATOM   4   O O   . MET A 1 1  ? -10.738 -11.953 2.950   1.00 24.89 ? 1   MET A O   1 
ATOM   5   C CB  . MET A 1 1  ? -11.810 -9.398  0.520   1.00 23.30 ? 1   MET A CB  1 
ATOM   6   C CG  . MET A 1 1  ? -12.989 -8.492  0.114   1.00 23.69 ? 1   MET A CG  1 
ATOM   7   S SD  . MET A 1 1  ? -13.258 -8.461  -1.675  1.00 22.73 ? 1   MET A SD  1 
ATOM   8   C CE  . MET A 1 1  ? -13.275 -10.251 -1.872  1.00 16.75 ? 1   MET A CE  1 
ATOM   9   N N   . LEU A 1 2  ? -9.722  -10.139 2.094   1.00 19.77 ? 2   LEU A N   1 
ATOM   10  C CA  . LEU A 1 2  ? -8.538  -10.239 2.909   1.00 17.34 ? 2   LEU A CA  1 
ATOM   11  C C   . LEU A 1 2  ? -8.065  -8.802  3.107   1.00 14.54 ? 2   LEU A C   1 
ATOM   12  O O   . LEU A 1 2  ? -8.326  -7.936  2.262   1.00 12.79 ? 2   LEU A O   1 
ATOM   13  C CB  . LEU A 1 2  ? -7.480  -11.101 2.211   1.00 18.63 ? 2   LEU A CB  1 
ATOM   14  C CG  . LEU A 1 2  ? -6.600  -12.024 3.063   1.00 19.95 ? 2   LEU A CG  1 
ATOM   15  C CD1 . LEU A 1 2  ? -7.397  -12.996 3.933   1.00 23.93 ? 2   LEU A CD1 1 
ATOM   16  C CD2 . LEU A 1 2  ? -5.636  -12.779 2.161   1.00 19.44 ? 2   LEU A CD2 1 
ATOM   17  N N   . GLN A 1 3  ? -7.432  -8.553  4.248   1.00 13.86 ? 3   GLN A N   1 
ATOM   18  C CA  . GLN A 1 3  ? -6.767  -7.288  4.543   1.00 13.29 ? 3   GLN A CA  1 
ATOM   19  C C   . GLN A 1 3  ? -5.266  -7.545  4.656   1.00 11.58 ? 3   GLN A C   1 
ATOM   20  O O   . GLN A 1 3  ? -4.836  -8.427  5.413   1.00 12.83 ? 3   GLN A O   1 
ATOM   21  C CB  . GLN A 1 3  ? -7.295  -6.691  5.861   1.00 14.84 ? 3   GLN A CB  1 
ATOM   22  C CG  . GLN A 1 3  ? -6.690  -5.341  6.256   1.00 15.60 ? 3   GLN A CG  1 
ATOM   23  C CD  . GLN A 1 3  ? -7.083  -4.889  7.659   1.00 17.77 ? 3   GLN A CD  1 
ATOM   24  O OE1 . GLN A 1 3  ? -8.117  -4.253  7.851   1.00 21.72 ? 3   GLN A OE1 1 
ATOM   25  N NE2 . GLN A 1 3  ? -6.230  -5.180  8.641   1.00 19.08 ? 3   GLN A NE2 1 
ATOM   26  N N   . TYR A 1 4  ? -4.472  -6.765  3.923   1.00 10.22 ? 4   TYR A N   1 
ATOM   27  C CA  . TYR A 1 4  ? -3.026  -6.760  4.124   1.00 9.57  ? 4   TYR A CA  1 
ATOM   28  C C   . TYR A 1 4  ? -2.581  -5.484  4.822   1.00 9.66  ? 4   TYR A C   1 
ATOM   29  O O   . TYR A 1 4  ? -3.007  -4.386  4.463   1.00 10.10 ? 4   TYR A O   1 
ATOM   30  C CB  . TYR A 1 4  ? -2.271  -6.842  2.793   1.00 9.92  ? 4   TYR A CB  1 
ATOM   31  C CG  . TYR A 1 4  ? -2.217  -8.176  2.092   1.00 10.62 ? 4   TYR A CG  1 
ATOM   32  C CD1 . TYR A 1 4  ? -1.676  -8.258  0.820   1.00 10.65 ? 4   TYR A CD1 1 
ATOM   33  C CD2 . TYR A 1 4  ? -2.687  -9.348  2.690   1.00 10.05 ? 4   TYR A CD2 1 
ATOM   34  C CE1 . TYR A 1 4  ? -1.604  -9.449  0.151   1.00 11.33 ? 4   TYR A CE1 1 
ATOM   35  C CE2 . TYR A 1 4  ? -2.615  -10.564 2.023   1.00 11.94 ? 4   TYR A CE2 1 
ATOM   36  C CZ  . TYR A 1 4  ? -2.075  -10.601 0.749   1.00 11.41 ? 4   TYR A CZ  1 
ATOM   37  O OH  . TYR A 1 4  ? -2.005  -11.797 0.080   1.00 13.91 ? 4   TYR A OH  1 
ATOM   38  N N   . ARG A 1 5  ? -1.688  -5.655  5.788   1.00 10.48 ? 5   ARG A N   1 
ATOM   39  C CA  . ARG A 1 5  ? -0.909  -4.565  6.360   1.00 11.43 ? 5   ARG A CA  1 
ATOM   40  C C   . ARG A 1 5  ? 0.500   -4.653  5.793   1.00 11.11 ? 5   ARG A C   1 
ATOM   41  O O   . ARG A 1 5  ? 1.222   -5.617  6.058   1.00 12.29 ? 5   ARG A O   1 
ATOM   42  C CB  . ARG A 1 5  ? -0.864  -4.684  7.877   1.00 13.09 ? 5   ARG A CB  1 
ATOM   43  C CG  . ARG A 1 5  ? -2.179  -4.442  8.536   1.00 14.25 ? 5   ARG A CG  1 
ATOM   44  C CD  . ARG A 1 5  ? -1.993  -4.587  10.014  1.00 16.87 ? 5   ARG A CD  1 
ATOM   45  N NE  . ARG A 1 5  ? -3.227  -4.376  10.748  1.00 20.49 ? 5   ARG A NE  1 
ATOM   46  C CZ  . ARG A 1 5  ? -3.302  -4.417  12.075  1.00 22.44 ? 5   ARG A CZ  1 
ATOM   47  N NH1 . ARG A 1 5  ? -2.213  -4.667  12.798  1.00 22.86 ? 5   ARG A NH1 1 
ATOM   48  N NH2 . ARG A 1 5  ? -4.463  -4.216  12.679  1.00 25.15 ? 5   ARG A NH2 1 
ATOM   49  N N   . ILE A 1 6  ? 0.884   -3.651  5.009   1.00 9.94  ? 6   ILE A N   1 
ATOM   50  C CA  . ILE A 1 6  ? 2.155   -3.639  4.292   1.00 9.82  ? 6   ILE A CA  1 
ATOM   51  C C   . ILE A 1 6  ? 3.007   -2.487  4.809   1.00 9.62  ? 6   ILE A C   1 
ATOM   52  O O   . ILE A 1 6  ? 2.526   -1.357  4.890   1.00 9.22  ? 6   ILE A O   1 
ATOM   53  C CB  . ILE A 1 6  ? 1.916   -3.489  2.760   1.00 10.26 ? 6   ILE A CB  1 
ATOM   54  C CG1 . ILE A 1 6  ? 0.970   -4.587  2.236   1.00 11.56 ? 6   ILE A CG1 1 
ATOM   55  C CG2 . ILE A 1 6  ? 3.238   -3.455  1.992   1.00 11.30 ? 6   ILE A CG2 1 
ATOM   56  C CD1 . ILE A 1 6  ? 0.309   -4.256  0.901   1.00 13.67 ? 6   ILE A CD1 1 
ATOM   57  N N   . ILE A 1 7  ? 4.254   -2.779  5.178   1.00 9.99  ? 7   ILE A N   1 
ATOM   58  C CA  . ILE A 1 7  ? 5.207   -1.726  5.530   1.00 10.13 ? 7   ILE A CA  1 
ATOM   59  C C   . ILE A 1 7  ? 6.352   -1.782  4.527   1.00 9.68  ? 7   ILE A C   1 
ATOM   60  O O   . ILE A 1 7  ? 6.963   -2.844  4.317   1.00 10.64 ? 7   ILE A O   1 
ATOM   61  C CB  . ILE A 1 7  ? 5.747   -1.867  6.971   1.00 11.62 ? 7   ILE A CB  1 
ATOM   62  C CG1 . ILE A 1 7  ? 4.600   -1.778  7.990   1.00 12.28 ? 7   ILE A CG1 1 
ATOM   63  C CG2 . ILE A 1 7  ? 6.787   -0.782  7.256   1.00 13.52 ? 7   ILE A CG2 1 
ATOM   64  C CD1 . ILE A 1 7  ? 4.985   -2.060  9.443   1.00 14.62 ? 7   ILE A CD1 1 
ATOM   65  N N   . VAL A 1 8  ? 6.614   -0.640  3.894   1.00 9.89  ? 8   VAL A N   1 
ATOM   66  C CA  . VAL A 1 8  ? 7.640   -0.534  2.871   1.00 10.75 ? 8   VAL A CA  1 
ATOM   67  C C   . VAL A 1 8  ? 8.802   0.296   3.404   1.00 11.03 ? 8   VAL A C   1 
ATOM   68  O O   . VAL A 1 8  ? 8.589   1.350   4.019   1.00 11.03 ? 8   VAL A O   1 
ATOM   69  C CB  . VAL A 1 8  ? 7.076   0.165   1.606   1.00 11.34 ? 8   VAL A CB  1 
ATOM   70  C CG1 . VAL A 1 8  ? 8.048   0.063   0.448   1.00 12.94 ? 8   VAL A CG1 1 
ATOM   71  C CG2 . VAL A 1 8  ? 5.712   -0.429  1.210   1.00 12.36 ? 8   VAL A CG2 1 
ATOM   72  N N   . ASP A 1 9  ? 10.025  -0.172  3.165   1.00 11.80 ? 9   ASP A N   1 
ATOM   73  C CA  . ASP A 1 9  ? 11.202  0.592   3.532   1.00 13.52 ? 9   ASP A CA  1 
ATOM   74  C C   . ASP A 1 9  ? 12.127  0.769   2.335   1.00 14.20 ? 9   ASP A C   1 
ATOM   75  O O   . ASP A 1 9  ? 12.009  0.056   1.333   1.00 14.38 ? 9   ASP A O   1 
ATOM   76  C CB  . ASP A 1 9  ? 11.941  -0.077  4.699   1.00 15.83 ? 9   ASP A CB  1 
ATOM   77  C CG  . ASP A 1 9  ? 12.882  0.874   5.426   1.00 18.78 ? 9   ASP A CG  1 
ATOM   78  O OD1 . ASP A 1 9  ? 12.818  2.108   5.231   1.00 18.51 ? 9   ASP A OD1 1 
ATOM   79  O OD2 . ASP A 1 9  ? 13.702  0.367   6.212   1.00 23.43 ? 9   ASP A OD2 1 
ATOM   80  N N   . GLY A 1 10 ? 13.036  1.728   2.466   1.00 15.12 ? 10  GLY A N   1 
ATOM   81  C CA  . GLY A 1 10 ? 13.993  2.074   1.420   1.00 16.22 ? 10  GLY A CA  1 
ATOM   82  C C   . GLY A 1 10 ? 14.047  3.577   1.222   1.00 16.51 ? 10  GLY A C   1 
ATOM   83  O O   . GLY A 1 10 ? 13.887  4.345   2.174   1.00 18.34 ? 10  GLY A O   1 
ATOM   84  N N   . ARG A 1 11 ? 14.272  3.992   -0.022  1.00 15.70 ? 11  ARG A N   1 
ATOM   85  C CA  . ARG A 1 11 ? 14.105  5.379   -0.424  1.00 15.42 ? 11  ARG A CA  1 
ATOM   86  C C   . ARG A 1 11 ? 12.681  5.505   -0.929  1.00 13.52 ? 11  ARG A C   1 
ATOM   87  O O   . ARG A 1 11 ? 12.413  5.368   -2.129  1.00 13.28 ? 11  ARG A O   1 
ATOM   88  C CB  . ARG A 1 11 ? 15.099  5.740   -1.523  1.00 16.82 ? 11  ARG A CB  1 
ATOM   89  C CG  . ARG A 1 11 ? 15.132  7.229   -1.859  1.00 19.25 ? 11  ARG A CG  1 
ATOM   90  C CD  . ARG A 1 11 ? 15.771  7.500   -3.224  1.00 22.10 ? 11  ARG A CD  1 
ATOM   91  N NE  . ARG A 1 11 ? 17.097  6.893   -3.341  1.00 24.28 ? 11  ARG A NE  1 
ATOM   92  C CZ  . ARG A 1 11 ? 17.452  5.977   -4.242  1.00 24.17 ? 11  ARG A CZ  1 
ATOM   93  N NH1 . ARG A 1 11 ? 16.593  5.542   -5.159  1.00 22.72 ? 11  ARG A NH1 1 
ATOM   94  N NH2 . ARG A 1 11 ? 18.694  5.504   -4.232  1.00 26.96 ? 11  ARG A NH2 1 
ATOM   95  N N   . VAL A 1 12 ? 11.761  5.743   0.000   1.00 11.76 ? 12  VAL A N   1 
ATOM   96  C CA  . VAL A 1 12 ? 10.336  5.635   -0.304  1.00 10.79 ? 12  VAL A CA  1 
ATOM   97  C C   . VAL A 1 12 ? 9.490   6.831   0.133   1.00 10.21 ? 12  VAL A C   1 
ATOM   98  O O   . VAL A 1 12 ? 8.258   6.747   0.131   1.00 9.63  ? 12  VAL A O   1 
ATOM   99  C CB  . VAL A 1 12 ? 9.738   4.281   0.201   1.00 10.64 ? 12  VAL A CB  1 
ATOM   100 C CG1 . VAL A 1 12 ? 10.339  3.114   -0.585  1.00 12.56 ? 12  VAL A CG1 1 
ATOM   101 C CG2 . VAL A 1 12 ? 9.956   4.095   1.709   1.00 12.38 ? 12  VAL A CG2 1 
ATOM   102 N N   . GLN A 1 13 ? 10.148  7.931   0.503   1.00 10.24 ? 13  GLN A N   1 
ATOM   103 C CA  . GLN A 1 13 ? 9.447   9.189   0.798   1.00 9.84  ? 13  GLN A CA  1 
ATOM   104 C C   . GLN A 1 13 ? 10.017  10.344  -0.015  1.00 10.16 ? 13  GLN A C   1 
ATOM   105 O O   . GLN A 1 13 ? 11.184  10.316  -0.396  1.00 10.48 ? 13  GLN A O   1 
ATOM   106 C CB  . GLN A 1 13 ? 9.479   9.515   2.291   1.00 10.98 ? 13  GLN A CB  1 
ATOM   107 C CG  . GLN A 1 13 ? 8.742   8.481   3.124   1.00 10.31 ? 13  GLN A CG  1 
ATOM   108 C CD  . GLN A 1 13 ? 8.544   8.870   4.576   1.00 12.57 ? 13  GLN A CD  1 
ATOM   109 O OE1 . GLN A 1 13 ? 7.996   8.094   5.364   1.00 13.33 ? 13  GLN A OE1 1 
ATOM   110 N NE2 . GLN A 1 13 ? 8.961   10.073  4.935   1.00 13.35 ? 13  GLN A NE2 1 
ATOM   111 N N   . GLY A 1 14 ? 9.189   11.349  -0.289  1.00 10.11 ? 14  GLY A N   1 
ATOM   112 C CA  . GLY A 1 14 ? 9.594   12.465  -1.137  1.00 10.09 ? 14  GLY A CA  1 
ATOM   113 C C   . GLY A 1 14 ? 9.833   12.047  -2.573  1.00 9.94  ? 14  GLY A C   1 
ATOM   114 O O   . GLY A 1 14 ? 10.579  12.712  -3.296  1.00 10.70 ? 14  GLY A O   1 
ATOM   115 N N   . VAL A 1 15 ? 9.192   10.949  -2.985  1.00 9.28  ? 15  VAL A N   1 
ATOM   116 C CA  . VAL A 1 15 ? 9.370   10.393  -4.333  1.00 8.99  ? 15  VAL A CA  1 
ATOM   117 C C   . VAL A 1 15 ? 8.040   10.080  -5.024  1.00 8.88  ? 15  VAL A C   1 
ATOM   118 O O   . VAL A 1 15 ? 8.003   9.287   -5.966  1.00 9.62  ? 15  VAL A O   1 
ATOM   119 C CB  . VAL A 1 15 ? 10.258  9.105   -4.332  1.00 9.42  ? 15  VAL A CB  1 
ATOM   120 C CG1 . VAL A 1 15 ? 11.727  9.446   -4.056  1.00 10.31 ? 15  VAL A CG1 1 
ATOM   121 C CG2 . VAL A 1 15 ? 9.740   8.083   -3.315  1.00 9.78  ? 15  VAL A CG2 1 
ATOM   122 N N   . GLY A 1 16 ? 6.956   10.707  -4.569  1.00 8.96  ? 16  GLY A N   1 
ATOM   123 C CA  . GLY A 1 16 ? 5.637   10.438  -5.131  1.00 8.52  ? 16  GLY A CA  1 
ATOM   124 C C   . GLY A 1 16 ? 5.149   9.014   -4.891  1.00 7.94  ? 16  GLY A C   1 
ATOM   125 O O   . GLY A 1 16 ? 4.344   8.470   -5.665  1.00 7.67  ? 16  GLY A O   1 
ATOM   126 N N   . PHE A 1 17 ? 5.601   8.406   -3.797  1.00 7.81  ? 17  PHE A N   1 
ATOM   127 C CA  . PHE A 1 17 ? 5.240   7.011   -3.505  1.00 7.76  ? 17  PHE A CA  1 
ATOM   128 C C   . PHE A 1 17 ? 3.782   6.869   -3.077  1.00 7.35  ? 17  PHE A C   1 
ATOM   129 O O   . PHE A 1 17 ? 3.106   5.908   -3.476  1.00 6.58  ? 17  PHE A O   1 
ATOM   130 C CB  . PHE A 1 17 ? 6.161   6.423   -2.420  1.00 8.25  ? 17  PHE A CB  1 
ATOM   131 C CG  . PHE A 1 17 ? 6.330   4.921   -2.507  1.00 8.27  ? 17  PHE A CG  1 
ATOM   132 C CD1 . PHE A 1 17 ? 5.535   4.054   -1.763  1.00 9.83  ? 17  PHE A CD1 1 
ATOM   133 C CD2 . PHE A 1 17 ? 7.328   4.382   -3.315  1.00 11.62 ? 17  PHE A CD2 1 
ATOM   134 C CE1 . PHE A 1 17 ? 5.726   2.659   -1.864  1.00 11.08 ? 17  PHE A CE1 1 
ATOM   135 C CE2 . PHE A 1 17 ? 7.509   3.021   -3.406  1.00 11.50 ? 17  PHE A CE2 1 
ATOM   136 C CZ  . PHE A 1 17 ? 6.704   2.169   -2.699  1.00 11.55 ? 17  PHE A CZ  1 
ATOM   137 N N   . ARG A 1 18 ? 3.285   7.800   -2.264  1.00 7.07  ? 18  ARG A N   1 
ATOM   138 C CA  . ARG A 1 18 ? 1.899   7.705   -1.833  1.00 7.04  ? 18  ARG A CA  1 
ATOM   139 C C   . ARG A 1 18 ? 0.942   7.790   -3.019  1.00 6.79  ? 18  ARG A C   1 
ATOM   140 O O   . ARG A 1 18 ? 0.015   6.999   -3.121  1.00 6.68  ? 18  ARG A O   1 
ATOM   141 C CB  . ARG A 1 18 ? 1.577   8.740   -0.752  1.00 7.57  ? 18  ARG A CB  1 
ATOM   142 C CG  . ARG A 1 18 ? 2.334   8.493   0.562   1.00 7.61  ? 18  ARG A CG  1 
ATOM   143 C CD  . ARG A 1 18 ? 2.196   9.664   1.520   1.00 8.29  ? 18  ARG A CD  1 
ATOM   144 N NE  . ARG A 1 18 ? 2.757   10.878  0.929   1.00 9.71  ? 18  ARG A NE  1 
ATOM   145 C CZ  . ARG A 1 18 ? 2.710   12.084  1.490   1.00 11.48 ? 18  ARG A CZ  1 
ATOM   146 N NH1 . ARG A 1 18 ? 2.144   12.263  2.680   1.00 13.08 ? 18  ARG A NH1 1 
ATOM   147 N NH2 . ARG A 1 18 ? 3.245   13.122  0.856   1.00 13.82 ? 18  ARG A NH2 1 
ATOM   148 N N   . TYR A 1 19 ? 1.188   8.736   -3.924  1.00 7.18  ? 19  TYR A N   1 
ATOM   149 C CA  . TYR A 1 19 ? 0.415   8.846   -5.162  1.00 7.28  ? 19  TYR A CA  1 
ATOM   150 C C   . TYR A 1 19 ? 0.465   7.543   -5.971  1.00 7.05  ? 19  TYR A C   1 
ATOM   151 O O   . TYR A 1 19 ? -0.566  7.061   -6.456  1.00 7.00  ? 19  TYR A O   1 
ATOM   152 C CB  . TYR A 1 19 ? 0.936   10.009  -6.010  1.00 7.76  ? 19  TYR A CB  1 
ATOM   153 C CG  . TYR A 1 19 ? 0.510   9.942   -7.460  1.00 7.71  ? 19  TYR A CG  1 
ATOM   154 C CD1 . TYR A 1 19 ? -0.745  10.405  -7.872  1.00 8.01  ? 19  TYR A CD1 1 
ATOM   155 C CD2 . TYR A 1 19 ? 1.356   9.387   -8.423  1.00 7.61  ? 19  TYR A CD2 1 
ATOM   156 C CE1 . TYR A 1 19 ? -1.129  10.324  -9.216  1.00 7.17  ? 19  TYR A CE1 1 
ATOM   157 C CE2 . TYR A 1 19 ? 0.975   9.285   -9.750  1.00 8.67  ? 19  TYR A CE2 1 
ATOM   158 C CZ  . TYR A 1 19 ? -0.263  9.747   -10.137 1.00 7.64  ? 19  TYR A CZ  1 
ATOM   159 O OH  . TYR A 1 19 ? -0.624  9.645   -11.451 1.00 8.51  ? 19  TYR A OH  1 
ATOM   160 N N   . PHE A 1 20 ? 1.661   6.983   -6.147  1.00 6.77  ? 20  PHE A N   1 
ATOM   161 C CA  . PHE A 1 20 ? 1.815   5.747   -6.901  1.00 6.95  ? 20  PHE A CA  1 
ATOM   162 C C   . PHE A 1 20 ? 1.006   4.608   -6.291  1.00 7.02  ? 20  PHE A C   1 
ATOM   163 O O   . PHE A 1 20 ? 0.293   3.896   -7.004  1.00 6.94  ? 20  PHE A O   1 
ATOM   164 C CB  . PHE A 1 20 ? 3.294   5.367   -6.993  1.00 7.81  ? 20  PHE A CB  1 
ATOM   165 C CG  . PHE A 1 20 ? 3.516   3.972   -7.484  1.00 8.78  ? 20  PHE A CG  1 
ATOM   166 C CD1 . PHE A 1 20 ? 3.259   3.644   -8.812  1.00 10.18 ? 20  PHE A CD1 1 
ATOM   167 C CD2 . PHE A 1 20 ? 3.943   2.978   -6.620  1.00 10.45 ? 20  PHE A CD2 1 
ATOM   168 C CE1 . PHE A 1 20 ? 3.438   2.354   -9.281  1.00 12.39 ? 20  PHE A CE1 1 
ATOM   169 C CE2 . PHE A 1 20 ? 4.123   1.681   -7.084  1.00 11.90 ? 20  PHE A CE2 1 
ATOM   170 C CZ  . PHE A 1 20 ? 3.867   1.371   -8.415  1.00 11.71 ? 20  PHE A CZ  1 
ATOM   171 N N   . VAL A 1 21 ? 1.129   4.432   -4.978  1.00 7.21  ? 21  VAL A N   1 
ATOM   172 C CA  . VAL A 1 21 ? 0.397   3.373   -4.287  1.00 7.03  ? 21  VAL A CA  1 
ATOM   173 C C   . VAL A 1 21 ? -1.109  3.581   -4.450  1.00 7.14  ? 21  VAL A C   1 
ATOM   174 O O   . VAL A 1 21 ? -1.844  2.630   -4.698  1.00 7.17  ? 21  VAL A O   1 
ATOM   175 C CB  . VAL A 1 21 ? 0.772   3.326   -2.798  1.00 7.20  ? 21  VAL A CB  1 
ATOM   176 C CG1 . VAL A 1 21 ? -0.169  2.410   -2.005  1.00 7.02  ? 21  VAL A CG1 1 
ATOM   177 C CG2 . VAL A 1 21 ? 2.211   2.869   -2.627  1.00 7.93  ? 21  VAL A CG2 1 
ATOM   178 N N   . GLN A 1 22 ? -1.565  4.823   -4.330  1.00 7.09  ? 22  GLN A N   1 
ATOM   179 C CA  . GLN A 1 22 ? -2.990  5.110   -4.492  1.00 6.95  ? 22  GLN A CA  1 
ATOM   180 C C   . GLN A 1 22 ? -3.503  4.782   -5.902  1.00 7.14  ? 22  GLN A C   1 
ATOM   181 O O   . GLN A 1 22 ? -4.606  4.227   -6.062  1.00 6.66  ? 22  GLN A O   1 
ATOM   182 C CB  . GLN A 1 22 ? -3.281  6.568   -4.151  1.00 7.41  ? 22  GLN A CB  1 
ATOM   183 C CG  . GLN A 1 22 ? -4.743  6.966   -4.222  1.00 7.10  ? 22  GLN A CG  1 
ATOM   184 C CD  . GLN A 1 22 ? -4.891  8.437   -4.023  1.00 8.54  ? 22  GLN A CD  1 
ATOM   185 O OE1 . GLN A 1 22 ? -4.189  9.224   -4.660  1.00 10.54 ? 22  GLN A OE1 1 
ATOM   186 N NE2 . GLN A 1 22 ? -5.769  8.835   -3.111  1.00 9.72  ? 22  GLN A NE2 1 
ATOM   187 N N   . MET A 1 23 ? -2.727  5.116   -6.927  1.00 7.30  ? 23  MET A N   1 
ATOM   188 C CA  . MET A 1 23 ? -3.132  4.785   -8.295  1.00 7.08  ? 23  MET A CA  1 
ATOM   189 C C   . MET A 1 23 ? -3.215  3.290   -8.488  1.00 6.96  ? 23  MET A C   1 
ATOM   190 O O   . MET A 1 23 ? -4.152  2.803   -9.118  1.00 7.02  ? 23  MET A O   1 
ATOM   191 C CB  . MET A 1 23 ? -2.195  5.396   -9.349  1.00 7.73  ? 23  MET A CB  1 
ATOM   192 C CG  . MET A 1 23 ? -2.134  6.933   -9.387  1.00 9.03  ? 23  MET A CG  1 
ATOM   193 S SD  . MET A 1 23 ? -3.722  7.790   -9.574  1.00 7.99  ? 23  MET A SD  1 
ATOM   194 C CE  . MET A 1 23 ? -4.123  8.185   -7.852  1.00 8.92  ? 23  MET A CE  1 
ATOM   195 N N   . GLU A 1 24 ? -2.253  2.559   -7.926  1.00 7.46  ? 24  GLU A N   1 
ATOM   196 C CA  . GLU A 1 24 ? -2.277  1.100   -8.035  1.00 7.76  ? 24  GLU A CA  1 
ATOM   197 C C   . GLU A 1 24 ? -3.459  0.515   -7.284  1.00 7.45  ? 24  GLU A C   1 
ATOM   198 O O   . GLU A 1 24 ? -4.115  -0.412  -7.769  1.00 7.53  ? 24  GLU A O   1 
ATOM   199 C CB  . GLU A 1 24 ? -0.971  0.501   -7.515  1.00 8.33  ? 24  GLU A CB  1 
ATOM   200 C CG  . GLU A 1 24 ? 0.158   0.552   -8.514  1.00 9.84  ? 24  GLU A CG  1 
ATOM   201 C CD  . GLU A 1 24 ? -0.112  -0.251  -9.790  1.00 9.75  ? 24  GLU A CD  1 
ATOM   202 O OE1 . GLU A 1 24 ? -0.702  -1.356  -9.755  1.00 10.51 ? 24  GLU A OE1 1 
ATOM   203 O OE2 . GLU A 1 24 ? 0.333   0.226   -10.840 1.00 10.57 ? 24  GLU A OE2 1 
ATOM   204 N N   . ALA A 1 25 ? -3.715  1.014   -6.081  1.00 6.95  ? 25  ALA A N   1 
ATOM   205 C CA  . ALA A 1 25 ? -4.835  0.529   -5.284  1.00 7.00  ? 25  ALA A CA  1 
ATOM   206 C C   . ALA A 1 25 ? -6.180  0.795   -5.968  1.00 7.11  ? 25  ALA A C   1 
ATOM   207 O O   . ALA A 1 25 ? -7.034  -0.091  -6.014  1.00 7.19  ? 25  ALA A O   1 
ATOM   208 C CB  . ALA A 1 25 ? -4.812  1.163   -3.924  1.00 7.54  ? 25  ALA A CB  1 
ATOM   209 N N   . ASP A 1 26 ? -6.357  1.992   -6.519  1.00 7.34  ? 26  ASP A N   1 
ATOM   210 C CA  . ASP A 1 26 ? -7.596  2.291   -7.235  1.00 7.78  ? 26  ASP A CA  1 
ATOM   211 C C   . ASP A 1 26 ? -7.740  1.437   -8.493  1.00 7.81  ? 26  ASP A C   1 
ATOM   212 O O   . ASP A 1 26 ? -8.815  0.905   -8.762  1.00 7.99  ? 26  ASP A O   1 
ATOM   213 C CB  . ASP A 1 26 ? -7.688  3.769   -7.589  1.00 8.08  ? 26  ASP A CB  1 
ATOM   214 C CG  . ASP A 1 26 ? -8.043  4.662   -6.402  1.00 9.87  ? 26  ASP A CG  1 
ATOM   215 O OD1 . ASP A 1 26 ? -8.543  4.173   -5.364  1.00 9.49  ? 26  ASP A OD1 1 
ATOM   216 O OD2 . ASP A 1 26 ? -7.852  5.889   -6.544  1.00 9.82  ? 26  ASP A OD2 1 
ATOM   217 N N   . LYS A 1 27 ? -6.657  1.295   -9.254  1.00 7.19  ? 27  LYS A N   1 
ATOM   218 C CA  . LYS A 1 27 ? -6.672  0.426   -10.422 1.00 7.95  ? 27  LYS A CA  1 
ATOM   219 C C   . LYS A 1 27 ? -7.165  -0.963  -10.029 1.00 7.63  ? 27  LYS A C   1 
ATOM   220 O O   . LYS A 1 27 ? -7.979  -1.556  -10.738 1.00 7.64  ? 27  LYS A O   1 
ATOM   221 C CB  . LYS A 1 27 ? -5.270  0.323   -11.028 1.00 7.99  ? 27  LYS A CB  1 
ATOM   222 C CG  . LYS A 1 27 ? -5.124  -0.793  -12.062 1.00 8.66  ? 27  LYS A CG  1 
ATOM   223 C CD  . LYS A 1 27 ? -3.728  -0.854  -12.654 1.00 9.84  ? 27  LYS A CD  1 
ATOM   224 C CE  . LYS A 1 27 ? -3.544  -2.131  -13.450 1.00 10.16 ? 27  LYS A CE  1 
ATOM   225 N NZ  . LYS A 1 27 ? -2.352  -2.017  -14.326 1.00 10.92 ? 27  LYS A NZ  1 
ATOM   226 N N   . ARG A 1 28 ? -6.661  -1.469  -8.905  1.00 7.59  ? 28  ARG A N   1 
ATOM   227 C CA  . ARG A 1 28 ? -6.954  -2.818  -8.449  1.00 7.61  ? 28  ARG A CA  1 
ATOM   228 C C   . ARG A 1 28 ? -8.177  -2.903  -7.539  1.00 7.64  ? 28  ARG A C   1 
ATOM   229 O O   . ARG A 1 28 ? -8.474  -3.960  -6.993  1.00 7.49  ? 28  ARG A O   1 
ATOM   230 C CB  . ARG A 1 28 ? -5.701  -3.425  -7.812  1.00 6.91  ? 28  ARG A CB  1 
ATOM   231 C CG  . ARG A 1 28 ? -4.552  -3.450  -8.794  1.00 7.93  ? 28  ARG A CG  1 
ATOM   232 C CD  . ARG A 1 28 ? -3.255  -4.050  -8.244  1.00 8.50  ? 28  ARG A CD  1 
ATOM   233 N NE  . ARG A 1 28 ? -2.204  -3.727  -9.206  1.00 8.84  ? 28  ARG A NE  1 
ATOM   234 C CZ  . ARG A 1 28 ? -1.977  -4.386  -10.340 1.00 9.61  ? 28  ARG A CZ  1 
ATOM   235 N NH1 . ARG A 1 28 ? -2.627  -5.514  -10.636 1.00 9.71  ? 28  ARG A NH1 1 
ATOM   236 N NH2 . ARG A 1 28 ? -1.068  -3.903  -11.186 1.00 12.09 ? 28  ARG A NH2 1 
ATOM   237 N N   . LYS A 1 29 ? -8.901  -1.792  -7.422  1.00 7.78  ? 29  LYS A N   1 
ATOM   238 C CA  . LYS A 1 29 ? -10.155 -1.692  -6.650  1.00 8.66  ? 29  LYS A CA  1 
ATOM   239 C C   . LYS A 1 29 ? -9.998  -2.138  -5.191  1.00 8.91  ? 29  LYS A C   1 
ATOM   240 O O   . LYS A 1 29 ? -10.850 -2.824  -4.634  1.00 10.29 ? 29  LYS A O   1 
ATOM   241 C CB  . LYS A 1 29 ? -11.330 -2.387  -7.372  1.00 9.46  ? 29  LYS A CB  1 
ATOM   242 C CG  . LYS A 1 29 ? -11.564 -1.826  -8.777  1.00 8.83  ? 29  LYS A CG  1 
ATOM   243 C CD  . LYS A 1 29 ? -12.754 -2.487  -9.489  1.00 11.11 ? 29  LYS A CD  1 
ATOM   244 C CE  . LYS A 1 29 ? -12.876 -2.032  -10.942 1.00 11.19 ? 29  LYS A CE  1 
ATOM   245 N NZ  . LYS A 1 29 ? -14.135 -2.564  -11.584 1.00 13.42 ? 29  LYS A NZ  1 
ATOM   246 N N   . LEU A 1 30 ? -8.889  -1.727  -4.588  1.00 8.08  ? 30  LEU A N   1 
ATOM   247 C CA  . LEU A 1 30 ? -8.603  -2.016  -3.192  1.00 8.53  ? 30  LEU A CA  1 
ATOM   248 C C   . LEU A 1 30 ? -8.987  -0.828  -2.320  1.00 8.79  ? 30  LEU A C   1 
ATOM   249 O O   . LEU A 1 30 ? -8.873  0.324   -2.741  1.00 9.16  ? 30  LEU A O   1 
ATOM   250 C CB  . LEU A 1 30 ? -7.114  -2.332  -3.027  1.00 8.24  ? 30  LEU A CB  1 
ATOM   251 C CG  . LEU A 1 30 ? -6.598  -3.510  -3.851  1.00 8.63  ? 30  LEU A CG  1 
ATOM   252 C CD1 . LEU A 1 30 ? -5.091  -3.607  -3.691  1.00 9.33  ? 30  LEU A CD1 1 
ATOM   253 C CD2 . LEU A 1 30 ? -7.275  -4.794  -3.418  1.00 9.14  ? 30  LEU A CD2 1 
ATOM   254 N N   . ALA A 1 31 ? -9.437  -1.116  -1.105  1.00 8.76  ? 31  ALA A N   1 
ATOM   255 C CA  . ALA A 1 31 ? -9.794  -0.065  -0.149  1.00 9.41  ? 31  ALA A CA  1 
ATOM   256 C C   . ALA A 1 31 ? -8.787  -0.022  1.003   1.00 9.52  ? 31  ALA A C   1 
ATOM   257 O O   . ALA A 1 31 ? -8.148  -1.022  1.319   1.00 10.21 ? 31  ALA A O   1 
ATOM   258 C CB  . ALA A 1 31 ? -11.191 -0.287  0.376   1.00 10.78 ? 31  ALA A CB  1 
ATOM   259 N N   . GLY A 1 32 ? -8.631  1.141   1.619   1.00 9.60  ? 32  GLY A N   1 
ATOM   260 C CA  . GLY A 1 32 ? -7.669  1.299   2.698   1.00 9.59  ? 32  GLY A CA  1 
ATOM   261 C C   . GLY A 1 32 ? -6.966  2.633   2.610   1.00 8.34  ? 32  GLY A C   1 
ATOM   262 O O   . GLY A 1 32 ? -7.589  3.650   2.273   1.00 8.99  ? 32  GLY A O   1 
ATOM   263 N N   . TRP A 1 33 ? -5.666  2.646   2.896   1.00 8.48  ? 33  TRP A N   1 
ATOM   264 C CA  . TRP A 1 33 ? -4.918  3.897   2.908   1.00 8.14  ? 33  TRP A CA  1 
ATOM   265 C C   . TRP A 1 33 ? -3.415  3.680   2.780   1.00 7.78  ? 33  TRP A C   1 
ATOM   266 O O   . TRP A 1 33 ? -2.907  2.566   2.949   1.00 7.31  ? 33  TRP A O   1 
ATOM   267 C CB  . TRP A 1 33 ? -5.213  4.717   4.186   1.00 9.81  ? 33  TRP A CB  1 
ATOM   268 C CG  . TRP A 1 33 ? -4.651  4.104   5.473   1.00 9.78  ? 33  TRP A CG  1 
ATOM   269 C CD1 . TRP A 1 33 ? -3.366  4.223   5.961   1.00 11.26 ? 33  TRP A CD1 1 
ATOM   270 C CD2 . TRP A 1 33 ? -5.362  3.304   6.420   1.00 11.98 ? 33  TRP A CD2 1 
ATOM   271 N NE1 . TRP A 1 33 ? -3.245  3.535   7.146   1.00 12.31 ? 33  TRP A NE1 1 
ATOM   272 C CE2 . TRP A 1 33 ? -4.454  2.971   7.457   1.00 11.45 ? 33  TRP A CE2 1 
ATOM   273 C CE3 . TRP A 1 33 ? -6.681  2.844   6.500   1.00 12.72 ? 33  TRP A CE3 1 
ATOM   274 C CZ2 . TRP A 1 33 ? -4.827  2.193   8.555   1.00 13.48 ? 33  TRP A CZ2 1 
ATOM   275 C CZ3 . TRP A 1 33 ? -7.052  2.065   7.588   1.00 14.12 ? 33  TRP A CZ3 1 
ATOM   276 C CH2 . TRP A 1 33 ? -6.127  1.749   8.604   1.00 13.70 ? 33  TRP A CH2 1 
ATOM   277 N N   . VAL A 1 34 ? -2.724  4.780   2.491   1.00 7.12  ? 34  VAL A N   1 
ATOM   278 C CA  . VAL A 1 34 ? -1.276  4.847   2.487   1.00 7.08  ? 34  VAL A CA  1 
ATOM   279 C C   . VAL A 1 34 ? -0.873  6.082   3.306   1.00 7.59  ? 34  VAL A C   1 
ATOM   280 O O   . VAL A 1 34 ? -1.541  7.125   3.262   1.00 8.66  ? 34  VAL A O   1 
ATOM   281 C CB  . VAL A 1 34 ? -0.705  4.881   1.037   1.00 7.03  ? 34  VAL A CB  1 
ATOM   282 C CG1 . VAL A 1 34 ? -1.199  6.109   0.262   1.00 7.80  ? 34  VAL A CG1 1 
ATOM   283 C CG2 . VAL A 1 34 ? 0.813   4.816   1.047   1.00 6.74  ? 34  VAL A CG2 1 
ATOM   284 N N   . LYS A 1 35 ? 0.217   5.958   4.060   1.00 7.70  ? 35  LYS A N   1 
ATOM   285 C CA  . LYS A 1 35 ? 0.625   7.004   4.996   1.00 9.21  ? 35  LYS A CA  1 
ATOM   286 C C   . LYS A 1 35 ? 2.133   6.965   5.206   1.00 9.56  ? 35  LYS A C   1 
ATOM   287 O O   . LYS A 1 35 ? 2.701   5.894   5.403   1.00 9.81  ? 35  LYS A O   1 
ATOM   288 C CB  . LYS A 1 35 ? -0.086  6.797   6.340   1.00 9.95  ? 35  LYS A CB  1 
ATOM   289 C CG  . LYS A 1 35 ? 0.314   7.749   7.462   1.00 11.32 ? 35  LYS A CG  1 
ATOM   290 C CD  . LYS A 1 35 ? -0.519  7.460   8.695   1.00 12.69 ? 35  LYS A CD  1 
ATOM   291 C CE  . LYS A 1 35 ? 0.014   8.160   9.928   1.00 14.99 ? 35  LYS A CE  1 
ATOM   292 N NZ  . LYS A 1 35 ? -0.834  7.857   11.134  1.00 16.90 ? 35  LYS A NZ  1 
ATOM   293 N N   . ASN A 1 36 ? 2.767   8.133   5.183   1.00 11.22 ? 36  ASN A N   1 
ATOM   294 C CA  . ASN A 1 36 ? 4.171   8.230   5.541   1.00 12.82 ? 36  ASN A CA  1 
ATOM   295 C C   . ASN A 1 36 ? 4.358   8.158   7.056   1.00 15.11 ? 36  ASN A C   1 
ATOM   296 O O   . ASN A 1 36 ? 3.647   8.829   7.808   1.00 16.17 ? 36  ASN A O   1 
ATOM   297 C CB  . ASN A 1 36 ? 4.765   9.544   5.033   1.00 12.84 ? 36  ASN A CB  1 
ATOM   298 C CG  . ASN A 1 36 ? 5.112   9.508   3.558   1.00 11.82 ? 36  ASN A CG  1 
ATOM   299 O OD1 . ASN A 1 36 ? 5.073   8.463   2.907   1.00 11.62 ? 36  ASN A OD1 1 
ATOM   300 N ND2 . ASN A 1 36 ? 5.474   10.666  3.026   1.00 11.37 ? 36  ASN A ND2 1 
ATOM   301 N N   . ARG A 1 37 ? 5.309   7.333   7.492   1.00 11.16 ? 37  ARG A N   1 
ATOM   302 C CA  . ARG A 1 37 ? 5.711   7.283   8.903   1.00 14.37 ? 37  ARG A CA  1 
ATOM   303 C C   . ARG A 1 37 ? 6.872   8.250   9.126   1.00 17.06 ? 37  ARG A C   1 
ATOM   304 O O   . ARG A 1 37 ? 7.655   8.514   8.213   1.00 16.97 ? 37  ARG A O   1 
ATOM   305 C CB  . ARG A 1 37 ? 6.134   5.864   9.310   1.00 14.77 ? 37  ARG A CB  1 
ATOM   306 C CG  . ARG A 1 37 ? 5.114   4.750   9.051   1.00 14.81 ? 37  ARG A CG  1 
ATOM   307 C CD  . ARG A 1 37 ? 3.776   4.941   9.764   1.00 14.61 ? 37  ARG A CD  1 
ATOM   308 N NE  . ARG A 1 37 ? 3.931   5.220   11.194  1.00 14.54 ? 37  ARG A NE  1 
ATOM   309 C CZ  . ARG A 1 37 ? 2.924   5.428   12.041  1.00 14.97 ? 37  ARG A CZ  1 
ATOM   310 N NH1 . ARG A 1 37 ? 1.666   5.367   11.626  1.00 12.99 ? 37  ARG A NH1 1 
ATOM   311 N NH2 . ARG A 1 37 ? 3.177   5.703   13.314  1.00 15.81 ? 37  ARG A NH2 1 
ATOM   312 N N   . ASP A 1 38 ? 7.001   8.779   10.340  1.00 20.36 ? 38  ASP A N   1 
ATOM   313 C CA  . ASP A 1 38 ? 8.077   9.747   10.597  1.00 24.15 ? 38  ASP A CA  1 
ATOM   314 C C   . ASP A 1 38 ? 9.475   9.109   10.701  1.00 25.18 ? 38  ASP A C   1 
ATOM   315 O O   . ASP A 1 38 ? 10.472  9.812   10.891  1.00 29.23 ? 38  ASP A O   1 
ATOM   316 C CB  . ASP A 1 38 ? 7.757   10.672  11.791  1.00 27.71 ? 38  ASP A CB  1 
ATOM   317 C CG  . ASP A 1 38 ? 7.665   9.937   13.120  1.00 30.21 ? 38  ASP A CG  1 
ATOM   318 O OD1 . ASP A 1 38 ? 7.971   8.729   13.187  1.00 30.27 ? 38  ASP A OD1 1 
ATOM   319 O OD2 . ASP A 1 38 ? 7.284   10.594  14.113  1.00 34.17 ? 38  ASP A OD2 1 
ATOM   320 N N   . ASP A 1 39 ? 9.540   7.786   10.558  1.00 23.24 ? 39  ASP A N   1 
ATOM   321 C CA  . ASP A 1 39 ? 10.817  7.065   10.516  1.00 24.27 ? 39  ASP A CA  1 
ATOM   322 C C   . ASP A 1 39 ? 11.248  6.667   9.096   1.00 22.46 ? 39  ASP A C   1 
ATOM   323 O O   . ASP A 1 39 ? 12.190  5.894   8.918   1.00 23.58 ? 39  ASP A O   1 
ATOM   324 C CB  . ASP A 1 39 ? 10.788  5.843   11.446  1.00 24.75 ? 39  ASP A CB  1 
ATOM   325 C CG  . ASP A 1 39 ? 9.675   4.850   11.103  1.00 21.66 ? 39  ASP A CG  1 
ATOM   326 O OD1 . ASP A 1 39 ? 9.170   4.210   12.054  1.00 22.16 ? 39  ASP A OD1 1 
ATOM   327 O OD2 . ASP A 1 39 ? 9.320   4.688   9.909   1.00 20.55 ? 39  ASP A OD2 1 
ATOM   328 N N   . GLY A 1 40 ? 10.556  7.196   8.088   1.00 19.59 ? 40  GLY A N   1 
ATOM   329 C CA  . GLY A 1 40 ? 10.948  6.984   6.694   1.00 17.70 ? 40  GLY A CA  1 
ATOM   330 C C   . GLY A 1 40 ? 10.186  5.893   5.963   1.00 15.12 ? 40  GLY A C   1 
ATOM   331 O O   . GLY A 1 40 ? 10.199  5.830   4.735   1.00 14.30 ? 40  GLY A O   1 
ATOM   332 N N   . ARG A 1 41 ? 9.520   5.028   6.713   1.00 13.88 ? 41  ARG A N   1 
ATOM   333 C CA  . ARG A 1 41 ? 8.768   3.933   6.114   1.00 12.56 ? 41  ARG A CA  1 
ATOM   334 C C   . ARG A 1 41 ? 7.389   4.384   5.657   1.00 10.26 ? 41  ARG A C   1 
ATOM   335 O O   . ARG A 1 41 ? 6.913   5.461   6.029   1.00 11.00 ? 41  ARG A O   1 
ATOM   336 C CB  . ARG A 1 41 ? 8.650   2.778   7.096   1.00 13.79 ? 41  ARG A CB  1 
ATOM   337 C CG  . ARG A 1 41 ? 9.993   2.166   7.464   1.00 17.42 ? 41  ARG A CG  1 
ATOM   338 C CD  . ARG A 1 41 ? 9.818   1.015   8.424   1.00 20.05 ? 41  ARG A CD  1 
ATOM   339 N NE  . ARG A 1 41 ? 9.270   1.480   9.695   1.00 18.56 ? 41  ARG A NE  1 
ATOM   340 C CZ  . ARG A 1 41 ? 8.919   0.688   10.704  1.00 21.60 ? 41  ARG A CZ  1 
ATOM   341 N NH1 . ARG A 1 41 ? 9.028   -0.631  10.595  1.00 23.26 ? 41  ARG A NH1 1 
ATOM   342 N NH2 . ARG A 1 41 ? 8.442   1.221   11.821  1.00 21.77 ? 41  ARG A NH2 1 
ATOM   343 N N   . VAL A 1 42 ? 6.761   3.540   4.843   1.00 11.66 ? 42  VAL A N   1 
ATOM   344 C CA  . VAL A 1 42 ? 5.428   3.825   4.321   1.00 10.06 ? 42  VAL A CA  1 
ATOM   345 C C   . VAL A 1 42 ? 4.506   2.684   4.745   1.00 8.90  ? 42  VAL A C   1 
ATOM   346 O O   . VAL A 1 42 ? 4.831   1.506   4.547   1.00 9.14  ? 42  VAL A O   1 
ATOM   347 C CB  . VAL A 1 42 ? 5.447   3.972   2.778   1.00 10.06 ? 42  VAL A CB  1 
ATOM   348 C CG1 . VAL A 1 42 ? 4.040   4.161   2.233   1.00 10.79 ? 42  VAL A CG1 1 
ATOM   349 C CG2 . VAL A 1 42 ? 6.334   5.148   2.371   1.00 10.64 ? 42  VAL A CG2 1 
ATOM   350 N N   . GLU A 1 43 ? 3.383   3.038   5.364   1.00 8.70  ? 43  GLU A N   1 
ATOM   351 C CA  . GLU A 1 43 ? 2.395   2.050   5.761   1.00 8.48  ? 43  GLU A CA  1 
ATOM   352 C C   . GLU A 1 43 ? 1.254   2.022   4.744   1.00 7.62  ? 43  GLU A C   1 
ATOM   353 O O   . GLU A 1 43 ? 0.825   3.062   4.245   1.00 7.29  ? 43  GLU A O   1 
ATOM   354 C CB  . GLU A 1 43 ? 1.889   2.306   7.195   1.00 10.75 ? 43  GLU A CB  1 
ATOM   355 C CG  . GLU A 1 43 ? 0.730   3.268   7.323   1.00 12.44 ? 43  GLU A CG  1 
ATOM   356 C CD  . GLU A 1 43 ? 0.183   3.353   8.729   1.00 12.40 ? 43  GLU A CD  1 
ATOM   357 O OE1 . GLU A 1 43 ? 0.988   3.332   9.680   1.00 10.91 ? 43  GLU A OE1 1 
ATOM   358 O OE2 . GLU A 1 43 ? -1.049  3.469   8.879   1.00 13.45 ? 43  GLU A OE2 1 
ATOM   359 N N   . ILE A 1 44 ? 0.793   0.817   4.425   1.00 7.64  ? 44  ILE A N   1 
ATOM   360 C CA  . ILE A 1 44 ? -0.285  0.618   3.471   1.00 7.64  ? 44  ILE A CA  1 
ATOM   361 C C   . ILE A 1 44 ? -1.249  -0.401  4.062   1.00 8.14  ? 44  ILE A C   1 
ATOM   362 O O   . ILE A 1 44 ? -0.835  -1.515  4.404   1.00 8.54  ? 44  ILE A O   1 
ATOM   363 C CB  . ILE A 1 44 ? 0.232   0.050   2.123   1.00 8.04  ? 44  ILE A CB  1 
ATOM   364 C CG1 . ILE A 1 44 ? 1.324   0.926   1.488   1.00 8.46  ? 44  ILE A CG1 1 
ATOM   365 C CG2 . ILE A 1 44 ? -0.943  -0.140  1.158   1.00 8.37  ? 44  ILE A CG2 1 
ATOM   366 C CD1 . ILE A 1 44 ? 2.035   0.268   0.295   1.00 8.62  ? 44  ILE A CD1 1 
ATOM   367 N N   . LEU A 1 45 ? -2.518  -0.012  4.200   1.00 8.39  ? 45  LEU A N   1 
ATOM   368 C CA  . LEU A 1 45 ? -3.570  -0.952  4.554   1.00 8.91  ? 45  LEU A CA  1 
ATOM   369 C C   . LEU A 1 45 ? -4.398  -1.157  3.296   1.00 8.56  ? 45  LEU A C   1 
ATOM   370 O O   . LEU A 1 45 ? -4.892  -0.181  2.719   1.00 8.56  ? 45  LEU A O   1 
ATOM   371 C CB  . LEU A 1 45 ? -4.428  -0.383  5.686   1.00 10.27 ? 45  LEU A CB  1 
ATOM   372 C CG  . LEU A 1 45 ? -5.454  -1.284  6.366   1.00 13.54 ? 45  LEU A CG  1 
ATOM   373 C CD1 . LEU A 1 45 ? -6.779  -1.387  5.597   1.00 14.51 ? 45  LEU A CD1 1 
ATOM   374 C CD2 . LEU A 1 45 ? -4.852  -2.637  6.693   1.00 17.98 ? 45  LEU A CD2 1 
ATOM   375 N N   . ALA A 1 46 ? -4.526  -2.405  2.849   1.00 8.84  ? 46  ALA A N   1 
ATOM   376 C CA  . ALA A 1 46 ? -5.275  -2.677  1.626   1.00 8.49  ? 46  ALA A CA  1 
ATOM   377 C C   . ALA A 1 46 ? -6.207  -3.868  1.823   1.00 9.22  ? 46  ALA A C   1 
ATOM   378 O O   . ALA A 1 46 ? -5.793  -4.898  2.360   1.00 9.88  ? 46  ALA A O   1 
ATOM   379 C CB  . ALA A 1 46 ? -4.330  -2.927  0.465   1.00 9.05  ? 46  ALA A CB  1 
ATOM   380 N N   . GLU A 1 47 ? -7.447  -3.730  1.363   1.00 9.39  ? 47  GLU A N   1 
ATOM   381 C CA  A GLU A 1 47 ? -8.511  -4.718  1.519   0.50 11.03 ? 47  GLU A CA  1 
ATOM   382 C CA  B GLU A 1 47 ? -8.476  -4.763  1.499   0.50 11.03 ? 47  GLU A CA  1 
ATOM   383 C C   . GLU A 1 47 ? -9.089  -4.993  0.124   1.00 10.06 ? 47  GLU A C   1 
ATOM   384 O O   . GLU A 1 47 ? -9.431  -4.093  -0.601  1.00 9.70  ? 47  GLU A O   1 
ATOM   385 C CB  A GLU A 1 47 ? -9.628  -4.222  2.451   0.50 12.17 ? 47  GLU A CB  1 
ATOM   386 C CB  B GLU A 1 47 ? -9.586  -4.276  2.418   0.50 12.15 ? 47  GLU A CB  1 
ATOM   387 C CG  A GLU A 1 47 ? -9.190  -3.855  3.876   0.50 15.39 ? 47  GLU A CG  1 
ATOM   388 C CG  B GLU A 1 47 ? -10.705 -5.269  2.547   0.50 16.15 ? 47  GLU A CG  1 
ATOM   389 C CD  A GLU A 1 47 ? -10.339 -3.457  4.805   0.50 17.22 ? 47  GLU A CD  1 
ATOM   390 C CD  B GLU A 1 47 ? -11.689 -4.843  3.603   0.50 17.81 ? 47  GLU A CD  1 
ATOM   391 O OE1 A GLU A 1 47 ? -11.478 -3.245  4.330   0.50 19.59 ? 47  GLU A OE1 1 
ATOM   392 O OE1 B GLU A 1 47 ? -11.482 -3.770  4.272   0.50 19.75 ? 47  GLU A OE1 1 
ATOM   393 O OE2 A GLU A 1 47 ? -10.105 -3.366  6.031   0.50 20.47 ? 47  GLU A OE2 1 
ATOM   394 O OE2 B GLU A 1 47 ? -12.688 -5.585  3.719   0.50 21.32 ? 47  GLU A OE2 1 
ATOM   395 N N   . GLY A 1 48 ? -9.276  -6.268  -0.198  1.00 9.65  ? 48  GLY A N   1 
ATOM   396 C CA  . GLY A 1 48 ? -9.895  -6.629  -1.474  1.00 10.42 ? 48  GLY A CA  1 
ATOM   397 C C   . GLY A 1 48 ? -9.712  -8.106  -1.773  1.00 10.54 ? 48  GLY A C   1 
ATOM   398 O O   . GLY A 1 48 ? -9.287  -8.877  -0.894  1.00 11.40 ? 48  GLY A O   1 
ATOM   399 N N   . PRO A 1 49 ? -10.040 -8.515  -3.009  1.00 11.19 ? 49  PRO A N   1 
ATOM   400 C CA  . PRO A 1 49 ? -9.857  -9.901  -3.410  1.00 11.77 ? 49  PRO A CA  1 
ATOM   401 C C   . PRO A 1 49 ? -8.392  -10.291 -3.490  1.00 10.69 ? 49  PRO A C   1 
ATOM   402 O O   . PRO A 1 49 ? -7.515  -9.456  -3.749  1.00 10.06 ? 49  PRO A O   1 
ATOM   403 C CB  . PRO A 1 49 ? -10.493 -9.965  -4.803  1.00 12.36 ? 49  PRO A CB  1 
ATOM   404 C CG  . PRO A 1 49 ? -11.280 -8.710  -4.964  1.00 13.06 ? 49  PRO A CG  1 
ATOM   405 C CD  . PRO A 1 49 ? -10.623 -7.694  -4.087  1.00 10.90 ? 49  PRO A CD  1 
ATOM   406 N N   . GLU A 1 50 ? -8.138  -11.569 -3.274  1.00 11.34 ? 50  GLU A N   1 
ATOM   407 C CA  . GLU A 1 50 ? -6.788  -12.079 -3.196  1.00 11.73 ? 50  GLU A CA  1 
ATOM   408 C C   . GLU A 1 50 ? -5.955  -11.833 -4.469  1.00 11.07 ? 50  GLU A C   1 
ATOM   409 O O   . GLU A 1 50 ? -4.765  -11.505 -4.378  1.00 10.24 ? 50  GLU A O   1 
ATOM   410 C CB  . GLU A 1 50 ? -6.842  -13.559 -2.800  1.00 13.66 ? 50  GLU A CB  1 
ATOM   411 C CG  . GLU A 1 50 ? -7.274  -13.815 -1.324  1.00 16.16 ? 50  GLU A CG  1 
ATOM   412 C CD  . GLU A 1 50 ? -8.809  -13.846 -1.066  1.00 18.23 ? 50  GLU A CD  1 
ATOM   413 O OE1 . GLU A 1 50 ? -9.637  -13.574 -1.976  1.00 16.34 ? 50  GLU A OE1 1 
ATOM   414 O OE2 . GLU A 1 50 ? -9.192  -14.166 0.089   1.00 19.23 ? 50  GLU A OE2 1 
ATOM   415 N N   . ASN A 1 51 ? -6.557  -11.962 -5.653  1.00 10.64 ? 51  ASN A N   1 
ATOM   416 C CA  . ASN A 1 51 ? -5.796  -11.726 -6.885  1.00 10.87 ? 51  ASN A CA  1 
ATOM   417 C C   . ASN A 1 51 ? -5.308  -10.282 -7.029  1.00 9.74  ? 51  ASN A C   1 
ATOM   418 O O   . ASN A 1 51 ? -4.158  -10.028 -7.409  1.00 9.51  ? 51  ASN A O   1 
ATOM   419 C CB  . ASN A 1 51 ? -6.528  -12.223 -8.157  1.00 11.45 ? 51  ASN A CB  1 
ATOM   420 C CG  . ASN A 1 51 ? -7.949  -11.660 -8.326  1.00 12.10 ? 51  ASN A CG  1 
ATOM   421 O OD1 . ASN A 1 51 ? -8.334  -10.671 -7.697  1.00 10.79 ? 51  ASN A OD1 1 
ATOM   422 N ND2 . ASN A 1 51 ? -8.719  -12.285 -9.227  1.00 11.81 ? 51  ASN A ND2 1 
ATOM   423 N N   . ALA A 1 52 ? -6.185  -9.350  -6.671  1.00 8.85  ? 52  ALA A N   1 
ATOM   424 C CA  . ALA A 1 52 ? -5.874  -7.929  -6.627  1.00 8.17  ? 52  ALA A CA  1 
ATOM   425 C C   . ALA A 1 52 ? -4.802  -7.602  -5.584  1.00 8.18  ? 52  ALA A C   1 
ATOM   426 O O   . ALA A 1 52 ? -3.866  -6.846  -5.861  1.00 7.34  ? 52  ALA A O   1 
ATOM   427 C CB  . ALA A 1 52 ? -7.161  -7.123  -6.378  1.00 8.76  ? 52  ALA A CB  1 
ATOM   428 N N   . LEU A 1 53 ? -4.929  -8.178  -4.389  1.00 7.59  ? 53  LEU A N   1 
ATOM   429 C CA  . LEU A 1 53 ? -3.968  -7.931  -3.333  1.00 7.69  ? 53  LEU A CA  1 
ATOM   430 C C   . LEU A 1 53 ? -2.587  -8.464  -3.671  1.00 7.52  ? 53  LEU A C   1 
ATOM   431 O O   . LEU A 1 53 ? -1.583  -7.791  -3.435  1.00 7.85  ? 53  LEU A O   1 
ATOM   432 C CB  . LEU A 1 53 ? -4.434  -8.547  -2.009  1.00 8.40  ? 53  LEU A CB  1 
ATOM   433 C CG  . LEU A 1 53 ? -5.519  -7.812  -1.219  1.00 9.04  ? 53  LEU A CG  1 
ATOM   434 C CD1 . LEU A 1 53 ? -5.971  -8.669  -0.055  1.00 9.75  ? 53  LEU A CD1 1 
ATOM   435 C CD2 . LEU A 1 53 ? -5.036  -6.445  -0.726  1.00 9.56  ? 53  LEU A CD2 1 
ATOM   436 N N   . GLN A 1 54 ? -2.517  -9.686  -4.196  1.00 7.87  ? 54  GLN A N   1 
ATOM   437 C CA  . GLN A 1 54 ? -1.224  -10.272 -4.535  1.00 8.59  ? 54  GLN A CA  1 
ATOM   438 C C   . GLN A 1 54 ? -0.526  -9.485  -5.634  1.00 8.23  ? 54  GLN A C   1 
ATOM   439 O O   . GLN A 1 54 ? 0.666   -9.189  -5.531  1.00 8.42  ? 54  GLN A O   1 
ATOM   440 C CB  . GLN A 1 54 ? -1.396  -11.729 -4.957  1.00 8.96  ? 54  GLN A CB  1 
ATOM   441 C CG  . GLN A 1 54 ? -0.078  -12.421 -5.286  1.00 9.06  ? 54  GLN A CG  1 
ATOM   442 C CD  . GLN A 1 54 ? -0.239  -13.878 -5.648  1.00 9.90  ? 54  GLN A CD  1 
ATOM   443 O OE1 . GLN A 1 54 ? 0.592   -14.442 -6.366  1.00 12.65 ? 54  GLN A OE1 1 
ATOM   444 N NE2 . GLN A 1 54 ? -1.298  -14.506 -5.151  1.00 11.18 ? 54  GLN A NE2 1 
ATOM   445 N N   . SER A 1 55 ? -1.260  -9.157  -6.698  1.00 7.92  ? 55  SER A N   1 
ATOM   446 C CA  . SER A 1 55 ? -0.689  -8.366  -7.779  1.00 8.63  ? 55  SER A CA  1 
ATOM   447 C C   . SER A 1 55 ? -0.325  -6.949  -7.317  1.00 8.05  ? 55  SER A C   1 
ATOM   448 O O   . SER A 1 55 ? 0.682   -6.396  -7.765  1.00 8.52  ? 55  SER A O   1 
ATOM   449 C CB  . SER A 1 55 ? -1.615  -8.357  -9.006  1.00 9.63  ? 55  SER A CB  1 
ATOM   450 O OG  . SER A 1 55 ? -2.882  -7.789  -8.729  1.00 9.48  ? 55  SER A OG  1 
ATOM   451 N N   . PHE A 1 56 ? -1.111  -6.378  -6.404  1.00 7.61  ? 56  PHE A N   1 
ATOM   452 C CA  . PHE A 1 56 ? -0.779  -5.077  -5.797  1.00 7.31  ? 56  PHE A CA  1 
ATOM   453 C C   . PHE A 1 56 ? 0.575   -5.094  -5.083  1.00 7.68  ? 56  PHE A C   1 
ATOM   454 O O   . PHE A 1 56 ? 1.381   -4.174  -5.270  1.00 8.26  ? 56  PHE A O   1 
ATOM   455 C CB  . PHE A 1 56 ? -1.900  -4.706  -4.831  1.00 7.34  ? 56  PHE A CB  1 
ATOM   456 C CG  . PHE A 1 56 ? -1.688  -3.431  -4.044  1.00 6.18  ? 56  PHE A CG  1 
ATOM   457 C CD1 . PHE A 1 56 ? -1.749  -2.180  -4.653  1.00 6.41  ? 56  PHE A CD1 1 
ATOM   458 C CD2 . PHE A 1 56 ? -1.550  -3.483  -2.657  1.00 7.41  ? 56  PHE A CD2 1 
ATOM   459 C CE1 . PHE A 1 56 ? -1.615  -1.021  -3.893  1.00 7.19  ? 56  PHE A CE1 1 
ATOM   460 C CE2 . PHE A 1 56 ? -1.421  -2.323  -1.896  1.00 6.80  ? 56  PHE A CE2 1 
ATOM   461 C CZ  . PHE A 1 56 ? -1.462  -1.088  -2.514  1.00 6.91  ? 56  PHE A CZ  1 
ATOM   462 N N   . VAL A 1 57 ? 0.830   -6.123  -4.275  1.00 8.30  ? 57  VAL A N   1 
ATOM   463 C CA  . VAL A 1 57 ? 2.109   -6.235  -3.576  1.00 8.39  ? 57  VAL A CA  1 
ATOM   464 C C   . VAL A 1 57 ? 3.280   -6.215  -4.565  1.00 8.75  ? 57  VAL A C   1 
ATOM   465 O O   . VAL A 1 57 ? 4.293   -5.538  -4.340  1.00 8.46  ? 57  VAL A O   1 
ATOM   466 C CB  . VAL A 1 57 ? 2.144   -7.505  -2.686  1.00 8.87  ? 57  VAL A CB  1 
ATOM   467 C CG1 . VAL A 1 57 ? 3.557   -7.807  -2.191  1.00 9.99  ? 57  VAL A CG1 1 
ATOM   468 C CG2 . VAL A 1 57 ? 1.214   -7.330  -1.506  1.00 10.25 ? 57  VAL A CG2 1 
ATOM   469 N N   . GLU A 1 58 ? 3.145   -6.941  -5.675  1.00 8.87  ? 58  GLU A N   1 
ATOM   470 C CA  . GLU A 1 58 ? 4.207   -6.942  -6.684  1.00 9.90  ? 58  GLU A CA  1 
ATOM   471 C C   . GLU A 1 58 ? 4.407   -5.578  -7.338  1.00 10.54 ? 58  GLU A C   1 
ATOM   472 O O   . GLU A 1 58 ? 5.534   -5.143  -7.572  1.00 10.69 ? 58  GLU A O   1 
ATOM   473 C CB  . GLU A 1 58 ? 3.955   -8.015  -7.739  1.00 11.14 ? 58  GLU A CB  1 
ATOM   474 C CG  . GLU A 1 58 ? 4.085   -9.412  -7.182  1.00 11.93 ? 58  GLU A CG  1 
ATOM   475 C CD  . GLU A 1 58 ? 5.385   -9.601  -6.405  1.00 13.73 ? 58  GLU A CD  1 
ATOM   476 O OE1 . GLU A 1 58 ? 6.470   -9.501  -7.026  1.00 15.11 ? 58  GLU A OE1 1 
ATOM   477 O OE2 . GLU A 1 58 ? 5.310   -9.850  -5.181  1.00 13.23 ? 58  GLU A OE2 1 
ATOM   478 N N   . ALA A 1 59 ? 3.302   -4.889  -7.608  1.00 10.13 ? 59  ALA A N   1 
ATOM   479 C CA  . ALA A 1 59 ? 3.378   -3.543  -8.185  1.00 11.42 ? 59  ALA A CA  1 
ATOM   480 C C   . ALA A 1 59 ? 4.050   -2.564  -7.230  1.00 11.69 ? 59  ALA A C   1 
ATOM   481 O O   . ALA A 1 59 ? 4.887   -1.755  -7.633  1.00 12.42 ? 59  ALA A O   1 
ATOM   482 C CB  . ALA A 1 59 ? 1.989   -3.038  -8.581  1.00 11.63 ? 59  ALA A CB  1 
ATOM   483 N N   . VAL A 1 60 ? 3.703   -2.656  -5.951  1.00 10.21 ? 60  VAL A N   1 
ATOM   484 C CA  . VAL A 1 60 ? 4.288   -1.772  -4.941  1.00 9.87  ? 60  VAL A CA  1 
ATOM   485 C C   . VAL A 1 60 ? 5.817   -1.890  -4.933  1.00 9.85  ? 60  VAL A C   1 
ATOM   486 O O   . VAL A 1 60 ? 6.529   -0.882  -4.827  1.00 9.75  ? 60  VAL A O   1 
ATOM   487 C CB  . VAL A 1 60 ? 3.674   -2.032  -3.529  1.00 10.81 ? 60  VAL A CB  1 
ATOM   488 C CG1 . VAL A 1 60 ? 4.478   -1.340  -2.410  1.00 12.04 ? 60  VAL A CG1 1 
ATOM   489 C CG2 . VAL A 1 60 ? 2.210   -1.571  -3.490  1.00 12.21 ? 60  VAL A CG2 1 
ATOM   490 N N   . LYS A 1 61 ? 6.322   -3.115  -5.068  1.00 10.94 ? 61  LYS A N   1 
ATOM   491 C CA  . LYS A 1 61 ? 7.767   -3.354  -5.092  1.00 12.54 ? 61  LYS A CA  1 
ATOM   492 C C   . LYS A 1 61 ? 8.472   -2.567  -6.199  1.00 12.86 ? 61  LYS A C   1 
ATOM   493 O O   . LYS A 1 61 ? 9.625   -2.172  -6.031  1.00 13.80 ? 61  LYS A O   1 
ATOM   494 C CB  . LYS A 1 61 ? 8.073   -4.844  -5.252  1.00 14.23 ? 61  LYS A CB  1 
ATOM   495 C CG  . LYS A 1 61 ? 7.765   -5.679  -4.032  1.00 14.54 ? 61  LYS A CG  1 
ATOM   496 C CD  . LYS A 1 61 ? 7.956   -7.163  -4.335  1.00 15.83 ? 61  LYS A CD  1 
ATOM   497 C CE  . LYS A 1 61 ? 7.438   -8.038  -3.204  1.00 18.00 ? 61  LYS A CE  1 
ATOM   498 N NZ  . LYS A 1 61 ? 7.471   -9.494  -3.539  1.00 19.17 ? 61  LYS A NZ  1 
ATOM   499 N N   . ASN A 1 62 ? 7.796   -2.365  -7.331  1.00 13.26 ? 62  ASN A N   1 
ATOM   500 C CA  . ASN A 1 62 ? 8.366   -1.593  -8.443  1.00 14.53 ? 62  ASN A CA  1 
ATOM   501 C C   . ASN A 1 62 ? 8.494   -0.097  -8.141  1.00 13.37 ? 62  ASN A C   1 
ATOM   502 O O   . ASN A 1 62 ? 9.375   0.594   -8.678  1.00 14.24 ? 62  ASN A O   1 
ATOM   503 C CB  . ASN A 1 62 ? 7.564   -1.821  -9.726  1.00 16.22 ? 62  ASN A CB  1 
ATOM   504 C CG  . ASN A 1 62 ? 7.649   -3.250  -10.216 1.00 19.87 ? 62  ASN A CG  1 
ATOM   505 O OD1 . ASN A 1 62 ? 8.696   -3.895  -10.120 1.00 23.20 ? 62  ASN A OD1 1 
ATOM   506 N ND2 . ASN A 1 62 ? 6.543   -3.757  -10.745 1.00 22.14 ? 62  ASN A ND2 1 
ATOM   507 N N   . GLY A 1 63 ? 7.605   0.408   -7.296  1.00 11.78 ? 63  GLY A N   1 
ATOM   508 C CA  . GLY A 1 63 ? 7.729   1.768   -6.783  1.00 11.30 ? 63  GLY A CA  1 
ATOM   509 C C   . GLY A 1 63 ? 7.399   2.876   -7.756  1.00 11.36 ? 63  GLY A C   1 
ATOM   510 O O   . GLY A 1 63 ? 6.975   2.634   -8.891  1.00 12.33 ? 63  GLY A O   1 
ATOM   511 N N   . SER A 1 64 ? 7.608   4.097   -7.269  1.00 10.41 ? 64  SER A N   1 
ATOM   512 C CA  . SER A 1 64 ? 7.423   5.336   -8.009  1.00 10.58 ? 64  SER A CA  1 
ATOM   513 C C   . SER A 1 64 ? 8.778   5.775   -8.571  1.00 10.32 ? 64  SER A C   1 
ATOM   514 O O   . SER A 1 64 ? 9.811   5.247   -8.159  1.00 9.90  ? 64  SER A O   1 
ATOM   515 C CB  . SER A 1 64 ? 6.901   6.400   -7.039  1.00 10.96 ? 64  SER A CB  1 
ATOM   516 O OG  . SER A 1 64 ? 7.822   6.570   -5.962  1.00 10.07 ? 64  SER A OG  1 
ATOM   517 N N   . PRO A 1 65 ? 8.788   6.758   -9.496  1.00 10.64 ? 65  PRO A N   1 
ATOM   518 C CA  . PRO A 1 65 ? 10.075  7.278   -9.976  1.00 11.55 ? 65  PRO A CA  1 
ATOM   519 C C   . PRO A 1 65 ? 10.993  7.756   -8.848  1.00 11.18 ? 65  PRO A C   1 
ATOM   520 O O   . PRO A 1 65 ? 10.547  8.428   -7.912  1.00 11.21 ? 65  PRO A O   1 
ATOM   521 C CB  . PRO A 1 65 ? 9.666   8.428   -10.905 1.00 12.14 ? 65  PRO A CB  1 
ATOM   522 C CG  . PRO A 1 65 ? 8.297   8.006   -11.395 1.00 13.98 ? 65  PRO A CG  1 
ATOM   523 C CD  . PRO A 1 65 ? 7.652   7.407   -10.183 1.00 12.63 ? 65  PRO A CD  1 
ATOM   524 N N   . PHE A 1 66 ? 12.264  7.368   -8.955  1.00 10.22 ? 66  PHE A N   1 
ATOM   525 C CA  . PHE A 1 66 ? 13.326  7.692   -7.989  1.00 11.46 ? 66  PHE A CA  1 
ATOM   526 C C   . PHE A 1 66 ? 13.262  6.934   -6.670  1.00 11.82 ? 66  PHE A C   1 
ATOM   527 O O   . PHE A 1 66 ? 14.155  7.066   -5.846  1.00 13.38 ? 66  PHE A O   1 
ATOM   528 C CB  . PHE A 1 66 ? 13.463  9.205   -7.764  1.00 12.23 ? 66  PHE A CB  1 
ATOM   529 C CG  . PHE A 1 66 ? 13.702  9.957   -9.033  1.00 12.58 ? 66  PHE A CG  1 
ATOM   530 C CD1 . PHE A 1 66 ? 12.669  10.659  -9.631  1.00 12.00 ? 66  PHE A CD1 1 
ATOM   531 C CD2 . PHE A 1 66 ? 14.943  9.895   -9.676  1.00 13.86 ? 66  PHE A CD2 1 
ATOM   532 C CE1 . PHE A 1 66 ? 12.868  11.315  -10.842 1.00 13.11 ? 66  PHE A CE1 1 
ATOM   533 C CE2 . PHE A 1 66 ? 15.152  10.550  -10.872 1.00 15.58 ? 66  PHE A CE2 1 
ATOM   534 C CZ  . PHE A 1 66 ? 14.110  11.259  -11.459 1.00 13.32 ? 66  PHE A CZ  1 
ATOM   535 N N   . SER A 1 67 ? 12.213  6.137   -6.474  1.00 10.84 ? 67  SER A N   1 
ATOM   536 C CA  . SER A 1 67 ? 12.119  5.309   -5.276  1.00 11.45 ? 67  SER A CA  1 
ATOM   537 C C   . SER A 1 67 ? 13.003  4.079   -5.393  1.00 12.96 ? 67  SER A C   1 
ATOM   538 O O   . SER A 1 67 ? 13.343  3.644   -6.495  1.00 13.39 ? 67  SER A O   1 
ATOM   539 C CB  . SER A 1 67 ? 10.672  4.891   -5.017  1.00 10.98 ? 67  SER A CB  1 
ATOM   540 O OG  . SER A 1 67 ? 10.261  3.847   -5.894  1.00 10.67 ? 67  SER A OG  1 
ATOM   541 N N   . LYS A 1 68 ? 13.388  3.538   -4.241  1.00 13.60 ? 68  LYS A N   1 
ATOM   542 C CA  . LYS A 1 68 ? 13.973  2.207   -4.179  1.00 15.76 ? 68  LYS A CA  1 
ATOM   543 C C   . LYS A 1 68 ? 13.413  1.462   -2.978  1.00 16.13 ? 68  LYS A C   1 
ATOM   544 O O   . LYS A 1 68 ? 13.664  1.841   -1.830  1.00 16.85 ? 68  LYS A O   1 
ATOM   545 C CB  . LYS A 1 68 ? 15.503  2.267   -4.107  1.00 18.25 ? 68  LYS A CB  1 
ATOM   546 C CG  . LYS A 1 68 ? 16.166  0.894   -4.174  1.00 23.19 ? 68  LYS A CG  1 
ATOM   547 C CD  . LYS A 1 68 ? 17.666  0.987   -3.990  1.00 28.37 ? 68  LYS A CD  1 
ATOM   548 N N   . VAL A 1 69 ? 12.635  0.418   -3.254  1.00 16.83 ? 69  VAL A N   1 
ATOM   549 C CA  . VAL A 1 69 ? 12.076  -0.441  -2.208  1.00 17.55 ? 69  VAL A CA  1 
ATOM   550 C C   . VAL A 1 69 ? 13.120  -1.473  -1.789  1.00 20.42 ? 69  VAL A C   1 
ATOM   551 O O   . VAL A 1 69 ? 13.541  -2.303  -2.601  1.00 22.88 ? 69  VAL A O   1 
ATOM   552 C CB  . VAL A 1 69 ? 10.783  -1.152  -2.678  1.00 17.92 ? 69  VAL A CB  1 
ATOM   553 C CG1 . VAL A 1 69 ? 10.292  -2.149  -1.644  1.00 19.71 ? 69  VAL A CG1 1 
ATOM   554 C CG2 . VAL A 1 69 ? 9.703   -0.124  -2.970  1.00 16.18 ? 69  VAL A CG2 1 
ATOM   555 N N   . THR A 1 70 ? 13.542  -1.410  -0.530  1.00 21.07 ? 70  THR A N   1 
ATOM   556 C CA  . THR A 1 70 ? 14.554  -2.342  -0.019  1.00 25.18 ? 70  THR A CA  1 
ATOM   557 C C   . THR A 1 70 ? 13.927  -3.452  0.821   1.00 26.65 ? 70  THR A C   1 
ATOM   558 O O   . THR A 1 70 ? 14.509  -4.524  0.974   1.00 30.41 ? 70  THR A O   1 
ATOM   559 C CB  . THR A 1 70 ? 15.648  -1.626  0.801   1.00 26.89 ? 70  THR A CB  1 
ATOM   560 O OG1 . THR A 1 70 ? 15.061  -1.002  1.950   1.00 27.00 ? 70  THR A OG1 1 
ATOM   561 C CG2 . THR A 1 70 ? 16.383  -0.586  -0.049  1.00 27.24 ? 70  THR A CG2 1 
ATOM   562 N N   . ASP A 1 71 ? 12.744  -3.188  1.368   1.00 23.96 ? 71  ASP A N   1 
ATOM   563 C CA  . ASP A 1 71 ? 12.009  -4.203  2.115   1.00 25.64 ? 71  ASP A CA  1 
ATOM   564 C C   . ASP A 1 71 ? 10.505  -3.991  2.036   1.00 22.97 ? 71  ASP A C   1 
ATOM   565 O O   . ASP A 1 71 ? 10.030  -2.854  2.005   1.00 20.19 ? 71  ASP A O   1 
ATOM   566 C CB  . ASP A 1 71 ? 12.437  -4.230  3.583   1.00 27.35 ? 71  ASP A CB  1 
ATOM   567 C CG  . ASP A 1 71 ? 11.833  -5.399  4.335   1.00 30.68 ? 71  ASP A CG  1 
ATOM   568 O OD1 . ASP A 1 71 ? 11.011  -5.167  5.248   1.00 31.62 ? 71  ASP A OD1 1 
ATOM   569 O OD2 . ASP A 1 71 ? 12.158  -6.551  3.996   1.00 34.92 ? 71  ASP A OD2 1 
ATOM   570 N N   . ILE A 1 72 ? 9.767   -5.100  1.988   1.00 26.30 ? 72  ILE A N   1 
ATOM   571 C CA  . ILE A 1 72 ? 8.315   -5.086  2.150   1.00 24.02 ? 72  ILE A CA  1 
ATOM   572 C C   . ILE A 1 72 ? 7.926   -6.183  3.137   1.00 21.87 ? 72  ILE A C   1 
ATOM   573 O O   . ILE A 1 72 ? 8.244   -7.361  2.936   1.00 24.33 ? 72  ILE A O   1 
ATOM   574 C CB  . ILE A 1 72 ? 7.554   -5.275  0.810   1.00 26.47 ? 72  ILE A CB  1 
ATOM   575 C CG1 . ILE A 1 72 ? 7.669   -4.014  -0.050  1.00 30.45 ? 72  ILE A CG1 1 
ATOM   576 C CG2 . ILE A 1 72 ? 6.080   -5.597  1.064   1.00 25.74 ? 72  ILE A CG2 1 
ATOM   577 C CD1 . ILE A 1 72 ? 6.787   -4.001  -1.280  1.00 35.18 ? 72  ILE A CD1 1 
ATOM   578 N N   . SER A 1 73 ? 7.274   -5.779  4.222   1.00 19.27 ? 73  SER A N   1 
ATOM   579 C CA  . SER A 1 73 ? 6.711   -6.734  5.166   1.00 18.16 ? 73  SER A CA  1 
ATOM   580 C C   . SER A 1 73 ? 5.210   -6.717  4.978   1.00 16.04 ? 73  SER A C   1 
ATOM   581 O O   . SER A 1 73 ? 4.626   -5.660  4.771   1.00 15.23 ? 73  SER A O   1 
ATOM   582 C CB  . SER A 1 73 ? 7.084   -6.373  6.605   1.00 21.34 ? 73  SER A CB  1 
ATOM   583 O OG  . SER A 1 73 ? 6.395   -5.220  7.046   1.00 22.48 ? 73  SER A OG  1 
ATOM   584 N N   . VAL A 1 74 ? 4.594   -7.889  5.025   1.00 15.60 ? 74  VAL A N   1 
ATOM   585 C CA  . VAL A 1 74 ? 3.152   -8.014  4.852   1.00 13.73 ? 74  VAL A CA  1 
ATOM   586 C C   . VAL A 1 74 ? 2.628   -8.918  5.962   1.00 14.40 ? 74  VAL A C   1 
ATOM   587 O O   . VAL A 1 74 ? 3.188   -9.987  6.199   1.00 16.33 ? 74  VAL A O   1 
ATOM   588 C CB  . VAL A 1 74 ? 2.794   -8.662  3.485   1.00 15.15 ? 74  VAL A CB  1 
ATOM   589 C CG1 . VAL A 1 74 ? 1.271   -8.676  3.261   1.00 15.54 ? 74  VAL A CG1 1 
ATOM   590 C CG2 . VAL A 1 74 ? 3.498   -7.961  2.327   1.00 16.65 ? 74  VAL A CG2 1 
ATOM   591 N N   . THR A 1 75 ? 1.586   -8.479  6.663   1.00 13.97 ? 75  THR A N   1 
ATOM   592 C CA  . THR A 1 75 ? 0.803   -9.354  7.543   1.00 15.51 ? 75  THR A CA  1 
ATOM   593 C C   . THR A 1 75 ? -0.660  -9.313  7.098   1.00 13.88 ? 75  THR A C   1 
ATOM   594 O O   . THR A 1 75 ? -1.125  -8.319  6.533   1.00 13.97 ? 75  THR A O   1 
ATOM   595 C CB  . THR A 1 75 ? 0.899   -8.969  9.040   1.00 19.09 ? 75  THR A CB  1 
ATOM   596 O OG1 . THR A 1 75 ? 0.366   -7.656  9.234   1.00 18.89 ? 75  THR A OG1 1 
ATOM   597 C CG2 . THR A 1 75 ? 2.343   -9.023  9.544   1.00 22.96 ? 75  THR A CG2 1 
ATOM   598 N N   . GLU A 1 76 ? -1.392  -10.396 7.365   1.00 14.99 ? 76  GLU A N   1 
ATOM   599 C CA  . GLU A 1 76 ? -2.753  -10.508 6.844   1.00 15.18 ? 76  GLU A CA  1 
ATOM   600 C C   . GLU A 1 76 ? -3.830  -10.855 7.869   1.00 17.06 ? 76  GLU A C   1 
ATOM   601 O O   . GLU A 1 76 ? -3.544  -11.453 8.908   1.00 19.18 ? 76  GLU A O   1 
ATOM   602 C CB  . GLU A 1 76 ? -2.789  -11.510 5.687   1.00 16.81 ? 76  GLU A CB  1 
ATOM   603 C CG  . GLU A 1 76 ? -2.465  -12.940 6.100   1.00 20.00 ? 76  GLU A CG  1 
ATOM   604 C CD  . GLU A 1 76 ? -2.573  -13.915 4.958   1.00 24.76 ? 76  GLU A CD  1 
ATOM   605 O OE1 . GLU A 1 76 ? -1.849  -13.735 3.960   1.00 27.15 ? 76  GLU A OE1 1 
ATOM   606 O OE2 . GLU A 1 76 ? -3.368  -14.873 5.072   1.00 28.50 ? 76  GLU A OE2 1 
ATOM   607 N N   . SER A 1 77 ? -5.067  -10.484 7.544   1.00 17.80 ? 77  SER A N   1 
ATOM   608 C CA  . SER A 1 77 ? -6.235  -10.775 8.375   1.00 20.50 ? 77  SER A CA  1 
ATOM   609 C C   . SER A 1 77 ? -7.476  -10.957 7.508   1.00 22.06 ? 77  SER A C   1 
ATOM   610 O O   . SER A 1 77 ? -7.632  -10.293 6.478   1.00 22.09 ? 77  SER A O   1 
ATOM   611 C CB  . SER A 1 77 ? -6.475  -9.647  9.386   1.00 23.49 ? 77  SER A CB  1 
ATOM   612 O OG  . SER A 1 77 ? -7.610  -9.927  10.189  1.00 27.70 ? 77  SER A OG  1 
ATOM   613 N N   . ARG A 1 78 ? -8.354  -11.860 7.935   1.00 33.27 ? 78  ARG A N   1 
ATOM   614 C CA  . ARG A 1 78 ? -9.643  -12.059 7.278   1.00 34.40 ? 78  ARG A CA  1 
ATOM   615 C C   . ARG A 1 78 ? -10.660 -11.019 7.752   1.00 35.79 ? 78  ARG A C   1 
ATOM   616 O O   . ARG A 1 78 ? -11.737 -10.879 7.164   1.00 36.27 ? 78  ARG A O   1 
ATOM   617 N N   . SER A 1 79 ? -10.307 -10.294 8.813   1.00 38.38 ? 79  SER A N   1 
ATOM   618 C CA  . SER A 1 79 ? -11.180 -9.281  9.394   1.00 41.35 ? 79  SER A CA  1 
ATOM   619 C C   . SER A 1 79 ? -10.998 -7.938  8.689   1.00 37.06 ? 79  SER A C   1 
ATOM   620 O O   . SER A 1 79 ? -9.999  -7.240  8.898   1.00 37.01 ? 79  SER A O   1 
ATOM   621 C CB  . SER A 1 79 ? -10.916 -9.144  10.896  1.00 48.91 ? 79  SER A CB  1 
ATOM   622 N N   . LEU A 1 80 ? -11.961 -7.593  7.841   1.00 35.06 ? 80  LEU A N   1 
ATOM   623 C CA  . LEU A 1 80 ? -11.932 -6.321  7.124   1.00 32.23 ? 80  LEU A CA  1 
ATOM   624 C C   . LEU A 1 80 ? -12.781 -5.283  7.845   1.00 35.48 ? 80  LEU A C   1 
ATOM   625 O O   . LEU A 1 80 ? -13.860 -5.596  8.358   1.00 39.98 ? 80  LEU A O   1 
ATOM   626 C CB  . LEU A 1 80 ? -12.419 -6.497  5.683   1.00 29.67 ? 80  LEU A CB  1 
ATOM   627 C CG  . LEU A 1 80 ? -11.440 -7.020  4.626   1.00 27.54 ? 80  LEU A CG  1 
ATOM   628 C CD1 . LEU A 1 80 ? -11.063 -8.480  4.854   1.00 28.96 ? 80  LEU A CD1 1 
ATOM   629 C CD2 . LEU A 1 80 ? -12.054 -6.839  3.246   1.00 28.43 ? 80  LEU A CD2 1 
ATOM   630 N N   . GLU A 1 81 ? -12.294 -4.045  7.880   1.00 34.90 ? 81  GLU A N   1 
ATOM   631 C CA  . GLU A 1 81 ? -13.012 -2.959  8.542   1.00 39.02 ? 81  GLU A CA  1 
ATOM   632 C C   . GLU A 1 81 ? -14.121 -2.394  7.653   1.00 37.07 ? 81  GLU A C   1 
ATOM   633 O O   . GLU A 1 81 ? -14.871 -1.508  8.068   1.00 40.60 ? 81  GLU A O   1 
ATOM   634 C CB  . GLU A 1 81 ? -12.045 -1.851  8.968   1.00 41.36 ? 81  GLU A CB  1 
ATOM   635 N N   . GLY A 1 82 ? -14.217 -2.916  6.431   1.00 32.95 ? 82  GLY A N   1 
ATOM   636 C CA  . GLY A 1 82 ? -15.242 -2.490  5.485   1.00 32.64 ? 82  GLY A CA  1 
ATOM   637 C C   . GLY A 1 82 ? -14.953 -1.138  4.866   1.00 30.45 ? 82  GLY A C   1 
ATOM   638 O O   . GLY A 1 82 ? -15.874 -0.410  4.498   1.00 32.53 ? 82  GLY A O   1 
ATOM   639 N N   . HIS A 1 83 ? -13.669 -0.801  4.753   1.00 27.85 ? 83  HIS A N   1 
ATOM   640 C CA  . HIS A 1 83 ? -13.262 0.434   4.105   1.00 27.02 ? 83  HIS A CA  1 
ATOM   641 C C   . HIS A 1 83 ? -13.791 0.514   2.687   1.00 25.94 ? 83  HIS A C   1 
ATOM   642 O O   . HIS A 1 83 ? -13.866 -0.488  1.965   1.00 25.70 ? 83  HIS A O   1 
ATOM   643 C CB  . HIS A 1 83 ? -11.738 0.584   4.088   1.00 26.97 ? 83  HIS A CB  1 
ATOM   644 C CG  . HIS A 1 83 ? -11.152 0.894   5.427   1.00 30.25 ? 83  HIS A CG  1 
ATOM   645 N ND1 . HIS A 1 83 ? -11.136 2.167   5.958   1.00 34.66 ? 83  HIS A ND1 1 
ATOM   646 C CD2 . HIS A 1 83 ? -10.571 0.091   6.349   1.00 32.11 ? 83  HIS A CD2 1 
ATOM   647 C CE1 . HIS A 1 83 ? -10.569 2.134   7.151   1.00 39.99 ? 83  HIS A CE1 1 
ATOM   648 N NE2 . HIS A 1 83 ? -10.218 0.887   7.411   1.00 37.67 ? 83  HIS A NE2 1 
ATOM   649 N N   . HIS A 1 84 ? -14.171 1.716   2.308   1.00 29.18 ? 84  HIS A N   1 
ATOM   650 C CA  . HIS A 1 84 ? -14.439 2.060   0.946   1.00 30.77 ? 84  HIS A CA  1 
ATOM   651 C C   . HIS A 1 84 ? -13.370 3.099   0.615   1.00 31.96 ? 84  HIS A C   1 
ATOM   652 O O   . HIS A 1 84 ? -12.946 3.861   1.468   1.00 28.42 ? 84  HIS A O   1 
ATOM   653 C CB  . HIS A 1 84 ? -15.830 2.701   0.819   1.00 33.48 ? 84  HIS A CB  1 
ATOM   654 C CG  . HIS A 1 84 ? -16.973 1.742   0.978   1.00 35.12 ? 84  HIS A CG  1 
ATOM   655 N ND1 . HIS A 1 84 ? -18.283 2.156   1.047   1.00 39.05 ? 84  HIS A ND1 1 
ATOM   656 C CD2 . HIS A 1 84 ? -17.001 0.396   1.057   1.00 34.92 ? 84  HIS A CD2 1 
ATOM   657 C CE1 . HIS A 1 84 ? -19.070 1.104   1.161   1.00 41.83 ? 84  HIS A CE1 1 
ATOM   658 N NE2 . HIS A 1 84 ? -18.313 0.024   1.188   1.00 39.27 ? 84  HIS A NE2 1 
ATOM   659 N N   . ARG A 1 85 ? -12.973 3.113   -0.630  1.00 21.86 ? 85  ARG A N   1 
ATOM   660 C CA  . ARG A 1 85 ? -12.024 4.107   -1.105  1.00 18.33 ? 85  ARG A CA  1 
ATOM   661 C C   . ARG A 1 85 ? -10.624 3.882   -0.550  1.00 13.86 ? 85  ARG A C   1 
ATOM   662 O O   . ARG A 1 85 ? -10.412 3.217   0.483   1.00 12.54 ? 85  ARG A O   1 
ATOM   663 C CB  . ARG A 1 85 ? -12.495 5.534   -0.802  1.00 20.60 ? 85  ARG A CB  1 
ATOM   664 C CG  . ARG A 1 85 ? -13.817 5.904   -1.465  1.00 24.78 ? 85  ARG A CG  1 
ATOM   665 N N   . PHE A 1 86 ? -9.668  4.442   -1.272  1.00 11.54 ? 86  PHE A N   1 
ATOM   666 C CA  . PHE A 1 86 ? -8.279  4.345   -0.899  1.00 9.40  ? 86  PHE A CA  1 
ATOM   667 C C   . PHE A 1 86 ? -7.714  5.754   -0.782  1.00 9.59  ? 86  PHE A C   1 
ATOM   668 O O   . PHE A 1 86 ? -7.659  6.512   -1.764  1.00 11.42 ? 86  PHE A O   1 
ATOM   669 C CB  . PHE A 1 86 ? -7.483  3.497   -1.888  1.00 9.04  ? 86  PHE A CB  1 
ATOM   670 C CG  . PHE A 1 86 ? -6.144  3.108   -1.360  1.00 7.68  ? 86  PHE A CG  1 
ATOM   671 C CD1 . PHE A 1 86 ? -5.958  1.892   -0.707  1.00 7.88  ? 86  PHE A CD1 1 
ATOM   672 C CD2 . PHE A 1 86 ? -5.068  3.991   -1.470  1.00 7.36  ? 86  PHE A CD2 1 
ATOM   673 C CE1 . PHE A 1 86 ? -4.717  1.557   -0.208  1.00 7.81  ? 86  PHE A CE1 1 
ATOM   674 C CE2 . PHE A 1 86 ? -3.833  3.665   -0.973  1.00 8.03  ? 86  PHE A CE2 1 
ATOM   675 C CZ  . PHE A 1 86 ? -3.648  2.451   -0.348  1.00 8.36  ? 86  PHE A CZ  1 
ATOM   676 N N   . SER A 1 87 ? -7.284  6.093   0.424   1.00 9.28  ? 87  SER A N   1 
ATOM   677 C CA  . SER A 1 87 ? -6.903  7.461   0.716   1.00 9.79  ? 87  SER A CA  1 
ATOM   678 C C   . SER A 1 87 ? -5.429  7.606   1.025   1.00 9.17  ? 87  SER A C   1 
ATOM   679 O O   . SER A 1 87 ? -4.809  6.695   1.575   1.00 9.22  ? 87  SER A O   1 
ATOM   680 C CB  . SER A 1 87 ? -7.712  7.953   1.913   1.00 11.40 ? 87  SER A CB  1 
ATOM   681 O OG  . SER A 1 87 ? -9.086  7.962   1.598   1.00 15.35 ? 87  SER A OG  1 
ATOM   682 N N   . ILE A 1 88 ? -4.874  8.764   0.671   1.00 9.61  ? 88  ILE A N   1 
ATOM   683 C CA  . ILE A 1 88 ? -3.604  9.206   1.225   1.00 10.06 ? 88  ILE A CA  1 
ATOM   684 C C   . ILE A 1 88 ? -3.965  9.916   2.526   1.00 11.66 ? 88  ILE A C   1 
ATOM   685 O O   . ILE A 1 88 ? -4.661  10.937  2.503   1.00 13.96 ? 88  ILE A O   1 
ATOM   686 C CB  . ILE A 1 88 ? -2.821  10.151  0.262   1.00 11.69 ? 88  ILE A CB  1 
ATOM   687 C CG1 . ILE A 1 88 ? -2.462  9.429   -1.047  1.00 11.38 ? 88  ILE A CG1 1 
ATOM   688 C CG2 . ILE A 1 88 ? -1.567  10.719  0.951   1.00 12.86 ? 88  ILE A CG2 1 
ATOM   689 C CD1 . ILE A 1 88 ? -1.837  10.332  -2.137  1.00 13.46 ? 88  ILE A CD1 1 
ATOM   690 N N   . VAL A 1 89 ? -3.487  9.399   3.652   1.00 12.33 ? 89  VAL A N   1 
ATOM   691 C CA  A VAL A 1 89 ? -3.926  9.859   4.965   0.50 15.80 ? 89  VAL A CA  1 
ATOM   692 C CA  B VAL A 1 89 ? -3.927  9.840   4.983   0.50 15.81 ? 89  VAL A CA  1 
ATOM   693 C C   . VAL A 1 89 ? -2.759  10.419  5.750   1.00 17.75 ? 89  VAL A C   1 
ATOM   694 O O   . VAL A 1 89 ? -1.592  10.136  5.487   1.00 17.09 ? 89  VAL A O   1 
ATOM   695 C CB  A VAL A 1 89 ? -4.659  8.778   5.824   0.50 16.71 ? 89  VAL A CB  1 
ATOM   696 C CB  B VAL A 1 89 ? -4.518  8.685   5.823   0.50 16.60 ? 89  VAL A CB  1 
ATOM   697 C CG1 A VAL A 1 89 ? -5.912  8.248   5.113   0.50 17.29 ? 89  VAL A CG1 1 
ATOM   698 C CG1 B VAL A 1 89 ? -4.558  9.042   7.327   0.50 21.93 ? 89  VAL A CG1 1 
ATOM   699 C CG2 A VAL A 1 89 ? -3.732  7.643   6.210   0.50 18.33 ? 89  VAL A CG2 1 
ATOM   700 C CG2 B VAL A 1 89 ? -5.886  8.254   5.280   0.50 17.48 ? 89  VAL A CG2 1 
ATOM   701 N N   . TYR A 1 90 ? -3.137  11.262  6.722   1.00 20.92 ? 90  TYR A N   1 
ATOM   702 C CA  . TYR A 1 90 ? -2.227  12.003  7.585   1.00 24.66 ? 90  TYR A CA  1 
ATOM   703 C C   . TYR A 1 90 ? -2.582  11.743  9.056   1.00 28.62 ? 90  TYR A C   1 
ATOM   704 O O   . TYR A 1 90 ? -1.873  12.162  9.973   1.00 33.01 ? 90  TYR A O   1 
ATOM   705 C CB  . TYR A 1 90 ? -2.347  13.499  7.281   1.00 26.27 ? 90  TYR A CB  1 
ATOM   706 C CG  . TYR A 1 90 ? -1.970  13.866  5.864   1.00 24.56 ? 90  TYR A CG  1 
ATOM   707 C CD1 . TYR A 1 90 ? -2.930  13.946  4.849   1.00 23.72 ? 90  TYR A CD1 1 
ATOM   708 C CD2 . TYR A 1 90 ? -0.644  14.141  5.540   1.00 26.54 ? 90  TYR A CD2 1 
ATOM   709 C CE1 . TYR A 1 90 ? -2.562  14.284  3.538   1.00 22.73 ? 90  TYR A CE1 1 
ATOM   710 C CE2 . TYR A 1 90 ? -0.272  14.478  4.251   1.00 24.96 ? 90  TYR A CE2 1 
ATOM   711 C CZ  . TYR A 1 90 ? -1.223  14.549  3.258   1.00 22.28 ? 90  TYR A CZ  1 
ATOM   712 O OH  . TYR A 1 90 ? -0.807  14.884  1.989   1.00 23.87 ? 90  TYR A OH  1 
HETATM 713 P P   . PO4 B 2 .  ? 5.878   11.021  -1.133  1.00 9.35  ? 92  PO4 A P   1 
HETATM 714 O O1  . PO4 B 2 .  ? 6.713   9.797   -1.505  1.00 9.35  ? 92  PO4 A O1  1 
HETATM 715 O O2  . PO4 B 2 .  ? 6.198   12.041  -2.204  1.00 11.31 ? 92  PO4 A O2  1 
HETATM 716 O O3  . PO4 B 2 .  ? 6.333   11.484  0.243   1.00 10.80 ? 92  PO4 A O3  1 
HETATM 717 O O4  . PO4 B 2 .  ? 4.411   10.625  -1.209  1.00 9.40  ? 92  PO4 A O4  1 
HETATM 718 C C1  . GOL C 3 .  ? 3.435   13.819  -3.388  1.00 17.64 ? 93  GOL A C1  1 
HETATM 719 O O1  . GOL C 3 .  ? 3.890   13.786  -2.054  1.00 16.62 ? 93  GOL A O1  1 
HETATM 720 C C2  . GOL C 3 .  ? 2.005   13.306  -3.401  1.00 16.62 ? 93  GOL A C2  1 
HETATM 721 O O2  . GOL C 3 .  ? 1.504   13.326  -4.719  1.00 15.62 ? 93  GOL A O2  1 
HETATM 722 C C3  . GOL C 3 .  ? 1.932   11.891  -2.817  1.00 13.36 ? 93  GOL A C3  1 
HETATM 723 O O3  . GOL C 3 .  ? 2.901   10.983  -3.341  1.00 9.38  ? 93  GOL A O3  1 
HETATM 724 O O   . HOH D 4 .  ? 1.884   15.912  1.113   1.00 20.92 ? 94  HOH A O   1 
HETATM 725 O O   . HOH D 4 .  ? 5.953   8.013   0.382   1.00 10.00 ? 95  HOH A O   1 
HETATM 726 O O   . HOH D 4 .  ? 6.382   -10.070 5.294   1.00 29.81 ? 96  HOH A O   1 
HETATM 727 O O   . HOH D 4 .  ? 4.756   8.873   -8.462  1.00 13.33 ? 97  HOH A O   1 
HETATM 728 O O   . HOH D 4 .  ? -9.173  -13.343 -5.725  1.00 16.45 ? 98  HOH A O   1 
HETATM 729 O O   . HOH D 4 .  ? -9.917  1.857   -4.642  1.00 13.13 ? 99  HOH A O   1 
HETATM 730 O O   . HOH D 4 .  ? 9.555   -2.966  5.600   1.00 16.15 ? 100 HOH A O   1 
HETATM 731 O O   . HOH D 4 .  ? -13.293 4.710   4.284   1.00 22.89 ? 101 HOH A O   1 
HETATM 732 O O   . HOH D 4 .  ? -9.836  -0.053  -12.127 1.00 14.62 ? 102 HOH A O   1 
HETATM 733 O O   . HOH D 4 .  ? 7.351   14.354  -2.868  1.00 24.19 ? 103 HOH A O   1 
HETATM 734 O O   . HOH D 4 .  ? 1.380   -7.033  -10.393 1.00 15.02 ? 104 HOH A O   1 
HETATM 735 O O   . HOH D 4 .  ? -8.268  7.215   -4.285  1.00 10.77 ? 105 HOH A O   1 
HETATM 736 O O   . HOH D 4 .  ? 1.192   10.537  4.901   1.00 14.68 ? 106 HOH A O   1 
HETATM 737 O O   . HOH D 4 .  ? 3.451   -5.270  7.776   1.00 21.57 ? 107 HOH A O   1 
HETATM 738 O O   . HOH D 4 .  ? 13.372  11.749  -1.476  1.00 18.74 ? 108 HOH A O   1 
HETATM 739 O O   . HOH D 4 .  ? 11.591  2.372   -8.430  1.00 14.60 ? 109 HOH A O   1 
HETATM 740 O O   . HOH D 4 .  ? 4.985   8.209   12.339  1.00 20.70 ? 110 HOH A O   1 
HETATM 741 O O   . HOH D 4 .  ? -6.685  12.397  3.457   1.00 15.23 ? 111 HOH A O   1 
HETATM 742 O O   . HOH D 4 .  ? -4.904  13.397  0.202   1.00 18.87 ? 112 HOH A O   1 
HETATM 743 O O   . HOH D 4 .  ? 11.647  -0.178  -6.000  1.00 23.16 ? 113 HOH A O   1 
HETATM 744 O O   . HOH D 4 .  ? -4.324  -7.275  8.221   1.00 20.41 ? 114 HOH A O   1 
HETATM 745 O O   . HOH D 4 .  ? 6.565   1.279   -11.148 1.00 18.52 ? 115 HOH A O   1 
HETATM 746 O O   . HOH D 4 .  ? 5.516   12.998  4.918   1.00 36.00 ? 116 HOH A O   1 
HETATM 747 O O   . HOH D 4 .  ? -1.772  4.967   11.050  1.00 17.18 ? 117 HOH A O   1 
HETATM 748 O O   . HOH D 4 .  ? -10.606 5.319   -3.829  1.00 13.61 ? 118 HOH A O   1 
HETATM 749 O O   . HOH D 4 .  ? -0.130  -1.111  -13.040 1.00 17.29 ? 119 HOH A O   1 
HETATM 750 O O   . HOH D 4 .  ? 13.558  -7.598  1.442   1.00 33.31 ? 120 HOH A O   1 
HETATM 751 O O   . HOH D 4 .  ? 9.311   10.933  -8.144  1.00 17.07 ? 121 HOH A O   1 
HETATM 752 O O   . HOH D 4 .  ? 9.503   5.083   14.821  1.00 17.85 ? 122 HOH A O   1 
HETATM 753 O O   . HOH D 4 .  ? -9.516  10.318  3.496   1.00 45.71 ? 123 HOH A O   1 
HETATM 754 O O   . HOH D 4 .  ? 7.737   -4.455  9.335   1.00 28.97 ? 124 HOH A O   1 
HETATM 755 O O   . HOH D 4 .  ? 11.401  -0.394  -10.426 1.00 23.37 ? 125 HOH A O   1 
HETATM 756 O O   . HOH D 4 .  ? -12.187 -3.557  -0.604  1.00 23.56 ? 126 HOH A O   1 
HETATM 757 O O   . HOH D 4 .  ? 15.430  -0.876  4.509   1.00 33.63 ? 127 HOH A O   1 
HETATM 758 O O   . HOH D 4 .  ? 13.210  8.423   1.259   1.00 29.95 ? 128 HOH A O   1 
HETATM 759 O O   . HOH D 4 .  ? -13.008 -2.990  2.109   1.00 22.45 ? 129 HOH A O   1 
HETATM 760 O O   . HOH D 4 .  ? -9.892  3.967   3.620   1.00 28.03 ? 130 HOH A O   1 
HETATM 761 O O   . HOH D 4 .  ? -3.916  -12.235 -1.783  1.00 20.97 ? 131 HOH A O   1 
HETATM 762 O O   . HOH D 4 .  ? 2.961   -0.384  -11.423 1.00 22.12 ? 132 HOH A O   1 
HETATM 763 O O   . HOH D 4 .  ? 11.162  -7.595  0.744   1.00 29.07 ? 133 HOH A O   1 
HETATM 764 O O   . HOH D 4 .  ? 12.246  6.353   2.963   1.00 21.32 ? 134 HOH A O   1 
HETATM 765 O O   . HOH D 4 .  ? 0.663   15.083  9.549   1.00 35.87 ? 135 HOH A O   1 
HETATM 766 O O   . HOH D 4 .  ? 15.946  3.172   4.666   1.00 25.03 ? 136 HOH A O   1 
HETATM 767 O O   . HOH D 4 .  ? -15.315 0.338   -10.998 1.00 30.52 ? 137 HOH A O   1 
HETATM 768 O O   . HOH D 4 .  ? 13.560  4.274   6.438   1.00 21.85 ? 138 HOH A O   1 
HETATM 769 O O   . HOH D 4 .  ? 6.317   4.866   12.742  1.00 23.50 ? 139 HOH A O   1 
HETATM 770 O O   . HOH D 4 .  ? 7.709   -6.481  -8.691  1.00 29.63 ? 140 HOH A O   1 
HETATM 771 O O   . HOH D 4 .  ? -2.412  -7.977  10.201  1.00 35.34 ? 141 HOH A O   1 
HETATM 772 O O   . HOH D 4 .  ? 20.673  3.992   -5.396  1.00 35.03 ? 142 HOH A O   1 
HETATM 773 O O   . HOH D 4 .  ? -12.820 -4.692  -4.560  1.00 24.40 ? 143 HOH A O   1 
HETATM 774 O O   . HOH D 4 .  ? -7.870  -15.873 1.693   1.00 31.17 ? 144 HOH A O   1 
HETATM 775 O O   . HOH D 4 .  ? 7.477   11.806  6.836   1.00 34.32 ? 145 HOH A O   1 
HETATM 776 O O   . HOH D 4 .  ? -6.495  -8.085  12.487  1.00 44.46 ? 146 HOH A O   1 
HETATM 777 O O   . HOH D 4 .  ? 14.029  -4.988  6.326   1.00 36.45 ? 147 HOH A O   1 
HETATM 778 O O   . HOH D 4 .  ? 7.997   -0.324  14.046  1.00 22.00 ? 148 HOH A O   1 
HETATM 779 O O   . HOH D 4 .  ? 1.989   -5.668  10.053  1.00 31.39 ? 149 HOH A O   1 
HETATM 780 O O   . HOH D 4 .  ? 5.561   4.605   -10.780 1.00 20.20 ? 150 HOH A O   1 
HETATM 781 O O   . HOH D 4 .  ? 7.478   -2.487  12.139  1.00 38.22 ? 151 HOH A O   1 
HETATM 782 O O   . HOH D 4 .  ? 7.899   7.376   15.294  1.00 26.90 ? 152 HOH A O   1 
HETATM 783 O O   . HOH D 4 .  ? 10.465  12.174  4.128   1.00 33.41 ? 153 HOH A O   1 
HETATM 784 O O   . HOH D 4 .  ? -10.435 6.842   3.593   1.00 33.59 ? 154 HOH A O   1 
HETATM 785 O O   . HOH D 4 .  ? 2.079   11.622  7.219   1.00 30.94 ? 155 HOH A O   1 
HETATM 786 O O   . HOH D 4 .  ? -3.406  9.257   10.792  1.00 33.13 ? 156 HOH A O   1 
HETATM 787 O O   . HOH D 4 .  ? 8.854   -2.939  -13.150 1.00 41.75 ? 157 HOH A O   1 
HETATM 788 O O   . HOH D 4 .  ? -3.894  -14.101 10.158  1.00 42.26 ? 158 HOH A O   1 
HETATM 789 O O   . HOH D 4 .  ? -14.074 0.450   -2.244  1.00 32.91 ? 159 HOH A O   1 
HETATM 790 O O   . HOH D 4 .  ? 8.285   13.469  14.137  1.00 40.84 ? 160 HOH A O   1 
HETATM 791 O O   . HOH D 4 .  ? -3.191  9.076   13.785  1.00 33.74 ? 161 HOH A O   1 
HETATM 792 O O   . HOH D 4 .  ? -7.118  9.733   9.248   1.00 51.56 ? 162 HOH A O   1 
HETATM 793 O O   . HOH D 4 .  ? 9.816   -8.543  5.968   1.00 43.67 ? 163 HOH A O   1 
HETATM 794 O O   . HOH D 4 .  ? 11.740  -3.813  -5.105  1.00 36.08 ? 164 HOH A O   1 
HETATM 795 O O   . HOH D 4 .  ? 4.294   -2.690  -11.834 1.00 32.32 ? 165 HOH A O   1 
HETATM 796 O O   . HOH D 4 .  ? 13.361  9.129   9.159   1.00 34.87 ? 166 HOH A O   1 
HETATM 797 O O   . HOH D 4 .  ? 10.866  -9.237  2.817   1.00 32.11 ? 167 HOH A O   1 
HETATM 798 O O   . HOH D 4 .  ? 2.957   14.548  4.164   1.00 29.48 ? 168 HOH A O   1 
HETATM 799 O O   . HOH D 4 .  ? -11.003 1.700   -10.141 1.00 19.05 ? 169 HOH A O   1 
HETATM 800 O O   . HOH D 4 .  ? -18.367 -1.334  4.272   1.00 42.60 ? 170 HOH A O   1 
HETATM 801 O O   . HOH D 4 .  ? 7.411   -9.423  1.151   1.00 40.20 ? 171 HOH A O   1 
HETATM 802 O O   . HOH D 4 .  ? -6.631  10.821  -0.504  1.00 13.95 ? 172 HOH A O   1 
HETATM 803 O O   . HOH D 4 .  ? 6.917   13.754  1.363   1.00 24.04 ? 173 HOH A O   1 
HETATM 804 O O   . HOH D 4 .  ? 0.441   -12.446 8.847   1.00 42.33 ? 174 HOH A O   1 
HETATM 805 O O   . HOH D 4 .  ? -2.585  15.115  0.140   1.00 26.53 ? 175 HOH A O   1 
HETATM 806 O O   . HOH D 4 .  ? -16.483 -1.503  -9.729  1.00 30.96 ? 176 HOH A O   1 
HETATM 807 O O   . HOH D 4 .  ? 0.639   12.214  9.271   1.00 40.13 ? 177 HOH A O   1 
HETATM 808 O O   . HOH D 4 .  ? -4.145  -14.902 -4.831  1.00 23.36 ? 178 HOH A O   1 
HETATM 809 O O   . HOH D 4 .  ? 2.869   -10.719 -4.543  1.00 15.15 ? 179 HOH A O   1 
HETATM 810 O O   . HOH D 4 .  ? -9.340  -0.139  9.786   1.00 35.79 ? 180 HOH A O   1 
HETATM 811 O O   . HOH D 4 .  ? -9.293  -5.843  11.091  1.00 38.22 ? 181 HOH A O   1 
HETATM 812 O O   . HOH D 4 .  ? -14.570 -7.133  10.499  1.00 50.92 ? 182 HOH A O   1 
HETATM 813 O O   . HOH D 4 .  ? 14.356  -2.606  -5.124  1.00 39.55 ? 183 HOH A O   1 
HETATM 814 O O   . HOH D 4 .  ? -12.497 -12.560 5.057   1.00 43.66 ? 184 HOH A O   1 
HETATM 815 O O   . HOH D 4 .  ? 8.062   13.982  -5.478  1.00 49.41 ? 185 HOH A O   1 
HETATM 816 O O   . HOH D 4 .  ? -9.115  -2.720  10.156  1.00 40.10 ? 186 HOH A O   1 
HETATM 817 O O   . HOH D 4 .  ? 11.605  -5.607  -3.072  1.00 43.95 ? 187 HOH A O   1 
HETATM 818 O O   . HOH D 4 .  ? -9.368  10.204  -0.475  1.00 47.64 ? 188 HOH A O   1 
HETATM 819 O O   . HOH D 4 .  ? -1.193  13.558  -4.467  1.00 15.49 ? 189 HOH A O   1 
HETATM 820 O O   . HOH D 4 .  ? 3.987   11.768  -8.597  1.00 19.70 ? 190 HOH A O   1 
HETATM 821 O O   . HOH D 4 .  ? 3.992   7.122   -10.381 1.00 17.67 ? 191 HOH A O   1 
HETATM 822 O O   . HOH D 4 .  ? 2.013   5.673   -11.656 1.00 13.34 ? 192 HOH A O   1 
HETATM 823 O O   . HOH D 4 .  ? -8.418  11.714  1.514   1.00 22.26 ? 193 HOH A O   1 
HETATM 824 O O   . HOH D 4 .  ? 10.817  13.136  -7.353  1.00 22.26 ? 194 HOH A O   1 
HETATM 825 O O   . HOH D 4 .  ? 5.914   13.686  -6.869  1.00 19.96 ? 195 HOH A O   1 
HETATM 826 O O   . HOH D 4 .  ? -13.688 1.191   -9.035  1.00 19.96 ? 196 HOH A O   1 
HETATM 827 O O   . HOH D 4 .  ? 1.844   10.475  -12.857 1.00 19.96 ? 197 HOH A O   1 
HETATM 828 O O   . HOH D 4 .  ? -4.788  5.105   10.564  1.00 19.96 ? 198 HOH A O   1 
# 
loop_
_atom_site_anisotrop.id 
_atom_site_anisotrop.type_symbol 
_atom_site_anisotrop.pdbx_label_atom_id 
_atom_site_anisotrop.pdbx_label_alt_id 
_atom_site_anisotrop.pdbx_label_comp_id 
_atom_site_anisotrop.pdbx_label_asym_id 
_atom_site_anisotrop.pdbx_label_seq_id 
_atom_site_anisotrop.pdbx_PDB_ins_code 
_atom_site_anisotrop.U[1][1] 
_atom_site_anisotrop.U[2][2] 
_atom_site_anisotrop.U[3][3] 
_atom_site_anisotrop.U[1][2] 
_atom_site_anisotrop.U[1][3] 
_atom_site_anisotrop.U[2][3] 
_atom_site_anisotrop.pdbx_auth_seq_id 
_atom_site_anisotrop.pdbx_auth_comp_id 
_atom_site_anisotrop.pdbx_auth_asym_id 
_atom_site_anisotrop.pdbx_auth_atom_id 
1   N N   . MET A 1  ? 0.2721 0.3080 0.4220 -0.0568 0.0556  -0.0296 1   MET A N   
2   C CA  . MET A 1  ? 0.2543 0.2628 0.4009 -0.0529 0.0364  -0.0354 1   MET A CA  
3   C C   . MET A 1  ? 0.2665 0.2309 0.3804 -0.0531 0.0352  -0.0202 1   MET A C   
4   O O   . MET A 1  ? 0.2957 0.2354 0.4144 -0.0695 0.0380  -0.0060 1   MET A O   
5   C CB  . MET A 1  ? 0.2395 0.2660 0.3797 -0.0320 0.0222  -0.0461 1   MET A CB  
6   C CG  . MET A 1  ? 0.2217 0.2898 0.3882 -0.0242 0.0207  -0.0546 1   MET A CG  
7   S SD  . MET A 1  ? 0.1925 0.2958 0.3754 -0.0153 -0.0028 -0.0686 1   MET A SD  
8   C CE  . MET A 1  ? 0.1148 0.2054 0.3161 -0.0347 -0.0050 -0.0855 1   MET A CE  
9   N N   . LEU A 2  ? 0.2366 0.1928 0.3216 -0.0360 0.0287  -0.0196 2   LEU A N   
10  C CA  . LEU A 2  ? 0.2263 0.1528 0.2797 -0.0334 0.0289  -0.0051 2   LEU A CA  
11  C C   . LEU A 2  ? 0.1954 0.1301 0.2266 -0.0205 0.0289  -0.0042 2   LEU A C   
12  O O   . LEU A 2  ? 0.1632 0.1173 0.2052 -0.0120 0.0222  -0.0116 2   LEU A O   
13  C CB  . LEU A 2  ? 0.2489 0.1558 0.3032 -0.0265 0.0135  -0.0111 2   LEU A CB  
14  C CG  . LEU A 2  ? 0.2821 0.1508 0.3249 -0.0288 0.0093  0.0041  2   LEU A CG  
15  C CD1 . LEU A 2  ? 0.3349 0.1821 0.3922 -0.0501 0.0152  0.0228  2   LEU A CD1 
16  C CD2 . LEU A 2  ? 0.2747 0.1345 0.3294 -0.0144 -0.0084 -0.0136 2   LEU A CD2 
17  N N   . GLN A 3  ? 0.2009 0.1211 0.2046 -0.0203 0.0336  0.0061  3   GLN A N   
18  C CA  . GLN A 3  ? 0.1999 0.1187 0.1861 -0.0100 0.0282  0.0042  3   GLN A CA  
19  C C   . GLN A 3  ? 0.1912 0.0919 0.1569 -0.0075 0.0181  0.0135  3   GLN A C   
20  O O   . GLN A 3  ? 0.2170 0.1030 0.1673 -0.0115 0.0197  0.0239  3   GLN A O   
21  C CB  . GLN A 3  ? 0.2210 0.1495 0.1934 -0.0097 0.0402  -0.0012 3   GLN A CB  
22  C CG  . GLN A 3  ? 0.2363 0.1579 0.1982 0.0015  0.0302  -0.0118 3   GLN A CG  
23  C CD  . GLN A 3  ? 0.2643 0.2028 0.2080 0.0053  0.0408  -0.0265 3   GLN A CD  
24  O OE1 . GLN A 3  ? 0.3006 0.2625 0.2621 0.0136  0.0476  -0.0468 3   GLN A OE1 
25  N NE2 . GLN A 3  ? 0.2941 0.2282 0.2025 0.0018  0.0405  -0.0194 3   GLN A NE2 
26  N N   . TYR A 4  ? 0.1712 0.0773 0.1396 -0.0017 0.0062  0.0134  4   TYR A N   
27  C CA  . TYR A 4  ? 0.1696 0.0704 0.1235 0.0003  -0.0032 0.0206  4   TYR A CA  
28  C C   . TYR A 4  ? 0.1758 0.0702 0.1208 -0.0001 -0.0099 0.0202  4   TYR A C   
29  O O   . TYR A 4  ? 0.1761 0.0712 0.1364 0.0002  -0.0152 0.0169  4   TYR A O   
30  C CB  . TYR A 4  ? 0.1617 0.0865 0.1283 0.0033  -0.0118 0.0222  4   TYR A CB  
31  C CG  . TYR A 4  ? 0.1643 0.0981 0.1407 0.0090  -0.0118 0.0128  4   TYR A CG  
32  C CD1 . TYR A 4  ? 0.1484 0.1212 0.1349 0.0147  -0.0172 0.0064  4   TYR A CD1 
33  C CD2 . TYR A 4  ? 0.1655 0.0724 0.1439 0.0082  -0.0082 0.0098  4   TYR A CD2 
34  C CE1 . TYR A 4  ? 0.1489 0.1336 0.1480 0.0242  -0.0202 -0.0130 4   TYR A CE1 
35  C CE2 . TYR A 4  ? 0.1833 0.0896 0.1805 0.0146  -0.0142 -0.0040 4   TYR A CE2 
36  C CZ  . TYR A 4  ? 0.1602 0.1053 0.1680 0.0250  -0.0207 -0.0207 4   TYR A CZ  
37  O OH  . TYR A 4  ? 0.1837 0.1316 0.2131 0.0357  -0.0293 -0.0453 4   TYR A OH  
38  N N   . ARG A 5  ? 0.1957 0.0824 0.1199 -0.0001 -0.0140 0.0228  5   ARG A N   
39  C CA  . ARG A 5  ? 0.2105 0.0934 0.1299 -0.0016 -0.0265 0.0189  5   ARG A CA  
40  C C   . ARG A 5  ? 0.1993 0.0961 0.1266 -0.0044 -0.0384 0.0302  5   ARG A C   
41  O O   . ARG A 5  ? 0.2159 0.1183 0.1327 0.0002  -0.0394 0.0349  5   ARG A O   
42  C CB  . ARG A 5  ? 0.2433 0.1219 0.1320 0.0004  -0.0245 0.0112  5   ARG A CB  
43  C CG  . ARG A 5  ? 0.2590 0.1419 0.1404 0.0032  -0.0109 -0.0035 5   ARG A CG  
44  C CD  . ARG A 5  ? 0.3007 0.1954 0.1447 0.0044  -0.0086 -0.0090 5   ARG A CD  
45  N NE  . ARG A 5  ? 0.3423 0.2597 0.1765 0.0075  0.0078  -0.0256 5   ARG A NE  
46  C CZ  . ARG A 5  ? 0.3699 0.3152 0.1671 0.0091  0.0139  -0.0337 5   ARG A CZ  
47  N NH1 . ARG A 5  ? 0.3852 0.3319 0.1513 0.0078  0.0015  -0.0245 5   ARG A NH1 
48  N NH2 . ARG A 5  ? 0.3943 0.3758 0.1852 0.0126  0.0320  -0.0515 5   ARG A NH2 
49  N N   . ILE A 6  ? 0.1635 0.0592 0.1550 0.0140  -0.0219 -0.0013 6   ILE A N   
50  C CA  . ILE A 6  ? 0.1676 0.0594 0.1459 0.0216  -0.0223 -0.0012 6   ILE A CA  
51  C C   . ILE A 6  ? 0.1552 0.0623 0.1479 0.0259  -0.0192 -0.0016 6   ILE A C   
52  O O   . ILE A 6  ? 0.1403 0.0534 0.1564 0.0226  -0.0140 -0.0026 6   ILE A O   
53  C CB  . ILE A 6  ? 0.1744 0.0704 0.1450 0.0129  -0.0289 0.0027  6   ILE A CB  
54  C CG1 . ILE A 6  ? 0.2026 0.0880 0.1483 -0.0073 -0.0309 -0.0012 6   ILE A CG1 
55  C CG2 . ILE A 6  ? 0.1946 0.0842 0.1502 0.0189  -0.0231 -0.0003 6   ILE A CG2 
56  C CD1 . ILE A 6  ? 0.2226 0.1363 0.1605 -0.0319 -0.0447 0.0099  6   ILE A CD1 
57  N N   . ILE A 7  ? 0.1602 0.0749 0.1443 0.0311  -0.0185 0.0018  7   ILE A N   
58  C CA  . ILE A 7  ? 0.1527 0.0890 0.1432 0.0254  -0.0172 0.0007  7   ILE A CA  
59  C C   . ILE A 7  ? 0.1441 0.0869 0.1365 0.0366  -0.0180 0.0084  7   ILE A C   
60  O O   . ILE A 7  ? 0.1571 0.0980 0.1492 0.0495  -0.0145 0.0188  7   ILE A O   
61  C CB  . ILE A 7  ? 0.1657 0.1289 0.1467 0.0106  -0.0191 0.0052  7   ILE A CB  
62  C CG1 . ILE A 7  ? 0.1801 0.1337 0.1525 -0.0061 -0.0118 -0.0075 7   ILE A CG1 
63  C CG2 . ILE A 7  ? 0.1810 0.1724 0.1602 -0.0074 -0.0179 0.0017  7   ILE A CG2 
64  C CD1 . ILE A 7  ? 0.2066 0.1921 0.1565 -0.0313 -0.0153 -0.0015 7   ILE A CD1 
65  N N   . VAL A 8  ? 0.1432 0.0895 0.1430 0.0326  -0.0163 0.0045  8   VAL A N   
66  C CA  . VAL A 8  ? 0.1515 0.1050 0.1517 0.0395  -0.0147 0.0099  8   VAL A CA  
67  C C   . VAL A 8  ? 0.1421 0.1258 0.1509 0.0300  -0.0141 0.0122  8   VAL A C   
68  O O   . VAL A 8  ? 0.1418 0.1256 0.1517 0.0118  -0.0099 0.0019  8   VAL A O   
69  C CB  . VAL A 8  ? 0.1629 0.1048 0.1630 0.0364  -0.0156 0.0106  8   VAL A CB  
70  C CG1 . VAL A 8  ? 0.1855 0.1314 0.1747 0.0388  -0.0111 0.0133  8   VAL A CG1 
71  C CG2 . VAL A 8  ? 0.1826 0.1117 0.1750 0.0327  -0.0214 0.0123  8   VAL A CG2 
72  N N   . ASP A 9  ? 0.1407 0.1494 0.1581 0.0390  -0.0131 0.0254  9   ASP A N   
73  C CA  . ASP A 9  ? 0.1451 0.1959 0.1727 0.0248  -0.0155 0.0323  9   ASP A CA  
74  C C   . ASP A 9  ? 0.1482 0.2048 0.1864 0.0352  -0.0076 0.0377  9   ASP A C   
75  O O   . ASP A 9  ? 0.1600 0.1909 0.1952 0.0528  0.0030  0.0370  9   ASP A O   
76  C CB  . ASP A 9  ? 0.1522 0.2561 0.1930 0.0197  -0.0250 0.0563  9   ASP A CB  
77  C CG  . ASP A 9  ? 0.1716 0.3315 0.2105 -0.0154 -0.0332 0.0607  9   ASP A CG  
78  O OD1 . ASP A 9  ? 0.1797 0.3213 0.2022 -0.0382 -0.0257 0.0364  9   ASP A OD1 
79  O OD2 . ASP A 9  ? 0.2025 0.4290 0.2586 -0.0237 -0.0460 0.0928  9   ASP A OD2 
80  N N   . GLY A 10 ? 0.1466 0.2362 0.1916 0.0172  -0.0089 0.0398  10  GLY A N   
81  C CA  . GLY A 10 ? 0.1530 0.2543 0.2088 0.0219  -0.0004 0.0451  10  GLY A CA  
82  C C   . GLY A 10 ? 0.1628 0.2555 0.2087 -0.0032 0.0019  0.0321  10  GLY A C   
83  O O   . GLY A 10 ? 0.1879 0.2834 0.2255 -0.0304 0.0011  0.0209  10  GLY A O   
84  N N   . ARG A 11 ? 0.1580 0.2358 0.2025 0.0021  0.0102  0.0326  11  ARG A N   
85  C CA  . ARG A 11 ? 0.1632 0.2188 0.2038 -0.0157 0.0167  0.0266  11  ARG A CA  
86  C C   . ARG A 11 ? 0.1552 0.1671 0.1911 -0.0059 0.0163  0.0278  11  ARG A C   
87  O O   . ARG A 11 ? 0.1575 0.1617 0.1852 0.0014  0.0146  0.0385  11  ARG A O   
88  C CB  . ARG A 11 ? 0.1745 0.2461 0.2183 -0.0172 0.0240  0.0352  11  ARG A CB  
89  C CG  . ARG A 11 ? 0.2112 0.2627 0.2573 -0.0375 0.0336  0.0347  11  ARG A CG  
90  C CD  . ARG A 11 ? 0.2461 0.3049 0.2885 -0.0368 0.0396  0.0472  11  ARG A CD  
91  N NE  . ARG A 11 ? 0.2553 0.3614 0.3056 -0.0346 0.0431  0.0493  11  ARG A NE  
92  C CZ  . ARG A 11 ? 0.2530 0.3674 0.2979 -0.0183 0.0516  0.0531  11  ARG A CZ  
93  N NH1 . ARG A 11 ? 0.2548 0.3369 0.2713 -0.0123 0.0530  0.0514  11  ARG A NH1 
94  N NH2 . ARG A 11 ? 0.2650 0.4241 0.3351 -0.0125 0.0629  0.0598  11  ARG A NH2 
95  N N   . VAL A 12 ? 0.1446 0.1309 0.1712 -0.0111 -0.0140 0.0378  12  VAL A N   
96  C CA  . VAL A 12 ? 0.1398 0.1102 0.1599 -0.0076 -0.0102 0.0301  12  VAL A CA  
97  C C   . VAL A 12 ? 0.1416 0.1011 0.1449 -0.0135 -0.0107 0.0239  12  VAL A C   
98  O O   . VAL A 12 ? 0.1393 0.0881 0.1382 -0.0108 -0.0079 0.0194  12  VAL A O   
99  C CB  . VAL A 12 ? 0.1359 0.1045 0.1639 -0.0019 -0.0089 0.0337  12  VAL A CB  
100 C CG1 . VAL A 12 ? 0.1530 0.1257 0.1985 0.0059  -0.0054 0.0367  12  VAL A CG1 
101 C CG2 . VAL A 12 ? 0.1561 0.1331 0.1813 -0.0064 -0.0133 0.0419  12  VAL A CG2 
102 N N   . GLN A 13 ? 0.1441 0.1060 0.1388 -0.0217 -0.0138 0.0236  13  GLN A N   
103 C CA  . GLN A 13 ? 0.1487 0.0970 0.1280 -0.0270 -0.0127 0.0165  13  GLN A CA  
104 C C   . GLN A 13 ? 0.1544 0.0998 0.1316 -0.0314 -0.0127 0.0141  13  GLN A C   
105 O O   . GLN A 13 ? 0.1521 0.1094 0.1366 -0.0337 -0.0151 0.0188  13  GLN A O   
106 C CB  . GLN A 13 ? 0.1670 0.1163 0.1338 -0.0352 -0.0155 0.0166  13  GLN A CB  
107 C CG  . GLN A 13 ? 0.1576 0.1090 0.1251 -0.0313 -0.0147 0.0196  13  GLN A CG  
108 C CD  . GLN A 13 ? 0.1917 0.1428 0.1431 -0.0393 -0.0161 0.0184  13  GLN A CD  
109 O OE1 . GLN A 13 ? 0.2006 0.1550 0.1509 -0.0375 -0.0154 0.0220  13  GLN A OE1 
110 N NE2 . GLN A 13 ? 0.2076 0.1542 0.1453 -0.0489 -0.0174 0.0129  13  GLN A NE2 
111 N N   . GLY A 14 ? 0.1619 0.0917 0.1303 -0.0320 -0.0094 0.0080  14  GLY A N   
112 C CA  . GLY A 14 ? 0.1638 0.0886 0.1310 -0.0355 -0.0088 0.0068  14  GLY A CA  
113 C C   . GLY A 14 ? 0.1560 0.0877 0.1339 -0.0293 -0.0073 0.0097  14  GLY A C   
114 O O   . GLY A 14 ? 0.1641 0.0986 0.1437 -0.0328 -0.0076 0.0118  14  GLY A O   
115 N N   . VAL A 15 ? 0.1447 0.0789 0.1289 -0.0211 -0.0056 0.0097  15  VAL A N   
116 C CA  . VAL A 15 ? 0.1363 0.0769 0.1283 -0.0155 -0.0036 0.0106  15  VAL A CA  
117 C C   . VAL A 15 ? 0.1376 0.0710 0.1288 -0.0096 -0.0012 0.0071  15  VAL A C   
118 O O   . VAL A 15 ? 0.1437 0.0821 0.1398 -0.0052 0.0003  0.0061  15  VAL A O   
119 C CB  . VAL A 15 ? 0.1336 0.0876 0.1366 -0.0121 -0.0038 0.0141  15  VAL A CB  
120 C CG1 . VAL A 15 ? 0.1392 0.1058 0.1466 -0.0177 -0.0063 0.0196  15  VAL A CG1 
121 C CG2 . VAL A 15 ? 0.1376 0.0906 0.1432 -0.0092 -0.0046 0.0146  15  VAL A CG2 
122 N N   . GLY A 16 ? 0.1441 0.0667 0.1294 -0.0096 -0.0006 0.0049  16  GLY A N   
123 C CA  . GLY A 16 ? 0.1394 0.0581 0.1260 -0.0045 0.0010  0.0031  16  GLY A CA  
124 C C   . GLY A 16 ? 0.1290 0.0512 0.1213 -0.0008 0.0011  0.0017  16  GLY A C   
125 O O   . GLY A 16 ? 0.1245 0.0474 0.1195 0.0023  0.0015  0.0000  16  GLY A O   
126 N N   . PHE A 17 ? 0.1261 0.0504 0.1199 -0.0018 0.0004  0.0031  17  PHE A N   
127 C CA  . PHE A 17 ? 0.1225 0.0489 0.1231 0.0015  0.0006  0.0033  17  PHE A CA  
128 C C   . PHE A 17 ? 0.1194 0.0403 0.1193 0.0030  0.0018  0.0019  17  PHE A C   
129 O O   . PHE A 17 ? 0.1075 0.0287 0.1136 0.0055  0.0024  0.0007  17  PHE A O   
130 C CB  . PHE A 17 ? 0.1257 0.0581 0.1297 0.0001  -0.0008 0.0078  17  PHE A CB  
131 C CG  . PHE A 17 ? 0.1211 0.0568 0.1363 0.0044  0.0002  0.0098  17  PHE A CG  
132 C CD1 . PHE A 17 ? 0.1407 0.0735 0.1593 0.0057  0.0007  0.0115  17  PHE A CD1 
133 C CD2 . PHE A 17 ? 0.1589 0.1004 0.1821 0.0070  0.0015  0.0104  17  PHE A CD2 
134 C CE1 . PHE A 17 ? 0.1524 0.0857 0.1829 0.0097  0.0022  0.0138  17  PHE A CE1 
135 C CE2 . PHE A 17 ? 0.1534 0.0951 0.1881 0.0117  0.0039  0.0117  17  PHE A CE2 
136 C CZ  . PHE A 17 ? 0.1545 0.0912 0.1929 0.0129  0.0041  0.0133  17  PHE A CZ  
137 N N   . ARG A 18 ? 0.1200 0.0355 0.1128 0.0012  0.0028  0.0017  18  ARG A N   
138 C CA  . ARG A 18 ? 0.1206 0.0325 0.1142 0.0033  0.0052  0.0011  18  ARG A CA  
139 C C   . ARG A 18 ? 0.1157 0.0280 0.1143 0.0062  0.0053  0.0000  18  ARG A C   
140 O O   . ARG A 18 ? 0.1113 0.0259 0.1162 0.0078  0.0054  0.0002  18  ARG A O   
141 C CB  . ARG A 18 ? 0.1324 0.0379 0.1171 0.0013  0.0080  0.0000  18  ARG A CB  
142 C CG  . ARG A 18 ? 0.1344 0.0421 0.1124 -0.0031 0.0071  0.0013  18  ARG A CG  
143 C CD  . ARG A 18 ? 0.1499 0.0497 0.1153 -0.0069 0.0103  -0.0023 18  ARG A CD  
144 N NE  . ARG A 18 ? 0.1716 0.0644 0.1327 -0.0093 0.0102  -0.0050 18  ARG A NE  
145 C CZ  . ARG A 18 ? 0.2013 0.0831 0.1518 -0.0130 0.0136  -0.0097 18  ARG A CZ  
146 N NH1 . ARG A 18 ? 0.2261 0.1032 0.1674 -0.0145 0.0180  -0.0132 18  ARG A NH1 
147 N NH2 . ARG A 18 ? 0.2338 0.1087 0.1826 -0.0154 0.0133  -0.0111 18  ARG A NH2 
148 N N   . TYR A 19 ? 0.1219 0.0331 0.1178 0.0061  0.0048  -0.0002 19  TYR A N   
149 C CA  . TYR A 19 ? 0.1206 0.0354 0.1203 0.0081  0.0036  0.0005  19  TYR A CA  
150 C C   . TYR A 19 ? 0.1141 0.0354 0.1182 0.0077  0.0015  -0.0018 19  TYR A C   
151 O O   . TYR A 19 ? 0.1108 0.0357 0.1194 0.0080  0.0003  -0.0021 19  TYR A O   
152 C CB  . TYR A 19 ? 0.1284 0.0421 0.1241 0.0074  0.0032  0.0023  19  TYR A CB  
153 C CG  . TYR A 19 ? 0.1247 0.0458 0.1224 0.0080  0.0007  0.0038  19  TYR A CG  
154 C CD1 . TYR A 19 ? 0.1262 0.0499 0.1282 0.0103  0.0001  0.0077  19  TYR A CD1 
155 C CD2 . TYR A 19 ? 0.1220 0.0494 0.1175 0.0060  -0.0008 0.0019  19  TYR A CD2 
156 C CE1 . TYR A 19 ? 0.1120 0.0456 0.1148 0.0096  -0.0033 0.0101  19  TYR A CE1 
157 C CE2 . TYR A 19 ? 0.1331 0.0686 0.1274 0.0053  -0.0030 0.0025  19  TYR A CE2 
158 C CZ  . TYR A 19 ? 0.1178 0.0569 0.1152 0.0064  -0.0050 0.0068  19  TYR A CZ  
159 O OH  . TYR A 19 ? 0.1261 0.0757 0.1210 0.0044  -0.0083 0.0082  19  TYR A OH  
160 N N   . PHE A 20 ? 0.1104 0.0331 0.1137 0.0067  0.0013  -0.0035 20  PHE A N   
161 C CA  . PHE A 20 ? 0.1105 0.0361 0.1174 0.0066  0.0011  -0.0072 20  PHE A CA  
162 C C   . PHE A 20 ? 0.1098 0.0332 0.1234 0.0069  0.0014  -0.0081 20  PHE A C   
163 O O   . PHE A 20 ? 0.1075 0.0321 0.1240 0.0055  0.0006  -0.0113 20  PHE A O   
164 C CB  . PHE A 20 ? 0.1204 0.0480 0.1280 0.0070  0.0026  -0.0078 20  PHE A CB  
165 C CG  . PHE A 20 ? 0.1310 0.0582 0.1442 0.0082  0.0046  -0.0122 20  PHE A CG  
166 C CD1 . PHE A 20 ? 0.1493 0.0783 0.1592 0.0070  0.0051  -0.0178 20  PHE A CD1 
167 C CD2 . PHE A 20 ? 0.1504 0.0750 0.1715 0.0102  0.0062  -0.0104 20  PHE A CD2 
168 C CE1 . PHE A 20 ? 0.1770 0.1028 0.1909 0.0076  0.0082  -0.0240 20  PHE A CE1 
169 C CE2 . PHE A 20 ? 0.1678 0.0889 0.1954 0.0118  0.0093  -0.0148 20  PHE A CE2 
170 C CZ  . PHE A 20 ? 0.1669 0.0874 0.1905 0.0104  0.0107  -0.0227 20  PHE A CZ  
171 N N   . VAL A 21 ? 0.1186 0.0524 0.1025 0.0032  -0.0015 -0.0006 21  VAL A N   
172 C CA  . VAL A 21 ? 0.1165 0.0500 0.1003 0.0065  -0.0016 -0.0020 21  VAL A CA  
173 C C   . VAL A 21 ? 0.1200 0.0489 0.1021 0.0081  -0.0016 -0.0026 21  VAL A C   
174 O O   . VAL A 21 ? 0.1200 0.0496 0.1027 0.0097  -0.0012 -0.0029 21  VAL A O   
175 C CB  . VAL A 21 ? 0.1186 0.0526 0.1022 0.0064  -0.0029 -0.0029 21  VAL A CB  
176 C CG1 . VAL A 21 ? 0.1175 0.0500 0.0993 0.0087  -0.0025 -0.0033 21  VAL A CG1 
177 C CG2 . VAL A 21 ? 0.1242 0.0653 0.1116 0.0059  -0.0038 -0.0025 21  VAL A CG2 
178 N N   . GLN A 22 ? 0.1216 0.0456 0.1022 0.0077  -0.0026 -0.0027 22  GLN A N   
179 C CA  . GLN A 22 ? 0.1205 0.0420 0.1013 0.0104  -0.0029 -0.0033 22  GLN A CA  
180 C C   . GLN A 22 ? 0.1227 0.0450 0.1036 0.0110  -0.0036 -0.0019 22  GLN A C   
181 O O   . GLN A 22 ? 0.1151 0.0396 0.0983 0.0126  -0.0040 -0.0026 22  GLN A O   
182 C CB  . GLN A 22 ? 0.1293 0.0437 0.1082 0.0111  -0.0044 -0.0043 22  GLN A CB  
183 C CG  . GLN A 22 ? 0.1251 0.0383 0.1060 0.0154  -0.0049 -0.0055 22  GLN A CG  
184 C CD  . GLN A 22 ? 0.1473 0.0511 0.1259 0.0172  -0.0070 -0.0066 22  GLN A CD  
185 O OE1 . GLN A 22 ? 0.1760 0.0726 0.1515 0.0144  -0.0090 -0.0043 22  GLN A OE1 
186 N NE2 . GLN A 22 ? 0.1621 0.0655 0.1418 0.0214  -0.0062 -0.0102 22  GLN A NE2 
187 N N   . MET A 23 ? 0.1260 0.0474 0.1040 0.0090  -0.0039 0.0002  23  MET A N   
188 C CA  . MET A 23 ? 0.1239 0.0459 0.0992 0.0096  -0.0047 0.0013  23  MET A CA  
189 C C   . MET A 23 ? 0.1204 0.0470 0.0969 0.0104  -0.0039 -0.0008 23  MET A C   
190 O O   . MET A 23 ? 0.1212 0.0480 0.0974 0.0115  -0.0058 -0.0016 23  MET A O   
191 C CB  . MET A 23 ? 0.1341 0.0552 0.1042 0.0068  -0.0041 0.0045  23  MET A CB  
192 C CG  . MET A 23 ? 0.1539 0.0673 0.1216 0.0049  -0.0058 0.0077  23  MET A CG  
193 S SD  . MET A 23 ? 0.1437 0.0491 0.1105 0.0093  -0.0103 0.0083  23  MET A SD  
194 C CE  . MET A 23 ? 0.1544 0.0575 0.1270 0.0117  -0.0101 0.0042  23  MET A CE  
195 N N   . GLU A 24 ? 0.1252 0.0547 0.1033 0.0100  -0.0020 -0.0018 24  GLU A N   
196 C CA  . GLU A 24 ? 0.1283 0.0590 0.1073 0.0113  -0.0017 -0.0038 24  GLU A CA  
197 C C   . GLU A 24 ? 0.1238 0.0532 0.1060 0.0115  -0.0028 -0.0046 24  GLU A C   
198 O O   . GLU A 24 ? 0.1250 0.0533 0.1075 0.0115  -0.0042 -0.0058 24  GLU A O   
199 C CB  . GLU A 24 ? 0.1340 0.0676 0.1146 0.0119  0.0000  -0.0043 24  GLU A CB  
200 C CG  . GLU A 24 ? 0.1522 0.0905 0.1311 0.0122  0.0021  -0.0046 24  GLU A CG  
201 C CD  . GLU A 24 ? 0.1530 0.0903 0.1270 0.0142  0.0022  -0.0070 24  GLU A CD  
202 O OE1 . GLU A 24 ? 0.1640 0.0972 0.1379 0.0159  0.0005  -0.0095 24  GLU A OE1 
203 O OE2 . GLU A 24 ? 0.1637 0.1042 0.1334 0.0135  0.0040  -0.0063 24  GLU A OE2 
204 N N   . ALA A 25 ? 0.1166 0.0462 0.1009 0.0112  -0.0022 -0.0038 25  ALA A N   
205 C CA  . ALA A 25 ? 0.1159 0.0465 0.1035 0.0108  -0.0020 -0.0039 25  ALA A CA  
206 C C   . ALA A 25 ? 0.1154 0.0482 0.1063 0.0111  -0.0036 -0.0043 25  ALA A C   
207 O O   . ALA A 25 ? 0.1146 0.0494 0.1091 0.0095  -0.0043 -0.0045 25  ALA A O   
208 C CB  . ALA A 25 ? 0.1225 0.0539 0.1101 0.0110  -0.0003 -0.0036 25  ALA A CB  
209 N N   . ASP A 26 ? 0.1189 0.0510 0.1087 0.0126  -0.0049 -0.0040 26  ASP A N   
210 C CA  . ASP A 26 ? 0.1225 0.0573 0.1158 0.0138  -0.0076 -0.0041 26  ASP A CA  
211 C C   . ASP A 26 ? 0.1235 0.0583 0.1147 0.0125  -0.0105 -0.0048 26  ASP A C   
212 O O   . ASP A 26 ? 0.1229 0.0617 0.1190 0.0117  -0.0129 -0.0056 26  ASP A O   
213 C CB  . ASP A 26 ? 0.1280 0.0596 0.1194 0.0166  -0.0093 -0.0031 26  ASP A CB  
214 C CG  . ASP A 26 ? 0.1496 0.0811 0.1440 0.0191  -0.0075 -0.0041 26  ASP A CG  
215 O OD1 . ASP A 26 ? 0.1416 0.0784 0.1404 0.0190  -0.0048 -0.0055 26  ASP A OD1 
216 O OD2 . ASP A 26 ? 0.1520 0.0774 0.1436 0.0211  -0.0090 -0.0036 26  ASP A OD2 
217 N N   . LYS A 27 ? 0.1193 0.0503 0.1034 0.0122  -0.0102 -0.0047 27  LYS A N   
218 C CA  . LYS A 27 ? 0.1306 0.0607 0.1104 0.0116  -0.0125 -0.0065 27  LYS A CA  
219 C C   . LYS A 27 ? 0.1252 0.0552 0.1092 0.0097  -0.0132 -0.0087 27  LYS A C   
220 O O   . LYS A 27 ? 0.1250 0.0554 0.1096 0.0082  -0.0169 -0.0105 27  LYS A O   
221 C CB  . LYS A 27 ? 0.1344 0.0623 0.1066 0.0120  -0.0101 -0.0067 27  LYS A CB  
222 C CG  . LYS A 27 ? 0.1453 0.0716 0.1119 0.0123  -0.0114 -0.0102 27  LYS A CG  
223 C CD  . LYS A 27 ? 0.1622 0.0891 0.1222 0.0137  -0.0078 -0.0110 27  LYS A CD  
224 C CE  . LYS A 27 ? 0.1690 0.0933 0.1236 0.0153  -0.0085 -0.0162 27  LYS A CE  
225 N NZ  . LYS A 27 ? 0.1800 0.1076 0.1271 0.0173  -0.0045 -0.0172 27  LYS A NZ  
226 N N   . ARG A 28 ? 0.1244 0.0531 0.1109 0.0091  -0.0102 -0.0082 28  ARG A N   
227 C CA  . ARG A 28 ? 0.1245 0.0505 0.1138 0.0068  -0.0107 -0.0092 28  ARG A CA  
228 C C   . ARG A 28 ? 0.1207 0.0515 0.1179 0.0038  -0.0103 -0.0073 28  ARG A C   
229 O O   . ARG A 28 ? 0.1187 0.0470 0.1185 0.0005  -0.0103 -0.0067 28  ARG A O   
230 C CB  . ARG A 28 ? 0.1181 0.0395 0.1046 0.0081  -0.0083 -0.0090 28  ARG A CB  
231 C CG  . ARG A 28 ? 0.1337 0.0534 0.1141 0.0111  -0.0079 -0.0112 28  ARG A CG  
232 C CD  . ARG A 28 ? 0.1420 0.0595 0.1215 0.0137  -0.0060 -0.0113 28  ARG A CD  
233 N NE  . ARG A 28 ? 0.1464 0.0671 0.1221 0.0167  -0.0043 -0.0133 28  ARG A NE  
234 C CZ  . ARG A 28 ? 0.1587 0.0770 0.1294 0.0188  -0.0049 -0.0173 28  ARG A CZ  
235 N NH1 . ARG A 28 ? 0.1631 0.0736 0.1323 0.0185  -0.0079 -0.0205 28  ARG A NH1 
236 N NH2 . ARG A 28 ? 0.1895 0.1134 0.1564 0.0208  -0.0020 -0.0184 28  ARG A NH2 
237 N N   . LYS A 29 ? 0.1188 0.0564 0.1202 0.0050  -0.0101 -0.0064 29  LYS A N   
238 C CA  . LYS A 29 ? 0.1242 0.0701 0.1346 0.0033  -0.0090 -0.0053 29  LYS A CA  
239 C C   . LYS A 29 ? 0.1271 0.0732 0.1383 0.0014  -0.0045 -0.0031 29  LYS A C   
240 O O   . LYS A 29 ? 0.1410 0.0917 0.1581 -0.0027 -0.0033 -0.0017 29  LYS A O   
241 C CB  . LYS A 29 ? 0.1304 0.0809 0.1478 -0.0003 -0.0132 -0.0063 29  LYS A CB  
242 C CG  . LYS A 29 ? 0.1231 0.0741 0.1381 0.0021  -0.0184 -0.0082 29  LYS A CG  
243 C CD  . LYS A 29 ? 0.1477 0.1043 0.1699 -0.0018 -0.0239 -0.0096 29  LYS A CD  
244 C CE  . LYS A 29 ? 0.1509 0.1067 0.1676 0.0008  -0.0300 -0.0113 29  LYS A CE  
245 N NZ  . LYS A 29 ? 0.1739 0.1372 0.1987 -0.0030 -0.0367 -0.0130 29  LYS A NZ  
246 N N   . LEU A 30 ? 0.1201 0.0618 0.1249 0.0038  -0.0023 -0.0027 30  LEU A N   
247 C CA  . LEU A 30 ? 0.1266 0.0680 0.1294 0.0028  0.0013  -0.0006 30  LEU A CA  
248 C C   . LEU A 30 ? 0.1276 0.0751 0.1310 0.0055  0.0045  -0.0011 30  LEU A C   
249 O O   . LEU A 30 ? 0.1325 0.0800 0.1355 0.0089  0.0035  -0.0031 30  LEU A O   
250 C CB  . LEU A 30 ? 0.1280 0.0615 0.1234 0.0042  0.0008  -0.0002 30  LEU A CB  
251 C CG  . LEU A 30 ? 0.1358 0.0622 0.1297 0.0034  -0.0020 -0.0007 30  LEU A CG  
252 C CD1 . LEU A 30 ? 0.1479 0.0699 0.1367 0.0065  -0.0022 -0.0009 30  LEU A CD1 
253 C CD2 . LEU A 30 ? 0.1427 0.0658 0.1386 -0.0009 -0.0023 0.0015  30  LEU A CD2 
254 N N   . ALA A 31 ? 0.1258 0.0775 0.1295 0.0036  0.0084  0.0007  31  ALA A N   
255 C CA  . ALA A 31 ? 0.1324 0.0899 0.1352 0.0066  0.0122  -0.0010 31  ALA A CA  
256 C C   . ALA A 31 ? 0.1388 0.0912 0.1314 0.0070  0.0137  -0.0002 31  ALA A C   
257 O O   . ALA A 31 ? 0.1506 0.0981 0.1389 0.0043  0.0129  0.0030  31  ALA A O   
258 C CB  . ALA A 31 ? 0.1431 0.1126 0.1537 0.0049  0.0163  -0.0001 31  ALA A CB  
259 N N   . GLY A 32 ? 0.1410 0.0938 0.1296 0.0107  0.0150  -0.0033 32  GLY A N   
260 C CA  . GLY A 32 ? 0.1458 0.0941 0.1241 0.0110  0.0153  -0.0034 32  GLY A CA  
261 C C   . GLY A 32 ? 0.1329 0.0759 0.1079 0.0143  0.0129  -0.0076 32  GLY A C   
262 O O   . GLY A 32 ? 0.1396 0.0834 0.1181 0.0177  0.0132  -0.0109 32  GLY A O   
263 N N   . TRP A 33 ? 0.1386 0.0760 0.1075 0.0133  0.0099  -0.0072 33  TRP A N   
264 C CA  . TRP A 33 ? 0.1372 0.0691 0.1027 0.0149  0.0071  -0.0110 33  TRP A CA  
265 C C   . TRP A 33 ? 0.1344 0.0630 0.0980 0.0124  0.0029  -0.0095 33  TRP A C   
266 O O   . TRP A 33 ? 0.1280 0.0583 0.0911 0.0111  0.0022  -0.0061 33  TRP A O   
267 C CB  . TRP A 33 ? 0.1613 0.0926 0.1189 0.0172  0.0089  -0.0153 33  TRP A CB  
268 C CG  . TRP A 33 ? 0.1637 0.0960 0.1116 0.0154  0.0091  -0.0140 33  TRP A CG  
269 C CD1 . TRP A 33 ? 0.1858 0.1141 0.1276 0.0138  0.0045  -0.0144 33  TRP A CD1 
270 C CD2 . TRP A 33 ? 0.1914 0.1294 0.1344 0.0150  0.0137  -0.0116 33  TRP A CD2 
271 N NE1 . TRP A 33 ? 0.2015 0.1320 0.1339 0.0131  0.0052  -0.0124 33  TRP A NE1 
272 C CE2 . TRP A 33 ? 0.1890 0.1248 0.1211 0.0135  0.0112  -0.0103 33  TRP A CE2 
273 C CE3 . TRP A 33 ? 0.1968 0.1426 0.1439 0.0151  0.0195  -0.0101 33  TRP A CE3 
274 C CZ2 . TRP A 33 ? 0.2164 0.1559 0.1396 0.0124  0.0145  -0.0068 33  TRP A CZ2 
275 C CZ3 . TRP A 33 ? 0.2154 0.1659 0.1550 0.0131  0.0236  -0.0067 33  TRP A CZ3 
276 C CH2 . TRP A 33 ? 0.2158 0.1623 0.1425 0.0118  0.0212  -0.0049 33  TRP A CH2 
277 N N   . VAL A 34 ? 0.1278 0.0518 0.0909 0.0120  0.0001  -0.0120 34  VAL A N   
278 C CA  . VAL A 34 ? 0.1276 0.0510 0.0904 0.0093  -0.0038 -0.0113 34  VAL A CA  
279 C C   . VAL A 34 ? 0.1378 0.0559 0.0947 0.0085  -0.0063 -0.0157 34  VAL A C   
280 O O   . VAL A 34 ? 0.1538 0.0660 0.1091 0.0102  -0.0057 -0.0191 34  VAL A O   
281 C CB  . VAL A 34 ? 0.1244 0.0483 0.0943 0.0077  -0.0047 -0.0092 34  VAL A CB  
282 C CG1 . VAL A 34 ? 0.1357 0.0538 0.1066 0.0078  -0.0049 -0.0105 34  VAL A CG1 
283 C CG2 . VAL A 34 ? 0.1190 0.0462 0.0909 0.0049  -0.0078 -0.0082 34  VAL A CG2 
284 N N   . LYS A 35 ? 0.1398 0.0594 0.0933 0.0062  -0.0099 -0.0158 35  LYS A N   
285 C CA  . LYS A 35 ? 0.1630 0.0773 0.1093 0.0049  -0.0134 -0.0208 35  LYS A CA  
286 C C   . LYS A 35 ? 0.1655 0.0835 0.1141 0.0006  -0.0190 -0.0199 35  LYS A C   
287 O O   . LYS A 35 ? 0.1656 0.0910 0.1160 0.0010  -0.0201 -0.0163 35  LYS A O   
288 C CB  . LYS A 35 ? 0.1762 0.0903 0.1115 0.0079  -0.0115 -0.0233 35  LYS A CB  
289 C CG  . LYS A 35 ? 0.1989 0.1073 0.1237 0.0070  -0.0154 -0.0295 35  LYS A CG  
290 C CD  . LYS A 35 ? 0.2199 0.1297 0.1324 0.0107  -0.0118 -0.0319 35  LYS A CD  
291 C CE  . LYS A 35 ? 0.2551 0.1600 0.1542 0.0099  -0.0164 -0.0380 35  LYS A CE  
292 N NZ  . LYS A 35 ? 0.2833 0.1906 0.1682 0.0136  -0.0117 -0.0401 35  LYS A NZ  
293 N N   . ASN A 36 ? 0.1882 0.1009 0.1369 -0.0034 -0.0231 -0.0231 36  ASN A N   
294 C CA  . ASN A 36 ? 0.2059 0.1236 0.1574 -0.0083 -0.0292 -0.0231 36  ASN A CA  
295 C C   . ASN A 36 ? 0.2387 0.1561 0.1790 -0.0075 -0.0333 -0.0267 36  ASN A C   
296 O O   . ASN A 36 ? 0.2589 0.1673 0.1880 -0.0058 -0.0330 -0.0320 36  ASN A O   
297 C CB  . ASN A 36 ? 0.2069 0.1184 0.1625 -0.0145 -0.0325 -0.0250 36  ASN A CB  
298 C CG  . ASN A 36 ? 0.1886 0.1045 0.1557 -0.0172 -0.0298 -0.0199 36  ASN A CG  
299 O OD1 . ASN A 36 ? 0.1813 0.1061 0.1540 -0.0142 -0.0261 -0.0159 36  ASN A OD1 
300 N ND2 . ASN A 36 ? 0.1844 0.0932 0.1541 -0.0232 -0.0318 -0.0202 36  ASN A ND2 
301 N N   . ARG A 37 ? 0.2291 0.1073 0.0877 -0.0347 -0.0089 -0.0219 37  ARG A N   
302 C CA  . ARG A 37 ? 0.2707 0.1639 0.1110 -0.0695 -0.0139 -0.0137 37  ARG A CA  
303 C C   . ARG A 37 ? 0.3279 0.2043 0.1160 -0.1131 -0.0110 -0.0178 37  ARG A C   
304 O O   . ARG A 37 ? 0.3239 0.2016 0.1193 -0.1158 -0.0118 -0.0176 37  ARG A O   
305 C CB  . ARG A 37 ? 0.2311 0.1929 0.1370 -0.0700 -0.0326 0.0092  37  ARG A CB  
306 C CG  . ARG A 37 ? 0.2105 0.1837 0.1684 -0.0392 -0.0328 0.0111  37  ARG A CG  
307 C CD  . ARG A 37 ? 0.2189 0.1758 0.1603 -0.0309 -0.0235 0.0052  37  ARG A CD  
308 N NE  . ARG A 37 ? 0.2288 0.1881 0.1353 -0.0535 -0.0214 0.0142  37  ARG A NE  
309 C CZ  . ARG A 37 ? 0.2475 0.1904 0.1307 -0.0472 -0.0094 0.0141  37  ARG A CZ  
310 N NH1 . ARG A 37 ? 0.2189 0.1552 0.1194 -0.0183 0.0006  0.0106  37  ARG A NH1 
311 N NH2 . ARG A 37 ? 0.2727 0.2147 0.1134 -0.0706 -0.0070 0.0200  37  ARG A NH2 
312 N N   . ASP A 38 ? 0.3933 0.2555 0.1248 -0.1526 -0.0068 -0.0225 38  ASP A N   
313 C CA  . ASP A 38 ? 0.4668 0.3128 0.1379 -0.2101 -0.0035 -0.0319 38  ASP A CA  
314 C C   . ASP A 38 ? 0.4274 0.3802 0.1490 -0.2419 -0.0330 -0.0059 38  ASP A C   
315 O O   . ASP A 38 ? 0.4868 0.4538 0.1697 -0.2983 -0.0359 -0.0093 38  ASP A O   
316 C CB  . ASP A 38 ? 0.5672 0.3470 0.1387 -0.2512 0.0166  -0.0527 38  ASP A CB  
317 C CG  . ASP A 38 ? 0.5746 0.4176 0.1555 -0.2670 -0.0024 -0.0389 38  ASP A CG  
318 O OD1 . ASP A 38 ? 0.5145 0.4560 0.1794 -0.2494 -0.0293 -0.0095 38  ASP A OD1 
319 O OD2 . ASP A 38 ? 0.6723 0.4579 0.1681 -0.2952 0.0155  -0.0564 38  ASP A OD2 
320 N N   . ASP A 39 ? 0.3500 0.3775 0.1554 -0.2058 -0.0501 0.0229  39  ASP A N   
321 C CA  . ASP A 39 ? 0.3088 0.4418 0.1711 -0.2157 -0.0691 0.0601  39  ASP A CA  
322 C C   . ASP A 39 ? 0.2677 0.4037 0.1819 -0.1779 -0.0653 0.0708  39  ASP A C   
323 O O   . ASP A 39 ? 0.2367 0.4535 0.2055 -0.1675 -0.0725 0.1085  39  ASP A O   
324 C CB  . ASP A 39 ? 0.2731 0.4843 0.1830 -0.1996 -0.0799 0.0942  39  ASP A CB  
325 C CG  . ASP A 39 ? 0.2329 0.4041 0.1859 -0.1428 -0.0689 0.0925  39  ASP A CG  
326 O OD1 . ASP A 39 ? 0.2286 0.4207 0.1925 -0.1352 -0.0690 0.1052  39  ASP A OD1 
327 O OD2 . ASP A 39 ? 0.2275 0.3520 0.2013 -0.1103 -0.0601 0.0791  39  ASP A OD2 
328 N N   . GLY A 40 ? 0.2662 0.3178 0.1603 -0.1529 -0.0501 0.0419  40  GLY A N   
329 C CA  . GLY A 40 ? 0.2329 0.2790 0.1603 -0.1204 -0.0449 0.0470  40  GLY A CA  
330 C C   . GLY A 40 ? 0.1908 0.2217 0.1618 -0.0676 -0.0415 0.0459  40  GLY A C   
331 O O   . GLY A 40 ? 0.1855 0.1914 0.1661 -0.0395 -0.0343 0.0391  40  GLY A O   
332 N N   . ARG A 41 ? 0.1636 0.2077 0.1559 -0.0584 -0.0447 0.0512  41  ARG A N   
333 C CA  . ARG A 41 ? 0.1415 0.1668 0.1686 -0.0221 -0.0389 0.0463  41  ARG A CA  
334 C C   . ARG A 41 ? 0.1369 0.1130 0.1400 -0.0097 -0.0358 0.0132  41  ARG A C   
335 O O   . ARG A 41 ? 0.1689 0.1199 0.1289 -0.0209 -0.0326 -0.0002 41  ARG A O   
336 C CB  . ARG A 41 ? 0.1348 0.1929 0.1959 -0.0188 -0.0377 0.0696  41  ARG A CB  
337 C CG  . ARG A 41 ? 0.1481 0.2726 0.2411 -0.0171 -0.0353 0.1150  41  ARG A CG  
338 C CD  . ARG A 41 ? 0.1618 0.3142 0.2858 -0.0046 -0.0261 0.1436  41  ARG A CD  
339 N NE  . ARG A 41 ? 0.1446 0.3151 0.2455 -0.0310 -0.0384 0.1384  41  ARG A NE  
340 C CZ  . ARG A 41 ? 0.1693 0.3625 0.2887 -0.0236 -0.0316 0.1596  41  ARG A CZ  
341 N NH1 . ARG A 41 ? 0.1768 0.3690 0.3379 0.0093  -0.0087 0.1878  41  ARG A NH1 
342 N NH2 . ARG A 41 ? 0.1770 0.3834 0.2664 -0.0475 -0.0421 0.1530  41  ARG A NH2 
343 N N   . VAL A 42 ? 0.1693 0.0983 0.1752 0.0176  -0.0244 0.0031  42  VAL A N   
344 C CA  . VAL A 42 ? 0.1531 0.0820 0.1470 0.0152  -0.0190 0.0067  42  VAL A CA  
345 C C   . VAL A 42 ? 0.1449 0.0655 0.1274 0.0191  -0.0157 0.0033  42  VAL A C   
346 O O   . VAL A 42 ? 0.1449 0.0672 0.1350 0.0209  -0.0163 -0.0011 42  VAL A O   
347 C CB  . VAL A 42 ? 0.1440 0.0960 0.1420 0.0057  -0.0124 0.0099  42  VAL A CB  
348 C CG1 . VAL A 42 ? 0.1583 0.1058 0.1459 0.0036  -0.0114 0.0141  42  VAL A CG1 
349 C CG2 . VAL A 42 ? 0.1443 0.1077 0.1519 -0.0056 -0.0184 0.0203  42  VAL A CG2 
350 N N   . GLU A 43 ? 0.1486 0.0630 0.1188 0.0196  -0.0148 0.0036  43  GLU A N   
351 C CA  . GLU A 43 ? 0.1501 0.0627 0.1091 0.0178  -0.0110 0.0042  43  GLU A CA  
352 C C   . GLU A 43 ? 0.1358 0.0554 0.0980 0.0172  -0.0043 0.0029  43  GLU A C   
353 O O   . GLU A 43 ? 0.1286 0.0513 0.0970 0.0179  -0.0052 0.0012  43  GLU A O   
354 C CB  . GLU A 43 ? 0.1840 0.0980 0.1262 0.0147  -0.0117 0.0021  43  GLU A CB  
355 C CG  . GLU A 43 ? 0.2000 0.1277 0.1450 0.0168  -0.0062 -0.0096 43  GLU A CG  
356 C CD  . GLU A 43 ? 0.1992 0.1445 0.1273 0.0116  -0.0025 -0.0190 43  GLU A CD  
357 O OE1 . GLU A 43 ? 0.1863 0.1287 0.0995 0.0082  -0.0085 -0.0167 43  GLU A OE1 
358 O OE2 . GLU A 43 ? 0.2044 0.1712 0.1351 0.0096  0.0062  -0.0304 43  GLU A OE2 
359 N N   . ILE A 44 ? 0.1364 0.0553 0.0986 0.0154  -0.0025 0.0044  44  ILE A N   
360 C CA  . ILE A 44 ? 0.1334 0.0577 0.0991 0.0149  0.0020  0.0029  44  ILE A CA  
361 C C   . ILE A 44 ? 0.1418 0.0639 0.1036 0.0100  0.0025  0.0065  44  ILE A C   
362 O O   . ILE A 44 ? 0.1492 0.0623 0.1129 0.0071  -0.0056 0.0119  44  ILE A O   
363 C CB  . ILE A 44 ? 0.1331 0.0646 0.1077 0.0163  0.0018  -0.0017 44  ILE A CB  
364 C CG1 . ILE A 44 ? 0.1336 0.0774 0.1102 0.0140  0.0026  -0.0023 44  ILE A CG1 
365 C CG2 . ILE A 44 ? 0.1359 0.0714 0.1106 0.0148  0.0041  -0.0030 44  ILE A CG2 
366 C CD1 . ILE A 44 ? 0.1251 0.0922 0.1102 0.0128  0.0060  -0.0136 44  ILE A CD1 
367 N N   . LEU A 45 ? 0.1419 0.0735 0.1033 0.0077  0.0086  0.0039  45  LEU A N   
368 C CA  . LEU A 45 ? 0.1470 0.0840 0.1075 -0.0008 0.0107  0.0088  45  LEU A CA  
369 C C   . LEU A 45 ? 0.1382 0.0746 0.1122 0.0032  0.0107  0.0050  45  LEU A C   
370 O O   . LEU A 45 ? 0.1342 0.0753 0.1155 0.0081  0.0123  -0.0024 45  LEU A O   
371 C CB  . LEU A 45 ? 0.1587 0.1190 0.1125 -0.0079 0.0197  0.0030  45  LEU A CB  
372 C CG  . LEU A 45 ? 0.1961 0.1743 0.1442 -0.0248 0.0244  0.0110  45  LEU A CG  
373 C CD1 . LEU A 45 ? 0.1980 0.1867 0.1664 -0.0235 0.0293  0.0043  45  LEU A CD1 
374 C CD2 . LEU A 45 ? 0.2619 0.2209 0.2002 -0.0372 0.0108  0.0336  45  LEU A CD2 
375 N N   . ALA A 46 ? 0.1423 0.0703 0.1231 0.0008  0.0042  0.0098  46  ALA A N   
376 C CA  . ALA A 46 ? 0.1342 0.0619 0.1265 0.0045  0.0024  0.0044  46  ALA A CA  
377 C C   . ALA A 46 ? 0.1409 0.0659 0.1435 -0.0035 -0.0032 0.0115  46  ALA A C   
378 O O   . ALA A 46 ? 0.1516 0.0658 0.1577 -0.0098 -0.0142 0.0209  46  ALA A O   
379 C CB  . ALA A 46 ? 0.1412 0.0661 0.1364 0.0120  -0.0027 -0.0040 46  ALA A CB  
380 N N   . GLU A 47 ? 0.1372 0.0700 0.1494 -0.0045 0.0002  0.0082  47  GLU A N   
381 C CA  A GLU A 47 ? 0.1528 0.0875 0.1786 -0.0144 -0.0043 0.0157  47  GLU A CA  
382 C CA  B GLU A 47 ? 0.1531 0.0868 0.1790 -0.0144 -0.0050 0.0159  47  GLU A CA  
383 C C   . GLU A 47 ? 0.1381 0.0656 0.1785 -0.0060 -0.0116 0.0065  47  GLU A C   
384 O O   . GLU A 47 ? 0.1323 0.0641 0.1721 0.0006  -0.0082 -0.0024 47  GLU A O   
385 C CB  A GLU A 47 ? 0.1573 0.1197 0.1853 -0.0260 0.0089  0.0165  47  GLU A CB  
386 C CB  B GLU A 47 ? 0.1576 0.1184 0.1855 -0.0259 0.0081  0.0171  47  GLU A CB  
387 C CG  A GLU A 47 ? 0.1986 0.1787 0.2072 -0.0370 0.0181  0.0216  47  GLU A CG  
388 C CG  B GLU A 47 ? 0.2002 0.1692 0.2439 -0.0404 0.0044  0.0271  47  GLU A CG  
389 C CD  A GLU A 47 ? 0.2059 0.2293 0.2189 -0.0507 0.0339  0.0149  47  GLU A CD  
390 C CD  B GLU A 47 ? 0.2069 0.2174 0.2524 -0.0561 0.0211  0.0252  47  GLU A CD  
391 O OE1 A GLU A 47 ? 0.2226 0.2617 0.2597 -0.0481 0.0384  0.0028  47  GLU A OE1 
392 O OE1 B GLU A 47 ? 0.2272 0.2598 0.2630 -0.0530 0.0344  0.0116  47  GLU A OE1 
393 O OE2 A GLU A 47 ? 0.2459 0.2927 0.2390 -0.0654 0.0417  0.0193  47  GLU A OE2 
394 O OE2 B GLU A 47 ? 0.2414 0.2666 0.3019 -0.0717 0.0201  0.0340  47  GLU A OE2 
395 N N   . GLY A 48 ? 0.1377 0.0768 0.1519 0.0094  0.0152  0.0097  48  GLY A N   
396 C CA  . GLY A 48 ? 0.1425 0.0822 0.1712 0.0058  0.0090  0.0086  48  GLY A CA  
397 C C   . GLY A 48 ? 0.1441 0.0770 0.1791 0.0009  0.0039  0.0107  48  GLY A C   
398 O O   . GLY A 48 ? 0.1577 0.0865 0.1889 0.0004  0.0069  0.0161  48  GLY A O   
399 N N   . PRO A 49 ? 0.1502 0.0809 0.1940 -0.0019 -0.0044 0.0061  49  PRO A N   
400 C CA  . PRO A 49 ? 0.1588 0.0794 0.2087 -0.0060 -0.0109 0.0050  49  PRO A CA  
401 C C   . PRO A 49 ? 0.1543 0.0636 0.1881 -0.0019 -0.0124 0.0012  49  PRO A C   
402 O O   . PRO A 49 ? 0.1503 0.0611 0.1706 0.0029  -0.0115 -0.0029 49  PRO A O   
403 C CB  . PRO A 49 ? 0.1632 0.0853 0.2211 -0.0079 -0.0209 -0.0025 49  PRO A CB  
404 C CG  . PRO A 49 ? 0.1663 0.1021 0.2276 -0.0056 -0.0186 -0.0012 49  PRO A CG  
405 C CD  . PRO A 49 ? 0.1432 0.0803 0.1906 -0.0004 -0.0092 0.0014  49  PRO A CD  
406 N N   . GLU A 50 ? 0.1645 0.0631 0.2032 -0.0040 -0.0145 0.0034  50  GLU A N   
407 C CA  . GLU A 50 ? 0.1765 0.0655 0.2036 0.0009  -0.0153 0.0015  50  GLU A CA  
408 C C   . GLU A 50 ? 0.1724 0.0591 0.1888 0.0061  -0.0204 -0.0095 50  GLU A C   
409 O O   . GLU A 50 ? 0.1651 0.0534 0.1706 0.0116  -0.0182 -0.0105 50  GLU A O   
410 C CB  . GLU A 50 ? 0.2019 0.0775 0.2393 -0.0018 -0.0171 0.0068  50  GLU A CB  
411 C CG  . GLU A 50 ? 0.2308 0.1098 0.2734 -0.0045 -0.0091 0.0218  50  GLU A CG  
412 C CD  . GLU A 50 ? 0.2479 0.1347 0.3100 -0.0126 -0.0058 0.0289  50  GLU A CD  
413 O OE1 . GLU A 50 ? 0.2188 0.1102 0.2920 -0.0167 -0.0109 0.0221  50  GLU A OE1 
414 O OE2 . GLU A 50 ? 0.2578 0.1482 0.3246 -0.0142 0.0022  0.0429  50  GLU A OE2 
415 N N   . ASN A 51 ? 0.1664 0.0516 0.1862 0.0049  -0.0271 -0.0174 51  ASN A N   
416 C CA  . ASN A 51 ? 0.1739 0.0586 0.1802 0.0113  -0.0305 -0.0267 51  ASN A CA  
417 C C   . ASN A 51 ? 0.1589 0.0557 0.1552 0.0148  -0.0252 -0.0246 51  ASN A C   
418 O O   . ASN A 51 ? 0.1588 0.0574 0.1450 0.0204  -0.0226 -0.0265 51  ASN A O   
419 C CB  . ASN A 51 ? 0.1823 0.0626 0.1901 0.0107  -0.0404 -0.0367 51  ASN A CB  
420 C CG  . ASN A 51 ? 0.1834 0.0737 0.2026 0.0047  -0.0440 -0.0349 51  ASN A CG  
421 O OD1 . ASN A 51 ? 0.1619 0.0633 0.1847 0.0033  -0.0378 -0.0269 51  ASN A OD1 
422 N ND2 . ASN A 51 ? 0.1789 0.0657 0.2039 0.0023  -0.0552 -0.0435 51  ASN A ND2 
423 N N   . ALA A 52 ? 0.1431 0.0482 0.1446 0.0114  -0.0229 -0.0200 52  ALA A N   
424 C CA  . ALA A 52 ? 0.1337 0.0470 0.1294 0.0135  -0.0179 -0.0172 52  ALA A CA  
425 C C   . ALA A 52 ? 0.1350 0.0487 0.1268 0.0144  -0.0123 -0.0140 52  ALA A C   
426 O O   . ALA A 52 ? 0.1252 0.0422 0.1114 0.0169  -0.0100 -0.0143 52  ALA A O   
427 C CB  . ALA A 52 ? 0.1360 0.0563 0.1405 0.0109  -0.0169 -0.0138 52  ALA A CB  
428 N N   . LEU A 53 ? 0.1272 0.0385 0.1226 0.0122  -0.0105 -0.0101 53  LEU A N   
429 C CA  . LEU A 53 ? 0.1297 0.0426 0.1198 0.0136  -0.0073 -0.0077 53  LEU A CA  
430 C C   . LEU A 53 ? 0.1293 0.0406 0.1156 0.0174  -0.0092 -0.0097 53  LEU A C   
431 O O   . LEU A 53 ? 0.1325 0.0495 0.1162 0.0187  -0.0081 -0.0098 53  LEU A O   
432 C CB  . LEU A 53 ? 0.1385 0.0502 0.1301 0.0121  -0.0049 -0.0015 53  LEU A CB  
433 C CG  . LEU A 53 ? 0.1442 0.0617 0.1373 0.0105  0.0002  0.0017  53  LEU A CG  
434 C CD1 . LEU A 53 ? 0.1529 0.0704 0.1472 0.0096  0.0039  0.0101  53  LEU A CD1 
435 C CD2 . LEU A 53 ? 0.1522 0.0739 0.1369 0.0125  0.0022  -0.0019 53  LEU A CD2 
436 N N   . GLN A 54 ? 0.1356 0.0395 0.1239 0.0194  -0.0122 -0.0114 54  GLN A N   
437 C CA  . GLN A 54 ? 0.1459 0.0488 0.1316 0.0252  -0.0131 -0.0136 54  GLN A CA  
438 C C   . GLN A 54 ? 0.1399 0.0508 0.1218 0.0285  -0.0113 -0.0174 54  GLN A C   
439 O O   . GLN A 54 ? 0.1395 0.0582 0.1222 0.0315  -0.0091 -0.0161 54  GLN A O   
440 C CB  . GLN A 54 ? 0.1540 0.0438 0.1425 0.0277  -0.0168 -0.0166 54  GLN A CB  
441 C CG  . GLN A 54 ? 0.1564 0.0446 0.1430 0.0362  -0.0169 -0.0193 54  GLN A CG  
442 C CD  . GLN A 54 ? 0.1717 0.0429 0.1612 0.0397  -0.0210 -0.0237 54  GLN A CD  
443 O OE1 . GLN A 54 ? 0.2087 0.0766 0.1953 0.0483  -0.0212 -0.0299 54  GLN A OE1 
444 N NE2 . GLN A 54 ? 0.1893 0.0492 0.1862 0.0333  -0.0238 -0.0204 54  GLN A NE2 
445 N N   . SER A 55 ? 0.1372 0.0477 0.1157 0.0281  -0.0122 -0.0210 55  SER A N   
446 C CA  . SER A 55 ? 0.1453 0.0640 0.1184 0.0317  -0.0091 -0.0218 55  SER A CA  
447 C C   . SER A 55 ? 0.1338 0.0610 0.1109 0.0280  -0.0051 -0.0162 55  SER A C   
448 O O   . SER A 55 ? 0.1367 0.0722 0.1149 0.0300  -0.0011 -0.0138 55  SER A O   
449 C CB  . SER A 55 ? 0.1610 0.0778 0.1270 0.0333  -0.0124 -0.0261 55  SER A CB  
450 O OG  . SER A 55 ? 0.1577 0.0740 0.1281 0.0276  -0.0148 -0.0240 55  SER A OG  
451 N N   . PHE A 56 ? 0.1277 0.0528 0.1084 0.0226  -0.0057 -0.0141 56  PHE A N   
452 C CA  . PHE A 56 ? 0.1212 0.0504 0.1059 0.0191  -0.0032 -0.0113 56  PHE A CA  
453 C C   . PHE A 56 ? 0.1227 0.0574 0.1117 0.0188  -0.0033 -0.0107 56  PHE A C   
454 O O   . PHE A 56 ? 0.1259 0.0668 0.1210 0.0170  -0.0013 -0.0089 56  PHE A O   
455 C CB  . PHE A 56 ? 0.1228 0.0478 0.1082 0.0159  -0.0037 -0.0113 56  PHE A CB  
456 C CG  . PHE A 56 ? 0.1072 0.0326 0.0949 0.0132  -0.0023 -0.0115 56  PHE A CG  
457 C CD1 . PHE A 56 ? 0.1091 0.0337 0.1005 0.0121  -0.0004 -0.0101 56  PHE A CD1 
458 C CD2 . PHE A 56 ? 0.1238 0.0488 0.1088 0.0123  -0.0035 -0.0133 56  PHE A CD2 
459 C CE1 . PHE A 56 ? 0.1191 0.0401 0.1137 0.0095  -0.0002 -0.0121 56  PHE A CE1 
460 C CE2 . PHE A 56 ? 0.1165 0.0399 0.1017 0.0104  -0.0036 -0.0166 56  PHE A CE2 
461 C CZ  . PHE A 56 ? 0.1170 0.0371 0.1081 0.0087  -0.0023 -0.0169 56  PHE A CZ  
462 N N   . VAL A 57 ? 0.1313 0.0645 0.1192 0.0206  -0.0058 -0.0113 57  VAL A N   
463 C CA  . VAL A 57 ? 0.1285 0.0692 0.1212 0.0214  -0.0076 -0.0103 57  VAL A CA  
464 C C   . VAL A 57 ? 0.1273 0.0780 0.1270 0.0247  -0.0049 -0.0093 57  VAL A C   
465 O O   . VAL A 57 ? 0.1167 0.0779 0.1265 0.0225  -0.0050 -0.0076 57  VAL A O   
466 C CB  . VAL A 57 ? 0.1369 0.0738 0.1263 0.0248  -0.0107 -0.0089 57  VAL A CB  
467 C CG1 . VAL A 57 ? 0.1458 0.0927 0.1412 0.0283  -0.0137 -0.0072 57  VAL A CG1 
468 C CG2 . VAL A 57 ? 0.1580 0.0902 0.1411 0.0218  -0.0116 -0.0077 57  VAL A CG2 
469 N N   . GLU A 58 ? 0.1312 0.0794 0.1264 0.0304  -0.0022 -0.0105 58  GLU A N   
470 C CA  . GLU A 58 ? 0.1390 0.0983 0.1385 0.0356  0.0027  -0.0091 58  GLU A CA  
471 C C   . GLU A 58 ? 0.1429 0.1102 0.1471 0.0314  0.0075  -0.0045 58  GLU A C   
472 O O   . GLU A 58 ? 0.1363 0.1175 0.1524 0.0315  0.0116  -0.0001 58  GLU A O   
473 C CB  . GLU A 58 ? 0.1602 0.1135 0.1495 0.0440  0.0040  -0.0137 58  GLU A CB  
474 C CG  . GLU A 58 ? 0.1730 0.1178 0.1622 0.0490  0.0000  -0.0170 58  GLU A CG  
475 C CD  . GLU A 58 ? 0.1881 0.1442 0.1890 0.0519  -0.0002 -0.0132 58  GLU A CD  
476 O OE1 . GLU A 58 ? 0.1986 0.1690 0.2064 0.0576  0.0049  -0.0117 58  GLU A OE1 
477 O OE2 . GLU A 58 ? 0.1821 0.1347 0.1856 0.0490  -0.0053 -0.0108 58  GLU A OE2 
478 N N   . ALA A 59 ? 0.1426 0.1018 0.1403 0.0279  0.0073  -0.0044 59  ALA A N   
479 C CA  . ALA A 59 ? 0.1560 0.1193 0.1588 0.0240  0.0118  0.0018  59  ALA A CA  
480 C C   . ALA A 59 ? 0.1528 0.1196 0.1713 0.0160  0.0102  0.0037  59  ALA A C   
481 O O   . ALA A 59 ? 0.1549 0.1307 0.1863 0.0129  0.0147  0.0101  59  ALA A O   
482 C CB  . ALA A 59 ? 0.1650 0.1183 0.1585 0.0231  0.0107  0.0018  59  ALA A CB  
483 N N   . VAL A 60 ? 0.1440 0.0774 0.1663 -0.0045 0.0071  -0.0061 60  VAL A N   
484 C CA  . VAL A 60 ? 0.1427 0.0704 0.1619 -0.0049 0.0168  -0.0046 60  VAL A CA  
485 C C   . VAL A 60 ? 0.1448 0.0690 0.1605 -0.0036 0.0124  -0.0047 60  VAL A C   
486 O O   . VAL A 60 ? 0.1448 0.0686 0.1567 -0.0031 0.0156  -0.0014 60  VAL A O   
487 C CB  . VAL A 60 ? 0.1631 0.0737 0.1739 -0.0173 0.0254  -0.0050 60  VAL A CB  
488 C CG1 . VAL A 60 ? 0.1980 0.0845 0.1750 -0.0340 0.0313  -0.0039 60  VAL A CG1 
489 C CG2 . VAL A 60 ? 0.1698 0.0825 0.2114 -0.0166 0.0434  -0.0041 60  VAL A CG2 
490 N N   . LYS A 61 ? 0.1541 0.0754 0.1860 -0.0031 0.0067  -0.0066 61  LYS A N   
491 C CA  . LYS A 61 ? 0.1639 0.0830 0.2295 -0.0009 0.0056  -0.0014 61  LYS A CA  
492 C C   . LYS A 61 ? 0.1663 0.0886 0.2337 0.0067  0.0230  -0.0091 61  LYS A C   
493 O O   . LYS A 61 ? 0.1674 0.0908 0.2660 0.0087  0.0233  -0.0002 61  LYS A O   
494 C CB  . LYS A 61 ? 0.1730 0.0866 0.2808 0.0003  0.0068  -0.0035 61  LYS A CB  
495 C CG  . LYS A 61 ? 0.1754 0.0845 0.2925 -0.0113 -0.0172 0.0118  61  LYS A CG  
496 C CD  . LYS A 61 ? 0.1753 0.0804 0.3458 -0.0077 -0.0134 0.0090  61  LYS A CD  
497 C CE  . LYS A 61 ? 0.2039 0.1045 0.3753 -0.0219 -0.0406 0.0252  61  LYS A CE  
498 N NZ  . LYS A 61 ? 0.2013 0.0983 0.4284 -0.0170 -0.0352 0.0213  61  LYS A NZ  
499 N N   . ASN A 62 ? 0.1832 0.1037 0.2167 0.0052  0.0336  -0.0214 62  ASN A N   
500 C CA  . ASN A 62 ? 0.2070 0.1224 0.2228 0.0029  0.0492  -0.0282 62  ASN A CA  
501 C C   . ASN A 62 ? 0.1893 0.1185 0.2002 0.0074  0.0411  -0.0165 62  ASN A C   
502 O O   . ASN A 62 ? 0.2005 0.1283 0.2124 0.0084  0.0525  -0.0178 62  ASN A O   
503 C CB  . ASN A 62 ? 0.2514 0.1501 0.2146 -0.0151 0.0525  -0.0379 62  ASN A CB  
504 C CG  . ASN A 62 ? 0.3089 0.1807 0.2650 -0.0256 0.0721  -0.0566 62  ASN A CG  
505 O OD1 . ASN A 62 ? 0.3397 0.2008 0.3409 -0.0187 0.0993  -0.0676 62  ASN A OD1 
506 N ND2 . ASN A 62 ? 0.3571 0.2158 0.2681 -0.0443 0.0587  -0.0576 62  ASN A ND2 
507 N N   . GLY A 63 ? 0.1671 0.1045 0.1757 0.0081  0.0284  -0.0072 63  GLY A N   
508 C CA  . GLY A 63 ? 0.1594 0.1012 0.1685 0.0100  0.0287  0.0004  63  GLY A CA  
509 C C   . GLY A 63 ? 0.1588 0.1090 0.1637 0.0099  0.0288  0.0056  63  GLY A C   
510 O O   . GLY A 63 ? 0.1764 0.1260 0.1661 0.0015  0.0221  0.0069  63  GLY A O   
511 N N   . SER A 64 ? 0.1433 0.0955 0.1567 0.0127  0.0336  0.0109  64  SER A N   
512 C CA  . SER A 64 ? 0.1391 0.1003 0.1626 0.0131  0.0315  0.0208  64  SER A CA  
513 C C   . SER A 64 ? 0.1414 0.1026 0.1480 0.0143  0.0347  0.0185  64  SER A C   
514 O O   . SER A 64 ? 0.1381 0.0935 0.1443 0.0171  0.0401  0.0121  64  SER A O   
515 C CB  . SER A 64 ? 0.1361 0.0928 0.1875 0.0150  0.0458  0.0238  64  SER A CB  
516 O OG  . SER A 64 ? 0.1397 0.0784 0.1643 0.0106  0.0556  0.0152  64  SER A OG  
517 N N   . PRO A 65 ? 0.1444 0.1116 0.1482 0.0100  0.0296  0.0281  65  PRO A N   
518 C CA  . PRO A 65 ? 0.1611 0.1262 0.1515 0.0105  0.0381  0.0251  65  PRO A CA  
519 C C   . PRO A 65 ? 0.1503 0.1153 0.1589 0.0203  0.0444  0.0245  65  PRO A C   
520 O O   . PRO A 65 ? 0.1489 0.1107 0.1661 0.0208  0.0445  0.0279  65  PRO A O   
521 C CB  . PRO A 65 ? 0.1677 0.1388 0.1547 0.0005  0.0253  0.0415  65  PRO A CB  
522 C CG  . PRO A 65 ? 0.1900 0.1615 0.1794 -0.0136 0.0040  0.0548  65  PRO A CG  
523 C CD  . PRO A 65 ? 0.1606 0.1358 0.1831 0.0006  0.0116  0.0479  65  PRO A CD  
524 N N   . PHE A 66 ? 0.1534 0.0915 0.1433 -0.0086 0.0166  0.0060  66  PHE A N   
525 C CA  . PHE A 66 ? 0.1555 0.1192 0.1604 -0.0129 0.0172  0.0093  66  PHE A CA  
526 C C   . PHE A 66 ? 0.1461 0.1348 0.1682 -0.0077 0.0125  0.0163  66  PHE A C   
527 O O   . PHE A 66 ? 0.1512 0.1727 0.1842 -0.0171 0.0069  0.0254  66  PHE A O   
528 C CB  . PHE A 66 ? 0.1814 0.1257 0.1573 -0.0282 0.0154  0.0033  66  PHE A CB  
529 C CG  . PHE A 66 ? 0.2014 0.1189 0.1575 -0.0326 0.0230  -0.0013 66  PHE A CG  
530 C CD1 . PHE A 66 ? 0.2156 0.0964 0.1438 -0.0211 0.0263  -0.0027 66  PHE A CD1 
531 C CD2 . PHE A 66 ? 0.2067 0.1433 0.1765 -0.0433 0.0297  0.0027  66  PHE A CD2 
532 C CE1 . PHE A 66 ? 0.2471 0.0995 0.1514 -0.0233 0.0330  -0.0048 66  PHE A CE1 
533 C CE2 . PHE A 66 ? 0.2469 0.1520 0.1932 -0.0475 0.0394  -0.0021 66  PHE A CE2 
534 C CZ  . PHE A 66 ? 0.2467 0.1040 0.1553 -0.0389 0.0395  -0.0084 66  PHE A CZ  
535 N N   . SER A 67 ? 0.1373 0.1155 0.1590 0.0010  0.0122  0.0156  67  SER A N   
536 C CA  . SER A 67 ? 0.1367 0.1294 0.1687 0.0075  0.0113  0.0223  67  SER A CA  
537 C C   . SER A 67 ? 0.1500 0.1490 0.1932 0.0215  0.0250  0.0346  67  SER A C   
538 O O   . SER A 67 ? 0.1679 0.1411 0.1998 0.0271  0.0410  0.0351  67  SER A O   
539 C CB  . SER A 67 ? 0.1357 0.1179 0.1633 0.0083  0.0099  0.0211  67  SER A CB  
540 O OG  . SER A 67 ? 0.1427 0.1044 0.1581 0.0010  0.0142  0.0209  67  SER A OG  
541 N N   . LYS A 68 ? 0.1448 0.1701 0.2016 0.0308  0.0239  0.0486  68  LYS A N   
542 C CA  . LYS A 68 ? 0.1721 0.1936 0.2332 0.0571  0.0461  0.0680  68  LYS A CA  
543 C C   . LYS A 68 ? 0.1818 0.1964 0.2344 0.0630  0.0443  0.0723  68  LYS A C   
544 O O   . LYS A 68 ? 0.1728 0.2290 0.2383 0.0579  0.0266  0.0815  68  LYS A O   
545 C CB  . LYS A 68 ? 0.1682 0.2559 0.2692 0.0735  0.0519  0.1000  68  LYS A CB  
546 C CG  . LYS A 68 ? 0.2323 0.3114 0.3371 0.1182  0.0897  0.1318  68  LYS A CG  
547 C CD  . LYS A 68 ? 0.2438 0.4243 0.4098 0.1404  0.0952  0.1802  68  LYS A CD  
548 N N   . VAL A 69 ? 0.2229 0.1760 0.2405 0.0656  0.0625  0.0650  69  VAL A N   
549 C CA  . VAL A 69 ? 0.2435 0.1779 0.2452 0.0704  0.0675  0.0694  69  VAL A CA  
550 C C   . VAL A 69 ? 0.2814 0.2131 0.2813 0.1093  0.0938  0.0998  69  VAL A C   
551 O O   . VAL A 69 ? 0.3419 0.2173 0.3100 0.1308  0.1302  0.1088  69  VAL A O   
552 C CB  . VAL A 69 ? 0.2846 0.1545 0.2415 0.0452  0.0758  0.0528  69  VAL A CB  
553 C CG1 . VAL A 69 ? 0.3245 0.1660 0.2580 0.0482  0.0872  0.0588  69  VAL A CG1 
554 C CG2 . VAL A 69 ? 0.2454 0.1476 0.2216 0.0162  0.0500  0.0391  69  VAL A CG2 
555 N N   . THR A 70 ? 0.2628 0.2497 0.2881 0.1204  0.0795  0.1200  70  THR A N   
556 C CA  . THR A 70 ? 0.3044 0.3128 0.3393 0.1644  0.1021  0.1623  70  THR A CA  
557 C C   . THR A 70 ? 0.3575 0.3060 0.3490 0.1771  0.1203  0.1652  70  THR A C   
558 O O   . THR A 70 ? 0.4197 0.3417 0.3938 0.2218  0.1568  0.1981  70  THR A O   
559 C CB  . THR A 70 ? 0.2677 0.3951 0.3585 0.1646  0.0704  0.1969  70  THR A CB  
560 O OG1 . THR A 70 ? 0.2699 0.4098 0.3460 0.1291  0.0349  0.1808  70  THR A OG1 
561 C CG2 . THR A 70 ? 0.2398 0.4256 0.3694 0.1478  0.0568  0.1985  70  THR A CG2 
562 N N   . ASP A 71 ? 0.3377 0.2627 0.3100 0.1422  0.1009  0.1357  71  ASP A N   
563 C CA  . ASP A 71 ? 0.3944 0.2578 0.3219 0.1451  0.1189  0.1347  71  ASP A CA  
564 C C   . ASP A 71 ? 0.3783 0.2076 0.2866 0.1011  0.1095  0.1010  71  ASP A C   
565 O O   . ASP A 71 ? 0.3180 0.1919 0.2571 0.0780  0.0831  0.0858  71  ASP A O   
566 C CB  . ASP A 71 ? 0.3956 0.3081 0.3354 0.1612  0.1038  0.1605  71  ASP A CB  
567 C CG  . ASP A 71 ? 0.4785 0.3200 0.3671 0.1721  0.1296  0.1647  71  ASP A CG  
568 O OD1 . ASP A 71 ? 0.4952 0.3335 0.3725 0.1489  0.1149  0.1509  71  ASP A OD1 
569 O OD2 . ASP A 71 ? 0.5673 0.3428 0.4166 0.2048  0.1715  0.1825  71  ASP A OD2 
570 N N   . ILE A 72 ? 0.2569 0.2287 0.5134 0.0337  0.0162  0.0703  72  ILE A N   
571 C CA  . ILE A 72 ? 0.2562 0.2150 0.4415 0.0288  0.0023  0.0660  72  ILE A CA  
572 C C   . ILE A 72 ? 0.2478 0.1667 0.4164 0.0414  -0.0059 0.0450  72  ILE A C   
573 O O   . ILE A 72 ? 0.2690 0.1794 0.4758 0.0455  0.0253  0.0283  72  ILE A O   
574 C CB  . ILE A 72 ? 0.2861 0.3092 0.4104 -0.0068 0.0266  0.0698  72  ILE A CB  
575 C CG1 . ILE A 72 ? 0.2991 0.4001 0.4576 -0.0291 0.0158  0.1410  72  ILE A CG1 
576 C CG2 . ILE A 72 ? 0.2977 0.3125 0.3678 -0.0117 0.0110  0.0689  72  ILE A CG2 
577 C CD1 . ILE A 72 ? 0.3371 0.5644 0.4349 -0.0894 0.0150  0.1892  72  ILE A CD1 
578 N N   . SER A 73 ? 0.2298 0.1315 0.3705 0.0406  -0.0364 0.0457  73  SER A N   
579 C CA  . SER A 73 ? 0.2286 0.1203 0.3409 0.0405  -0.0493 0.0453  73  SER A CA  
580 C C   . SER A 73 ? 0.2269 0.1012 0.2811 0.0384  -0.0397 0.0276  73  SER A C   
581 O O   . SER A 73 ? 0.2136 0.0890 0.2759 0.0348  -0.0362 0.0265  73  SER A O   
582 C CB  . SER A 73 ? 0.2601 0.1883 0.3625 0.0130  -0.0862 0.0548  73  SER A CB  
583 O OG  . SER A 73 ? 0.2893 0.2086 0.3564 -0.0108 -0.0764 0.0052  73  SER A OG  
584 N N   . VAL A 74 ? 0.2311 0.0935 0.2681 0.0406  -0.0313 0.0247  74  VAL A N   
585 C CA  . VAL A 74 ? 0.2246 0.0821 0.2147 0.0340  -0.0259 0.0145  74  VAL A CA  
586 C C   . VAL A 74 ? 0.2406 0.0867 0.2196 0.0341  -0.0350 0.0229  74  VAL A C   
587 O O   . VAL A 74 ? 0.2473 0.0896 0.2834 0.0394  -0.0319 0.0451  74  VAL A O   
588 C CB  . VAL A 74 ? 0.2409 0.1206 0.2138 0.0122  0.0012  -0.0056 74  VAL A CB  
589 C CG1 . VAL A 74 ? 0.2508 0.1562 0.1834 -0.0065 -0.0072 0.0033  74  VAL A CG1 
590 C CG2 . VAL A 74 ? 0.2423 0.1741 0.2160 -0.0080 0.0114  0.0000  74  VAL A CG2 
591 N N   . THR A 75 ? 0.2469 0.0969 0.1869 0.0257  -0.0389 0.0156  75  THR A N   
592 C CA  . THR A 75 ? 0.2716 0.1289 0.1888 0.0164  -0.0425 0.0292  75  THR A CA  
593 C C   . THR A 75 ? 0.2587 0.1040 0.1643 0.0180  -0.0261 0.0152  75  THR A C   
594 O O   . THR A 75 ? 0.2499 0.1003 0.1803 0.0210  -0.0172 0.0103  75  THR A O   
595 C CB  . THR A 75 ? 0.3140 0.2251 0.1860 -0.0198 -0.0547 0.0299  75  THR A CB  
596 O OG1 . THR A 75 ? 0.3171 0.2205 0.1802 -0.0347 -0.0225 -0.0336 75  THR A OG1 
597 C CG2 . THR A 75 ? 0.3388 0.3058 0.2277 -0.0400 -0.0882 0.0697  75  THR A CG2 
598 N N   . GLU A 76 ? 0.2752 0.1168 0.1772 0.0134  -0.0240 0.0279  76  GLU A N   
599 C CA  . GLU A 76 ? 0.2768 0.1214 0.1784 0.0077  -0.0146 0.0230  76  GLU A CA  
600 C C   . GLU A 76 ? 0.3009 0.1544 0.1927 0.0006  -0.0067 0.0328  76  GLU A C   
601 O O   . GLU A 76 ? 0.3277 0.1966 0.2043 -0.0095 -0.0124 0.0551  76  GLU A O   
602 C CB  . GLU A 76 ? 0.2943 0.1363 0.2078 -0.0102 -0.0059 0.0057  76  GLU A CB  
603 C CG  . GLU A 76 ? 0.3273 0.1325 0.3002 -0.0097 0.0120  0.0050  76  GLU A CG  
604 C CD  . GLU A 76 ? 0.3778 0.1719 0.3909 -0.0458 0.0523  -0.0560 76  GLU A CD  
605 O OE1 . GLU A 76 ? 0.4060 0.2154 0.4101 -0.0681 0.0751  -0.1039 76  GLU A OE1 
606 O OE2 . GLU A 76 ? 0.4156 0.1942 0.4729 -0.0636 0.0704  -0.0671 76  GLU A OE2 
607 N N   . SER A 77 ? 0.2969 0.1647 0.2146 -0.0014 0.0037  0.0349  77  SER A N   
608 C CA  . SER A 77 ? 0.3244 0.2050 0.2494 -0.0093 0.0221  0.0403  77  SER A CA  
609 C C   . SER A 77 ? 0.3189 0.2241 0.2952 -0.0156 0.0165  0.0654  77  SER A C   
610 O O   . SER A 77 ? 0.2912 0.2334 0.3146 -0.0195 0.0017  0.0918  77  SER A O   
611 C CB  . SER A 77 ? 0.3519 0.2455 0.2949 -0.0162 0.0649  0.0039  77  SER A CB  
612 O OG  . SER A 77 ? 0.3946 0.3118 0.3459 -0.0324 0.0977  -0.0017 77  SER A OG  
613 N N   . ARG A 78 ? 0.4736 0.2414 0.5490 0.0559  0.1776  0.1632  78  ARG A N   
614 C CA  . ARG A 78 ? 0.4584 0.2289 0.6195 0.0366  0.2080  0.1469  78  ARG A CA  
615 C C   . ARG A 78 ? 0.4933 0.2679 0.5986 0.0525  0.2231  0.1455  78  ARG A C   
616 O O   . ARG A 78 ? 0.4657 0.2483 0.6640 0.0340  0.2305  0.1314  78  ARG A O   
617 N N   . SER A 79 ? 0.5820 0.3387 0.5375 0.0927  0.2178  0.1561  79  SER A N   
618 C CA  . SER A 79 ? 0.6552 0.3920 0.5238 0.1252  0.2450  0.1524  79  SER A CA  
619 C C   . SER A 79 ? 0.6058 0.3477 0.4545 0.0960  0.1842  0.0838  79  SER A C   
620 O O   . SER A 79 ? 0.6368 0.3597 0.4097 0.1006  0.1180  0.0494  79  SER A O   
621 C CB  . SER A 79 ? 0.8386 0.5168 0.5029 0.2045  0.2617  0.1837  79  SER A CB  
622 N N   . LEU A 80 ? 0.5385 0.3054 0.4881 0.0680  0.1991  0.0711  80  LEU A N   
623 C CA  . LEU A 80 ? 0.5007 0.2763 0.4473 0.0478  0.1573  0.0242  80  LEU A CA  
624 C C   . LEU A 80 ? 0.5670 0.3199 0.4609 0.0800  0.1913  0.0223  80  LEU A C   
625 O O   . LEU A 80 ? 0.6140 0.3613 0.5435 0.1064  0.2652  0.0664  80  LEU A O   
626 C CB  . LEU A 80 ? 0.4232 0.2253 0.4788 0.0109  0.1369  0.0101  80  LEU A CB  
627 C CG  . LEU A 80 ? 0.3995 0.1950 0.4517 -0.0039 0.1034  -0.0082 80  LEU A CG  
628 C CD1 . LEU A 80 ? 0.4118 0.1944 0.4938 -0.0044 0.1180  0.0098  80  LEU A CD1 
629 C CD2 . LEU A 80 ? 0.4057 0.1940 0.4803 -0.0123 0.0714  -0.0332 80  LEU A CD2 
630 N N   . GLU A 81 ? 0.5848 0.3188 0.4223 0.0831  0.1468  -0.0223 81  GLU A N   
631 C CA  . GLU A 81 ? 0.6716 0.3644 0.4464 0.1201  0.1764  -0.0386 81  GLU A CA  
632 C C   . GLU A 81 ? 0.5844 0.3225 0.5014 0.0932  0.2057  -0.0257 81  GLU A C   
633 O O   . GLU A 81 ? 0.6413 0.3524 0.5488 0.1215  0.2471  -0.0285 81  GLU A O   
634 C CB  . GLU A 81 ? 0.7463 0.3868 0.4382 0.1344  0.0978  -0.1017 81  GLU A CB  
635 N N   . GLY A 82 ? 0.4744 0.2674 0.5100 0.0478  0.1779  -0.0135 82  GLY A N   
636 C CA  . GLY A 82 ? 0.4151 0.2453 0.5796 0.0264  0.1733  -0.0012 82  GLY A CA  
637 C C   . GLY A 82 ? 0.3827 0.2225 0.5515 0.0203  0.1423  -0.0239 82  GLY A C   
638 O O   . GLY A 82 ? 0.3732 0.2327 0.6299 0.0185  0.1513  -0.0093 82  GLY A O   
639 N N   . HIS A 83 ? 0.3718 0.2007 0.4857 0.0186  0.1092  -0.0472 83  HIS A N   
640 C CA  . HIS A 83 ? 0.3392 0.1801 0.5073 0.0161  0.0907  -0.0504 83  HIS A CA  
641 C C   . HIS A 83 ? 0.2978 0.1738 0.5138 0.0109  0.0817  -0.0190 83  HIS A C   
642 O O   . HIS A 83 ? 0.3078 0.1829 0.4855 0.0089  0.0618  -0.0129 83  HIS A O   
643 C CB  . HIS A 83 ? 0.3394 0.1689 0.5161 0.0159  0.0610  -0.0580 83  HIS A CB  
644 C CG  . HIS A 83 ? 0.4115 0.1895 0.5481 0.0287  0.0263  -0.1023 83  HIS A CG  
645 N ND1 . HIS A 83 ? 0.4674 0.2072 0.6419 0.0410  0.0004  -0.1408 83  HIS A ND1 
646 C CD2 . HIS A 83 ? 0.4778 0.2198 0.5224 0.0402  -0.0014 -0.1203 83  HIS A CD2 
647 C CE1 . HIS A 83 ? 0.5897 0.2577 0.6720 0.0643  -0.0565 -0.1929 83  HIS A CE1 
648 N NE2 . HIS A 83 ? 0.5870 0.2596 0.5846 0.0658  -0.0577 -0.1749 83  HIS A NE2 
649 N N   . HIS A 84 ? 0.3093 0.2022 0.5971 0.0169  0.0879  -0.0037 84  HIS A N   
650 C CA  . HIS A 84 ? 0.3165 0.2312 0.6214 0.0302  0.0731  0.0345  84  HIS A CA  
651 C C   . HIS A 84 ? 0.3116 0.2301 0.6723 0.0474  0.0987  0.0622  84  HIS A C   
652 O O   . HIS A 84 ? 0.2422 0.1522 0.6853 0.0383  0.1060  0.0406  84  HIS A O   
653 C CB  . HIS A 84 ? 0.3118 0.2514 0.7088 0.0276  0.0672  0.0525  84  HIS A CB  
654 C CG  . HIS A 84 ? 0.3197 0.2627 0.7519 0.0126  0.0406  0.0479  84  HIS A CG  
655 N ND1 . HIS A 84 ? 0.3134 0.2815 0.8886 0.0078  0.0401  0.0744  84  HIS A ND1 
656 C CD2 . HIS A 84 ? 0.3352 0.2611 0.7304 0.0019  0.0149  0.0294  84  HIS A CD2 
657 C CE1 . HIS A 84 ? 0.3235 0.2921 0.9735 -0.0063 0.0127  0.0776  84  HIS A CE1 
658 N NE2 . HIS A 84 ? 0.3368 0.2783 0.8767 -0.0108 -0.0034 0.0471  84  HIS A NE2 
659 N N   . ARG A 85 ? 0.2243 0.1857 0.4203 0.0286  -0.0068 -0.0159 85  ARG A N   
660 C CA  . ARG A 85 ? 0.1994 0.1452 0.3515 0.0359  -0.0219 -0.0114 85  ARG A CA  
661 C C   . ARG A 85 ? 0.1710 0.1097 0.2458 0.0361  -0.0010 -0.0117 85  ARG A C   
662 O O   . ARG A 85 ? 0.1602 0.1018 0.2143 0.0315  0.0235  -0.0150 85  ARG A O   
663 C CB  . ARG A 85 ? 0.2029 0.1575 0.4221 0.0445  -0.0214 -0.0208 85  ARG A CB  
664 C CG  . ARG A 85 ? 0.2195 0.1790 0.5431 0.0477  -0.0572 -0.0188 85  ARG A CG  
665 N N   . PHE A 86 ? 0.1592 0.0850 0.1941 0.0374  -0.0150 -0.0054 86  PHE A N   
666 C CA  . PHE A 86 ? 0.1478 0.0724 0.1368 0.0384  -0.0014 -0.0071 86  PHE A CA  
667 C C   . PHE A 86 ? 0.1502 0.0734 0.1405 0.0394  -0.0022 -0.0069 86  PHE A C   
668 O O   . PHE A 86 ? 0.1792 0.0900 0.1647 0.0341  -0.0200 0.0028  86  PHE A O   
669 C CB  . PHE A 86 ? 0.1587 0.0741 0.1106 0.0350  -0.0062 -0.0068 86  PHE A CB  
670 C CG  . PHE A 86 ? 0.1427 0.0644 0.0847 0.0395  0.0066  -0.0125 86  PHE A CG  
671 C CD1 . PHE A 86 ? 0.1444 0.0625 0.0925 0.0437  0.0063  -0.0142 86  PHE A CD1 
672 C CD2 . PHE A 86 ? 0.1375 0.0661 0.0760 0.0377  0.0124  -0.0133 86  PHE A CD2 
673 C CE1 . PHE A 86 ? 0.1395 0.0597 0.0975 0.0490  0.0045  -0.0169 86  PHE A CE1 
674 C CE2 . PHE A 86 ? 0.1373 0.0759 0.0917 0.0422  0.0169  -0.0191 86  PHE A CE2 
675 C CZ  . PHE A 86 ? 0.1384 0.0725 0.1066 0.0495  0.0096  -0.0211 86  PHE A CZ  
676 N N   . SER A 87 ? 0.1461 0.0734 0.1331 0.0413  0.0130  -0.0157 87  SER A N   
677 C CA  . SER A 87 ? 0.1512 0.0730 0.1478 0.0418  0.0110  -0.0205 87  SER A CA  
678 C C   . SER A 87 ? 0.1525 0.0737 0.1220 0.0380  0.0097  -0.0189 87  SER A C   
679 O O   . SER A 87 ? 0.1588 0.0828 0.1088 0.0374  0.0110  -0.0189 87  SER A O   
680 C CB  . SER A 87 ? 0.1641 0.0859 0.1829 0.0436  0.0301  -0.0411 87  SER A CB  
681 O OG  . SER A 87 ? 0.1914 0.1220 0.2697 0.0483  0.0325  -0.0463 87  SER A OG  
682 N N   . ILE A 88 ? 0.1568 0.0720 0.1363 0.0339  0.0011  -0.0155 88  ILE A N   
683 C CA  . ILE A 88 ? 0.1635 0.0793 0.1391 0.0287  -0.0025 -0.0182 88  ILE A CA  
684 C C   . ILE A 88 ? 0.1911 0.0906 0.1613 0.0296  -0.0016 -0.0366 88  ILE A C   
685 O O   . ILE A 88 ? 0.2157 0.1029 0.2118 0.0324  -0.0013 -0.0458 88  ILE A O   
686 C CB  . ILE A 88 ? 0.1804 0.0945 0.1692 0.0168  -0.0083 -0.0059 88  ILE A CB  
687 C CG1 . ILE A 88 ? 0.1777 0.1029 0.1516 0.0082  0.0033  0.0048  88  ILE A CG1 
688 C CG2 . ILE A 88 ? 0.1884 0.1061 0.1939 0.0101  -0.0154 -0.0108 88  ILE A CG2 
689 C CD1 . ILE A 88 ? 0.2101 0.1262 0.1749 -0.0151 0.0066  0.0205  88  ILE A CD1 
690 N N   . VAL A 89 ? 0.2136 0.1058 0.1488 0.0248  -0.0039 -0.0436 89  VAL A N   
691 C CA  A VAL A 89 ? 0.2780 0.1455 0.1766 0.0176  0.0047  -0.0662 89  VAL A CA  
692 C CA  B VAL A 89 ? 0.2787 0.1459 0.1761 0.0174  0.0048  -0.0661 89  VAL A CA  
693 C C   . VAL A 89 ? 0.3181 0.1648 0.1912 0.0061  -0.0203 -0.0710 89  VAL A C   
694 O O   . VAL A 89 ? 0.3000 0.1573 0.1919 0.0045  -0.0458 -0.0547 89  VAL A O   
695 C CB  A VAL A 89 ? 0.3100 0.1681 0.1565 0.0091  0.0233  -0.0699 89  VAL A CB  
696 C CB  B VAL A 89 ? 0.3096 0.1675 0.1534 0.0087  0.0196  -0.0672 89  VAL A CB  
697 C CG1 A VAL A 89 ? 0.2966 0.1769 0.1832 0.0183  0.0463  -0.0678 89  VAL A CG1 
698 C CG1 B VAL A 89 ? 0.4154 0.2351 0.1827 -0.0119 0.0278  -0.0893 89  VAL A CG1 
699 C CG2 A VAL A 89 ? 0.3469 0.1952 0.1543 0.0011  -0.0037 -0.0487 89  VAL A CG2 
700 C CG2 B VAL A 89 ? 0.3026 0.1798 0.1815 0.0163  0.0473  -0.0695 89  VAL A CG2 
701 N N   . TYR A 90 ? 0.3796 0.1961 0.2188 -0.0027 -0.0110 -0.0992 90  TYR A N   
702 C CA  . TYR A 90 ? 0.4492 0.2335 0.2539 -0.0175 -0.0377 -0.1120 90  TYR A CA  
703 C C   . TYR A 90 ? 0.5500 0.2899 0.2475 -0.0400 -0.0279 -0.1346 90  TYR A C   
704 O O   . TYR A 90 ? 0.6393 0.3385 0.2762 -0.0597 -0.0563 -0.1457 90  TYR A O   
705 C CB  . TYR A 90 ? 0.4553 0.2308 0.3120 -0.0120 -0.0354 -0.1319 90  TYR A CB  
706 C CG  . TYR A 90 ? 0.3971 0.2015 0.3345 -0.0017 -0.0468 -0.1046 90  TYR A CG  
707 C CD1 . TYR A 90 ? 0.3659 0.1860 0.3493 0.0119  -0.0302 -0.0959 90  TYR A CD1 
708 C CD2 . TYR A 90 ? 0.4104 0.2225 0.3756 -0.0112 -0.0755 -0.0865 90  TYR A CD2 
709 C CE1 . TYR A 90 ? 0.3348 0.1670 0.3618 0.0109  -0.0430 -0.0669 90  TYR A CE1 
710 C CE2 . TYR A 90 ? 0.3642 0.1982 0.3860 -0.0117 -0.0759 -0.0619 90  TYR A CE2 
711 C CZ  . TYR A 90 ? 0.3232 0.1618 0.3615 -0.0032 -0.0600 -0.0508 90  TYR A CZ  
712 O OH  . TYR A 90 ? 0.3314 0.1785 0.3969 -0.0140 -0.0623 -0.0232 90  TYR A OH  
713 P P   . PO4 B .  ? 0.1386 0.0880 0.1285 -0.0136 -0.0117 0.0017  92  PO4 A P   
714 O O1  . PO4 B .  ? 0.1241 0.0956 0.1352 -0.0138 0.0064  -0.0032 92  PO4 A O1  
715 O O2  . PO4 B .  ? 0.1818 0.0815 0.1664 -0.0120 -0.0174 -0.0001 92  PO4 A O2  
716 O O3  . PO4 B .  ? 0.1451 0.1153 0.1497 -0.0078 0.0061  -0.0065 92  PO4 A O3  
717 O O4  . PO4 B .  ? 0.1453 0.1018 0.1100 0.0054  0.0023  -0.0012 92  PO4 A O4  
718 C C1  . GOL C .  ? 0.2651 0.1688 0.2362 -0.0017 -0.0241 0.0033  93  GOL A C1  
719 O O1  . GOL C .  ? 0.2729 0.1494 0.2089 0.0120  -0.0390 -0.0251 93  GOL A O1  
720 C C2  . GOL C .  ? 0.2550 0.1664 0.2099 -0.0125 -0.0159 0.0086  93  GOL A C2  
721 O O2  . GOL C .  ? 0.2447 0.1555 0.1931 -0.0055 -0.0351 -0.0050 93  GOL A O2  
722 C C3  . GOL C .  ? 0.2201 0.1194 0.1679 -0.0123 -0.0150 0.0094  93  GOL A C3  
723 O O3  . GOL C .  ? 0.1430 0.0731 0.1400 -0.0099 -0.0176 -0.0071 93  GOL A O3  
724 O O   . HOH D .  ? 0.2669 0.1652 0.3626 0.0786  0.0011  0.0080  94  HOH A O   
725 O O   . HOH D .  ? 0.1358 0.1113 0.1328 -0.0195 -0.0204 0.0041  95  HOH A O   
726 O O   . HOH D .  ? 0.3774 0.1953 0.5598 0.0792  0.0022  0.0161  96  HOH A O   
727 O O   . HOH D .  ? 0.1294 0.1991 0.1778 0.0357  0.0344  0.0462  97  HOH A O   
728 O O   . HOH D .  ? 0.2022 0.1415 0.2812 -0.0585 -0.0551 -0.0054 98  HOH A O   
729 O O   . HOH D .  ? 0.1596 0.1505 0.1886 0.0304  0.0147  0.0462  99  HOH A O   
730 O O   . HOH D .  ? 0.1950 0.2128 0.2056 0.0556  -0.0089 -0.0081 100 HOH A O   
731 O O   . HOH D .  ? 0.2678 0.2389 0.3630 0.1085  0.1038  -0.0404 101 HOH A O   
732 O O   . HOH D .  ? 0.1686 0.1957 0.1909 -0.0078 -0.0758 0.0502  102 HOH A O   
733 O O   . HOH D .  ? 0.3043 0.1738 0.4411 -0.0301 -0.0285 0.0988  103 HOH A O   
734 O O   . HOH D .  ? 0.1697 0.2340 0.1666 0.0010  0.0186  -0.0552 104 HOH A O   
735 O O   . HOH D .  ? 0.1763 0.0931 0.1398 0.0501  0.0156  -0.0117 105 HOH A O   
736 O O   . HOH D .  ? 0.3204 0.0754 0.1619 0.0163  0.0201  -0.0393 106 HOH A O   
737 O O   . HOH D .  ? 0.2775 0.2640 0.2778 -0.0795 -0.0754 0.0632  107 HOH A O   
738 O O   . HOH D .  ? 0.2055 0.3038 0.2026 -0.0878 -0.0322 0.0760  108 HOH A O   
739 O O   . HOH D .  ? 0.1970 0.1547 0.2028 0.0012  0.0480  0.0157  109 HOH A O   
740 O O   . HOH D .  ? 0.3362 0.2434 0.2068 -0.0274 0.0146  -0.0087 110 HOH A O   
741 O O   . HOH D .  ? 0.2368 0.1348 0.2068 0.0744  0.0086  -0.0137 111 HOH A O   
742 O O   . HOH D .  ? 0.3115 0.1727 0.2327 -0.0103 0.0368  -0.0060 112 HOH A O   
743 O O   . HOH D .  ? 0.3314 0.3001 0.2483 -0.0299 0.0111  -0.0276 113 HOH A O   
744 O O   . HOH D .  ? 0.3639 0.2019 0.2095 -0.0062 -0.0032 0.0304  114 HOH A O   
745 O O   . HOH D .  ? 0.1733 0.3029 0.2273 0.0340  0.0051  -0.0045 115 HOH A O   
746 O O   . HOH D .  ? 0.5053 0.3682 0.4941 -0.0141 0.0176  -0.0499 116 HOH A O   
747 O O   . HOH D .  ? 0.2956 0.1818 0.1750 0.0284  0.0245  0.0016  117 HOH A O   
748 O O   . HOH D .  ? 0.1579 0.1921 0.1669 0.0095  0.0104  0.0154  118 HOH A O   
749 O O   . HOH D .  ? 0.1827 0.3063 0.1678 -0.0013 -0.0035 -0.0373 119 HOH A O   
750 O O   . HOH D .  ? 0.4247 0.4734 0.3673 -0.0590 -0.0385 0.0777  120 HOH A O   
751 O O   . HOH D .  ? 0.2063 0.1941 0.2481 0.0261  0.0696  0.0546  121 HOH A O   
752 O O   . HOH D .  ? 0.1982 0.2614 0.2183 0.0340  0.0330  0.0425  122 HOH A O   
753 O O   . HOH D .  ? 0.6390 0.3623 0.7354 0.1280  0.2050  0.0242  123 HOH A O   
754 O O   . HOH D .  ? 0.4854 0.3522 0.2630 0.0795  0.0195  -0.0073 124 HOH A O   
755 O O   . HOH D .  ? 0.2417 0.3838 0.2622 -0.0141 0.1080  -0.0363 125 HOH A O   
756 O O   . HOH D .  ? 0.1706 0.2545 0.4698 0.0302  -0.0203 0.1240  126 HOH A O   
757 O O   . HOH D .  ? 0.5329 0.4827 0.2622 0.0768  -0.1408 0.0035  127 HOH A O   
758 O O   . HOH D .  ? 0.2714 0.3699 0.4966 -0.0630 -0.0582 -0.0259 128 HOH A O   
759 O O   . HOH D .  ? 0.2847 0.1978 0.3703 0.0163  0.0452  -0.0334 129 HOH A O   
760 O O   . HOH D .  ? 0.3123 0.2822 0.4702 0.0376  0.1345  0.0284  130 HOH A O   
761 O O   . HOH D .  ? 0.3213 0.2547 0.2204 -0.0024 0.0058  0.0399  131 HOH A O   
762 O O   . HOH D .  ? 0.3043 0.2915 0.2446 0.0469  -0.0045 -0.0607 132 HOH A O   
763 O O   . HOH D .  ? 0.4195 0.1200 0.5649 0.0352  0.0860  0.0536  133 HOH A O   
764 O O   . HOH D .  ? 0.2504 0.3607 0.1986 -0.0734 -0.0119 0.1059  134 HOH A O   
765 O O   . HOH D .  ? 0.4703 0.4181 0.4743 0.0618  -0.1591 0.0668  135 HOH A O   
766 O O   . HOH D .  ? 0.4484 0.3196 0.1828 -0.0702 -0.0505 0.0424  136 HOH A O   
767 O O   . HOH D .  ? 0.2474 0.4118 0.5004 -0.0539 0.0600  -0.0254 137 HOH A O   
768 O O   . HOH D .  ? 0.3134 0.2134 0.3033 0.0123  -0.1002 0.1153  138 HOH A O   
769 O O   . HOH D .  ? 0.2852 0.3372 0.2703 0.0376  -0.0518 0.0745  139 HOH A O   
770 O O   . HOH D .  ? 0.3054 0.3729 0.4472 0.0662  0.1211  -0.2176 140 HOH A O   
771 O O   . HOH D .  ? 0.6048 0.1733 0.5646 -0.0501 -0.0841 -0.0428 141 HOH A O   
772 O O   . HOH D .  ? 0.6422 0.2635 0.4250 0.0625  0.0744  -0.0532 142 HOH A O   
773 O O   . HOH D .  ? 0.2579 0.2912 0.3778 -0.0302 0.0670  -0.0212 143 HOH A O   
774 O O   . HOH D .  ? 0.4795 0.2455 0.4590 0.0499  -0.1128 0.0864  144 HOH A O   
775 O O   . HOH D .  ? 0.5632 0.3874 0.3533 -0.1966 0.0220  -0.1034 145 HOH A O   
776 O O   . HOH D .  ? 1.0077 0.4866 0.1949 -0.0296 0.0251  0.0755  146 HOH A O   
777 O O   . HOH D .  ? 0.4783 0.2890 0.6176 -0.1385 0.0604  0.0072  147 HOH A O   
778 O O   . HOH D .  ? 0.3179 0.2091 0.3088 0.0613  0.0661  0.0535  148 HOH A O   
779 O O   . HOH D .  ? 0.3260 0.3509 0.5156 0.1418  -0.1122 -0.0852 149 HOH A O   
780 O O   . HOH D .  ? 0.2272 0.3156 0.2246 -0.0047 -0.0183 0.0484  150 HOH A O   
781 O O   . HOH D .  ? 0.7354 0.4181 0.2985 -0.1254 -0.0876 0.0561  151 HOH A O   
782 O O   . HOH D .  ? 0.2227 0.3443 0.4549 0.1295  0.0250  0.0652  152 HOH A O   
783 O O   . HOH D .  ? 0.6021 0.3039 0.3634 -0.1799 -0.0517 -0.0170 153 HOH A O   
784 O O   . HOH D .  ? 0.3906 0.4294 0.4560 -0.1215 0.0368  -0.0922 154 HOH A O   
785 O O   . HOH D .  ? 0.4510 0.3922 0.3322 -0.0138 -0.0146 -0.1698 155 HOH A O   
786 O O   . HOH D .  ? 0.4854 0.5174 0.2559 0.1318  -0.0110 -0.0534 156 HOH A O   
787 O O   . HOH D .  ? 0.4219 0.5197 0.6445 -0.2101 0.0081  0.0136  157 HOH A O   
788 O O   . HOH D .  ? 0.5233 0.3328 0.7493 0.0729  0.1054  0.0999  158 HOH A O   
789 O O   . HOH D .  ? 0.4668 0.3804 0.4032 0.0527  -0.0444 0.0872  159 HOH A O   
790 O O   . HOH D .  ? 0.8505 0.2467 0.4543 -0.0897 -0.0675 -0.0240 160 HOH A O   
791 O O   . HOH D .  ? 0.5890 0.4479 0.2450 -0.0846 -0.0308 -0.0093 161 HOH A O   
792 O O   . HOH D .  ? 0.6504 0.6539 0.6544 0.2993  -0.0179 0.0124  162 HOH A O   
793 O O   . HOH D .  ? 0.3959 0.5328 0.7303 0.1973  -0.0286 0.0521  163 HOH A O   
794 O O   . HOH D .  ? 0.5057 0.2178 0.6473 0.0272  -0.0112 -0.0161 164 HOH A O   
795 O O   . HOH D .  ? 0.3518 0.4375 0.4386 0.1374  0.0293  -0.1903 165 HOH A O   
796 O O   . HOH D .  ? 0.2981 0.4778 0.5488 -0.0522 -0.0127 0.0996  166 HOH A O   
797 O O   . HOH D .  ? 0.3565 0.4707 0.3927 0.0251  -0.0011 0.0354  167 HOH A O   
798 O O   . HOH D .  ? 0.3376 0.2898 0.4927 -0.0855 -0.0067 -0.1821 168 HOH A O   
799 O O   . HOH D .  ? 0.2373 0.1484 0.3381 -0.0229 -0.1300 0.0540  169 HOH A O   
800 O O   . HOH D .  ? 0.5927 0.2762 0.7498 -0.1166 -0.0890 0.0115  170 HOH A O   
801 O O   . HOH D .  ? 0.5067 0.2320 0.7887 0.0642  -0.0449 -0.0284 171 HOH A O   
802 O O   . HOH D .  ? 0.2539 0.1057 0.1703 0.0851  -0.0070 -0.0047 172 HOH A O   
803 O O   . HOH D .  ? 0.3412 0.2045 0.3676 -0.0453 0.0181  -0.1120 173 HOH A O   
804 O O   . HOH D .  ? 0.8384 0.1372 0.6325 -0.1794 -0.0922 0.0814  174 HOH A O   
805 O O   . HOH D .  ? 0.4548 0.2881 0.2648 -0.0061 0.1529  -0.0748 175 HOH A O   
806 O O   . HOH D .  ? 0.2791 0.3679 0.5293 0.0829  0.0802  -0.0393 176 HOH A O   
807 O O   . HOH D .  ? 0.8124 0.3610 0.3510 0.2677  -0.0551 0.0278  177 HOH A O   
808 O O   . HOH D .  ? 0.3023 0.2778 0.3070 0.0813  -0.0298 -0.1686 178 HOH A O   
809 O O   . HOH D .  ? 0.1764 0.1654 0.2338 0.0312  -0.0287 -0.0009 179 HOH A O   
810 O O   . HOH D .  ? 0.4045 0.5376 0.4176 -0.0429 -0.0406 -0.1451 180 HOH A O   
811 O O   . HOH D .  ? 0.3577 0.6021 0.4920 -0.0915 -0.1305 0.1967  181 HOH A O   
812 O O   . HOH D .  ? 0.7930 0.9272 0.2144 -0.0338 0.0849  -0.2117 182 HOH A O   
813 O O   . HOH D .  ? 0.5834 0.3963 0.5230 0.1995  0.0776  -0.0367 183 HOH A O   
814 O O   . HOH D .  ? 0.5392 0.6814 0.4381 -0.0102 0.1565  0.0225  184 HOH A O   
815 O O   . HOH D .  ? 0.8940 0.4028 0.5805 0.0445  -0.0744 -0.0027 185 HOH A O   
816 O O   . HOH D .  ? 0.7562 0.2582 0.5091 0.0595  0.0509  -0.0817 186 HOH A O   
817 O O   . HOH D .  ? 0.5749 0.4640 0.6307 0.0354  -0.0600 0.0569  187 HOH A O   
818 O O   . HOH D .  ? 0.6793 0.3670 0.7637 0.1570  -0.1754 0.1301  188 HOH A O   
819 O O   . HOH D .  ? 0.2226 0.1557 0.2100 -0.0281 -0.0459 -0.0108 189 HOH A O   
820 O O   . HOH D .  ? 0.2356 0.2112 0.3013 -0.0106 0.0077  0.0703  190 HOH A O   
821 O O   . HOH D .  ? 0.1629 0.2538 0.2546 0.0207  0.0157  -0.0428 191 HOH A O   
822 O O   . HOH D .  ? 0.1921 0.1145 0.2001 -0.0040 -0.0035 0.0335  192 HOH A O   
823 O O   . HOH D .  ? 0.2475 0.2863 0.3117 0.0458  0.0391  -0.0528 193 HOH A O   
824 O O   . HOH D .  ? 0.2317 0.2623 0.3515 -0.0129 0.0837  -0.0926 194 HOH A O   
# 
